data_3HTX
#
_entry.id   3HTX
#
_cell.length_a   96.995
_cell.length_b   124.347
_cell.length_c   101.376
_cell.angle_alpha   90.000
_cell.angle_beta   93.470
_cell.angle_gamma   90.000
#
_symmetry.space_group_name_H-M   'P 1 21 1'
#
loop_
_entity.id
_entity.type
_entity.pdbx_description
1 polymer HEN1
2 polymer "5'-R(*GP*AP*UP*UP*UP*CP*UP*CP*UP*CP*UP*GP*CP*AP*AP*GP*CP*GP*AP*AP*AP*G)-3'"
3 polymer "5'-R(P*UP*UP*CP*GP*CP*UP*UP*GP*CP*AP*GP*AP*GP*AP*GP*AP*AP*AP*UP*CP*AP*C)-3'"
4 non-polymer 'MAGNESIUM ION'
5 non-polymer S-ADENOSYL-L-HOMOCYSTEINE
6 water water
#
loop_
_entity_poly.entity_id
_entity_poly.type
_entity_poly.pdbx_seq_one_letter_code
_entity_poly.pdbx_strand_id
1 'polypeptide(L)'
;MGHHHHHHMAGGGKHTPTPKAIIHQKFGAKASYTVEEVHDSSQSGCPGLAIPQKGPCLYRCHLQLPEFSVVSNVFKKKKD
SEQSAAELALDKLGIRPQNDDLTVDEARDEIVGRIKYIFSDEFLSAEHPLGAHLRAALRRDGERCGSVPVSVIATVDAKI
NSRCKIINPSVESDPFLAISYVMKAAAKLADYIVASPHGLRRKNAYPSEIVEALATHVSDSLHSREVAAVYIPCIDEEVV
ELDTLYISSNRHYLDSIAERLGLKDGNQVMISRMFGKASCGSECRLYSEIPKKYLDNSSDASGTSNEDSSHIVKSRNARA
SYICGQDIHGDAILASVGYRWKSDDLDYDDVTVNSFYRICCGMSPNGIYKISRQAVIAAQLPFAFTTKSNWRGPLPREIL
GLFCHQHRLAEPILSSSTAPVKSLSDIFRSHKKLKVSGVDDANENLSRQKEDTPGLGHGFRCEVKIFTKSQDLVLECSPR
KFYEKENDAIQNASLKALLWFSKFFADLDVDGEQSCDTDDDQDTKSSSPNVFAAPPILQKEHSSESKNTNVLSAEKRVQS
ITNGSVVSICYSLSLAVDPEYSSDGESPREDNESNEEMESEYSANCESSVEPIESNEEIEFEVGTGSMNPHIESEVTQMT
VGEYASFKMTPPDAAEALILAVGSDTVRIRSLLSERPCLNYNILLLGVKGPSEERMEAAFFKPPLSKQRVEYALKHIRES
SASTLVDFGCGSGSLLDSLLDYPTSLQTIIGVDISPKGLARAAKMLHVKLNKEACNVKSATLYDGSILEFDSRLHDVDIG
TCLEVIEHMEEDQACEFGEKVLSLFHPKLLIVSTPNYEFNTILQRSTPETQEENNSEPQLPKFRNHDHKFEWTREQFNQW
ASKLGKRHNYSVEFSGVGGSGEVEPGFASQIAIFRREASSVENVAESSMQPYKVIWEWKKEDVEKKKTDL
;
A,D
2 'polyribonucleotide' GAUUUCUCUCUGCAAGCGAAAG B,E
3 'polyribonucleotide' UUCGCUUGCAGAGAGAAAUCAC C,F
#
loop_
_chem_comp.id
_chem_comp.type
_chem_comp.name
_chem_comp.formula
A RNA linking ADENOSINE-5'-MONOPHOSPHATE 'C10 H14 N5 O7 P'
C RNA linking CYTIDINE-5'-MONOPHOSPHATE 'C9 H14 N3 O8 P'
G RNA linking GUANOSINE-5'-MONOPHOSPHATE 'C10 H14 N5 O8 P'
MG non-polymer 'MAGNESIUM ION' 'Mg 2'
U RNA linking URIDINE-5'-MONOPHOSPHATE 'C9 H13 N2 O9 P'
#
# COMPACT_ATOMS: atom_id res chain seq x y z
N HIS A 15 -18.83 6.64 -13.81
CA HIS A 15 -18.89 7.37 -15.11
C HIS A 15 -20.23 7.04 -15.78
N THR A 16 -21.22 7.91 -15.59
CA THR A 16 -22.55 7.70 -16.18
C THR A 16 -22.91 8.61 -17.36
N PRO A 17 -21.90 9.18 -18.07
CA PRO A 17 -22.32 10.03 -19.18
C PRO A 17 -23.05 9.13 -20.18
N THR A 18 -24.37 9.02 -20.00
CA THR A 18 -25.22 8.19 -20.84
C THR A 18 -26.02 9.04 -21.83
N PRO A 19 -25.39 9.39 -22.97
CA PRO A 19 -26.08 10.20 -23.98
C PRO A 19 -27.07 9.35 -24.75
N LYS A 20 -28.34 9.67 -24.62
CA LYS A 20 -29.37 8.94 -25.31
C LYS A 20 -28.92 8.58 -26.73
N ALA A 21 -28.15 9.47 -27.36
CA ALA A 21 -27.67 9.24 -28.72
C ALA A 21 -26.82 7.99 -28.90
N ILE A 22 -25.73 7.88 -28.13
CA ILE A 22 -24.84 6.70 -28.24
C ILE A 22 -25.66 5.43 -28.09
N ILE A 23 -26.63 5.49 -27.19
CA ILE A 23 -27.51 4.36 -26.94
C ILE A 23 -28.05 3.84 -28.24
N HIS A 24 -28.48 4.76 -29.10
CA HIS A 24 -29.02 4.37 -30.39
C HIS A 24 -27.99 3.73 -31.29
N GLN A 25 -26.72 3.99 -31.06
CA GLN A 25 -25.70 3.36 -31.88
C GLN A 25 -25.59 1.87 -31.57
N LYS A 26 -26.01 1.50 -30.36
CA LYS A 26 -25.99 0.10 -29.93
C LYS A 26 -27.07 -0.69 -30.66
N PHE A 27 -28.07 0.02 -31.19
CA PHE A 27 -29.16 -0.59 -31.95
C PHE A 27 -29.01 -0.29 -33.46
N GLY A 28 -27.76 -0.35 -33.93
CA GLY A 28 -27.44 -0.11 -35.34
C GLY A 28 -27.85 1.23 -35.89
N ALA A 29 -27.36 1.59 -37.07
CA ALA A 29 -27.71 2.86 -37.68
C ALA A 29 -29.08 2.73 -38.35
N LYS A 30 -30.07 2.24 -37.60
CA LYS A 30 -31.46 2.03 -38.08
C LYS A 30 -32.53 3.09 -37.78
N ALA A 31 -32.25 3.97 -36.82
CA ALA A 31 -33.18 5.05 -36.46
C ALA A 31 -32.58 6.36 -36.94
N SER A 32 -33.11 6.89 -38.05
CA SER A 32 -32.60 8.09 -38.66
C SER A 32 -33.11 9.38 -38.03
N TYR A 33 -32.20 10.35 -37.90
CA TYR A 33 -32.56 11.62 -37.31
C TYR A 33 -32.80 12.62 -38.42
N THR A 34 -33.71 13.54 -38.16
CA THR A 34 -33.97 14.59 -39.10
C THR A 34 -34.24 15.81 -38.26
N VAL A 35 -33.52 16.88 -38.53
CA VAL A 35 -33.73 18.09 -37.78
C VAL A 35 -34.75 18.92 -38.58
N GLU A 36 -35.75 19.45 -37.87
CA GLU A 36 -36.78 20.31 -38.49
C GLU A 36 -36.81 21.66 -37.74
N GLU A 37 -36.90 22.76 -38.47
CA GLU A 37 -36.90 24.09 -37.85
C GLU A 37 -38.28 24.74 -37.76
N VAL A 38 -38.71 25.05 -36.54
CA VAL A 38 -40.01 25.67 -36.33
C VAL A 38 -39.88 26.94 -35.48
N HIS A 39 -40.91 27.79 -35.50
CA HIS A 39 -40.91 29.04 -34.72
C HIS A 39 -41.77 28.93 -33.45
N ASP A 40 -41.48 29.79 -32.46
CA ASP A 40 -42.19 29.75 -31.16
C ASP A 40 -42.94 31.04 -30.81
N SER A 41 -43.25 31.86 -31.82
CA SER A 41 -43.97 33.11 -31.57
C SER A 41 -43.36 33.88 -30.37
N SER A 42 -42.04 34.08 -30.43
CA SER A 42 -41.30 34.81 -29.41
C SER A 42 -40.91 36.18 -29.95
N GLN A 43 -41.33 36.44 -31.20
CA GLN A 43 -41.09 37.70 -31.91
C GLN A 43 -42.44 38.37 -32.20
N SER A 44 -42.45 39.69 -32.25
CA SER A 44 -43.69 40.42 -32.52
C SER A 44 -44.35 39.95 -33.81
N GLY A 45 -45.66 39.68 -33.72
CA GLY A 45 -46.42 39.24 -34.90
C GLY A 45 -46.87 40.47 -35.67
N CYS A 46 -46.37 40.62 -36.89
CA CYS A 46 -46.71 41.78 -37.70
C CYS A 46 -47.22 41.48 -39.12
N PRO A 47 -48.54 41.45 -39.30
CA PRO A 47 -49.14 41.16 -40.59
C PRO A 47 -48.92 42.23 -41.62
N GLY A 48 -48.63 41.80 -42.85
CA GLY A 48 -48.45 42.72 -43.96
C GLY A 48 -47.04 43.12 -44.34
N LEU A 49 -46.14 42.98 -43.38
CA LEU A 49 -44.76 43.33 -43.61
C LEU A 49 -44.17 42.47 -44.71
N ALA A 50 -43.52 43.12 -45.67
CA ALA A 50 -42.93 42.46 -46.81
C ALA A 50 -41.47 42.08 -46.56
N ILE A 51 -41.02 42.43 -45.36
CA ILE A 51 -39.66 42.17 -44.90
C ILE A 51 -39.58 40.86 -44.10
N PRO A 52 -38.36 40.39 -43.85
CA PRO A 52 -38.19 39.14 -43.11
C PRO A 52 -37.16 39.24 -41.98
N GLN A 53 -37.63 39.13 -40.75
CA GLN A 53 -36.71 39.16 -39.63
C GLN A 53 -36.43 37.70 -39.31
N LYS A 54 -35.27 37.25 -39.82
CA LYS A 54 -34.79 35.88 -39.67
C LYS A 54 -34.27 35.61 -38.27
N GLY A 55 -35.18 35.50 -37.32
CA GLY A 55 -34.78 35.23 -35.96
C GLY A 55 -34.38 33.78 -35.75
N PRO A 56 -33.80 33.49 -34.58
CA PRO A 56 -33.40 32.11 -34.30
C PRO A 56 -34.62 31.23 -34.39
N CYS A 57 -34.45 30.07 -35.01
CA CYS A 57 -35.53 29.11 -35.10
C CYS A 57 -35.24 28.07 -34.05
N LEU A 58 -36.29 27.49 -33.49
CA LEU A 58 -36.12 26.47 -32.48
C LEU A 58 -36.18 25.16 -33.21
N TYR A 59 -35.73 24.09 -32.57
CA TYR A 59 -35.73 22.81 -33.24
C TYR A 59 -36.44 21.71 -32.49
N ARG A 60 -36.74 20.65 -33.25
CA ARG A 60 -37.38 19.46 -32.75
C ARG A 60 -36.88 18.36 -33.68
N CYS A 61 -36.56 17.21 -33.11
CA CYS A 61 -36.01 16.14 -33.93
C CYS A 61 -36.93 14.97 -34.26
N HIS A 62 -36.76 14.42 -35.46
CA HIS A 62 -37.53 13.28 -35.98
C HIS A 62 -36.67 12.03 -35.92
N LEU A 63 -37.14 11.02 -35.20
CA LEU A 63 -36.39 9.77 -35.05
C LEU A 63 -37.20 8.55 -35.47
N GLN A 64 -36.90 8.03 -36.65
CA GLN A 64 -37.60 6.87 -37.18
C GLN A 64 -36.99 5.54 -36.79
N LEU A 65 -37.52 4.95 -35.73
CA LEU A 65 -37.04 3.65 -35.26
C LEU A 65 -37.89 2.62 -36.01
N PRO A 66 -37.35 1.41 -36.26
CA PRO A 66 -38.12 0.39 -36.97
C PRO A 66 -39.65 0.53 -36.85
N GLU A 67 -40.19 0.18 -35.69
CA GLU A 67 -41.64 0.25 -35.47
C GLU A 67 -42.19 1.67 -35.57
N PHE A 68 -42.30 2.33 -34.42
CA PHE A 68 -42.82 3.68 -34.32
C PHE A 68 -41.71 4.71 -34.46
N SER A 69 -42.12 5.96 -34.63
CA SER A 69 -41.21 7.09 -34.75
C SER A 69 -41.57 8.08 -33.65
N VAL A 70 -40.57 8.76 -33.10
CA VAL A 70 -40.80 9.73 -32.02
C VAL A 70 -40.39 11.15 -32.43
N VAL A 71 -41.04 12.14 -31.86
CA VAL A 71 -40.62 13.50 -32.15
C VAL A 71 -40.38 14.30 -30.89
N SER A 72 -39.32 15.10 -30.94
CA SER A 72 -38.92 15.97 -29.86
C SER A 72 -39.85 17.16 -29.94
N ASN A 73 -40.11 17.79 -28.81
CA ASN A 73 -40.94 18.98 -28.83
C ASN A 73 -39.96 20.13 -29.05
N VAL A 74 -40.44 21.37 -28.95
CA VAL A 74 -39.59 22.55 -29.15
C VAL A 74 -38.31 22.55 -28.32
N PHE A 75 -37.22 23.01 -28.93
CA PHE A 75 -35.89 23.12 -28.28
C PHE A 75 -35.06 24.22 -28.90
N LYS A 76 -34.24 24.88 -28.09
CA LYS A 76 -33.38 25.95 -28.58
C LYS A 76 -32.14 25.45 -29.30
N LYS A 77 -31.65 24.29 -28.88
CA LYS A 77 -30.44 23.69 -29.45
C LYS A 77 -30.68 22.45 -30.32
N LYS A 78 -30.19 22.51 -31.56
CA LYS A 78 -30.33 21.39 -32.49
C LYS A 78 -29.84 20.15 -31.79
N LYS A 79 -28.78 20.34 -31.01
CA LYS A 79 -28.15 19.27 -30.26
C LYS A 79 -29.03 18.68 -29.12
N ASP A 80 -29.66 19.53 -28.32
CA ASP A 80 -30.53 19.04 -27.23
C ASP A 80 -31.69 18.25 -27.75
N SER A 81 -32.27 18.72 -28.86
CA SER A 81 -33.41 18.04 -29.42
C SER A 81 -33.06 16.62 -29.78
N GLU A 82 -32.00 16.42 -30.56
CA GLU A 82 -31.63 15.07 -30.94
C GLU A 82 -31.56 14.12 -29.76
N GLN A 83 -31.14 14.62 -28.60
CA GLN A 83 -31.09 13.79 -27.39
C GLN A 83 -32.54 13.59 -27.01
N SER A 84 -33.30 14.68 -27.00
CA SER A 84 -34.70 14.63 -26.65
C SER A 84 -35.48 13.57 -27.41
N ALA A 85 -35.11 13.31 -28.67
CA ALA A 85 -35.82 12.31 -29.46
C ALA A 85 -35.45 10.93 -28.95
N ALA A 86 -34.20 10.80 -28.54
CA ALA A 86 -33.69 9.55 -28.00
C ALA A 86 -34.22 9.34 -26.57
N GLU A 87 -34.51 10.47 -25.91
CA GLU A 87 -35.04 10.53 -24.55
C GLU A 87 -36.48 10.00 -24.55
N LEU A 88 -37.28 10.43 -25.51
CA LEU A 88 -38.67 10.00 -25.62
C LEU A 88 -38.77 8.63 -26.29
N ALA A 89 -37.69 8.21 -26.96
CA ALA A 89 -37.68 6.91 -27.61
C ALA A 89 -37.38 5.83 -26.57
N LEU A 90 -36.57 6.17 -25.57
CA LEU A 90 -36.23 5.22 -24.51
C LEU A 90 -37.14 5.18 -23.30
N ASP A 91 -37.92 6.24 -23.08
CA ASP A 91 -38.85 6.28 -21.97
C ASP A 91 -40.12 5.53 -22.39
N LYS A 92 -40.27 5.35 -23.71
CA LYS A 92 -41.42 4.64 -24.26
C LYS A 92 -41.14 3.14 -24.26
N LEU A 93 -39.85 2.79 -24.29
CA LEU A 93 -39.38 1.40 -24.29
C LEU A 93 -39.28 0.89 -22.85
N GLY A 94 -39.06 1.82 -21.93
CA GLY A 94 -38.94 1.47 -20.52
C GLY A 94 -37.54 1.68 -19.98
N ILE A 95 -36.80 2.59 -20.59
CA ILE A 95 -35.42 2.87 -20.16
C ILE A 95 -34.75 1.51 -20.03
N ARG A 96 -34.82 0.72 -21.11
CA ARG A 96 -34.24 -0.62 -21.07
C ARG A 96 -32.72 -0.72 -21.25
N PRO A 97 -32.10 0.20 -22.02
CA PRO A 97 -30.64 0.12 -22.19
C PRO A 97 -29.82 0.87 -21.12
N GLN A 98 -30.35 1.97 -20.60
CA GLN A 98 -29.65 2.75 -19.58
C GLN A 98 -29.66 2.02 -18.23
N ASN A 99 -30.81 1.47 -17.91
CA ASN A 99 -31.05 0.74 -16.67
C ASN A 99 -30.22 -0.53 -16.51
N ASP A 100 -29.69 -1.06 -17.61
CA ASP A 100 -28.93 -2.29 -17.47
C ASP A 100 -27.52 -2.10 -16.93
N ASP A 101 -27.29 -2.79 -15.81
CA ASP A 101 -26.02 -2.74 -15.12
C ASP A 101 -25.65 -4.15 -14.73
N LEU A 102 -24.43 -4.29 -14.25
CA LEU A 102 -23.98 -5.62 -13.98
C LEU A 102 -24.19 -6.26 -12.63
N THR A 103 -24.47 -7.56 -12.69
CA THR A 103 -24.60 -8.37 -11.51
C THR A 103 -23.13 -8.68 -11.28
N VAL A 104 -22.71 -8.65 -10.03
CA VAL A 104 -21.31 -8.86 -9.77
C VAL A 104 -20.70 -10.10 -10.37
N ASP A 105 -21.36 -11.23 -10.17
CA ASP A 105 -20.88 -12.49 -10.70
C ASP A 105 -20.95 -12.52 -12.20
N GLU A 106 -21.91 -11.80 -12.76
CA GLU A 106 -22.04 -11.76 -14.22
C GLU A 106 -20.81 -11.08 -14.82
N ALA A 107 -20.13 -10.23 -14.07
CA ALA A 107 -18.92 -9.61 -14.61
C ALA A 107 -17.86 -10.69 -14.78
N ARG A 108 -17.87 -11.68 -13.88
CA ARG A 108 -16.89 -12.77 -13.96
C ARG A 108 -17.15 -13.57 -15.23
N ASP A 109 -18.42 -13.76 -15.58
CA ASP A 109 -18.79 -14.44 -16.81
C ASP A 109 -18.29 -13.70 -18.02
N GLU A 110 -18.49 -12.40 -18.06
CA GLU A 110 -17.99 -11.62 -19.19
C GLU A 110 -16.49 -11.86 -19.29
N ILE A 111 -15.80 -11.57 -18.19
CA ILE A 111 -14.36 -11.77 -18.12
C ILE A 111 -14.00 -13.17 -18.62
N VAL A 112 -14.55 -14.20 -17.97
CA VAL A 112 -14.29 -15.58 -18.36
C VAL A 112 -14.55 -15.79 -19.85
N GLY A 113 -15.80 -15.64 -20.27
CA GLY A 113 -16.15 -15.83 -21.67
C GLY A 113 -15.28 -15.05 -22.65
N ARG A 114 -14.93 -13.83 -22.26
CA ARG A 114 -14.09 -12.93 -23.06
C ARG A 114 -12.71 -13.54 -23.28
N ILE A 115 -12.05 -13.88 -22.17
CA ILE A 115 -10.74 -14.50 -22.26
C ILE A 115 -10.84 -15.68 -23.22
N LYS A 116 -11.78 -16.58 -22.93
CA LYS A 116 -11.99 -17.78 -23.73
C LYS A 116 -12.04 -17.47 -25.22
N TYR A 117 -12.65 -16.35 -25.56
CA TYR A 117 -12.77 -15.96 -26.94
C TYR A 117 -11.43 -15.48 -27.45
N ILE A 118 -10.70 -14.77 -26.60
CA ILE A 118 -9.39 -14.23 -26.96
C ILE A 118 -8.38 -15.32 -27.39
N PHE A 119 -8.26 -16.39 -26.62
CA PHE A 119 -7.32 -17.45 -26.96
C PHE A 119 -7.93 -18.43 -27.95
N SER A 120 -9.10 -18.06 -28.49
CA SER A 120 -9.78 -18.88 -29.48
C SER A 120 -8.97 -18.79 -30.77
N ASP A 121 -9.18 -19.75 -31.67
CA ASP A 121 -8.43 -19.77 -32.93
C ASP A 121 -8.56 -18.50 -33.73
N GLU A 122 -9.77 -18.22 -34.19
CA GLU A 122 -10.00 -17.05 -35.00
C GLU A 122 -9.39 -15.73 -34.50
N PHE A 123 -9.57 -15.43 -33.22
CA PHE A 123 -9.09 -14.16 -32.64
C PHE A 123 -7.60 -13.81 -32.84
N LEU A 124 -6.81 -14.84 -33.08
CA LEU A 124 -5.38 -14.69 -33.28
C LEU A 124 -5.07 -13.68 -34.34
N SER A 125 -5.89 -13.63 -35.39
CA SER A 125 -5.63 -12.66 -36.46
C SER A 125 -6.54 -11.41 -36.41
N ALA A 126 -6.88 -10.98 -35.20
CA ALA A 126 -7.74 -9.83 -34.98
C ALA A 126 -6.94 -8.52 -34.92
N GLU A 127 -7.59 -7.41 -35.28
CA GLU A 127 -6.95 -6.09 -35.28
C GLU A 127 -6.67 -5.63 -33.87
N HIS A 128 -7.71 -5.69 -33.03
CA HIS A 128 -7.63 -5.28 -31.63
C HIS A 128 -6.25 -5.56 -31.03
N PRO A 129 -5.61 -4.53 -30.48
CA PRO A 129 -4.29 -4.65 -29.87
C PRO A 129 -3.92 -6.06 -29.43
N LEU A 130 -4.83 -6.73 -28.73
CA LEU A 130 -4.57 -8.09 -28.27
C LEU A 130 -4.05 -8.97 -29.40
N GLY A 131 -4.66 -8.85 -30.57
CA GLY A 131 -4.24 -9.62 -31.72
C GLY A 131 -2.74 -9.56 -32.00
N ALA A 132 -2.16 -8.38 -31.81
CA ALA A 132 -0.73 -8.19 -32.00
C ALA A 132 -0.05 -8.79 -30.76
N HIS A 133 -0.62 -8.56 -29.59
CA HIS A 133 -0.07 -9.14 -28.37
C HIS A 133 -0.11 -10.66 -28.47
N LEU A 134 -1.30 -11.26 -28.68
CA LEU A 134 -1.41 -12.71 -28.82
C LEU A 134 -0.49 -13.23 -29.91
N ARG A 135 -0.56 -12.59 -31.07
CA ARG A 135 0.28 -12.94 -32.19
C ARG A 135 1.77 -12.83 -31.79
N ALA A 136 2.12 -11.78 -31.04
CA ALA A 136 3.49 -11.54 -30.62
C ALA A 136 3.92 -12.57 -29.63
N ALA A 137 2.96 -13.05 -28.85
CA ALA A 137 3.25 -14.05 -27.84
C ALA A 137 3.78 -15.34 -28.44
N LEU A 138 3.42 -15.64 -29.68
CA LEU A 138 3.89 -16.88 -30.33
C LEU A 138 5.37 -16.77 -30.68
N ARG A 139 5.82 -15.54 -30.87
CA ARG A 139 7.20 -15.25 -31.20
C ARG A 139 8.12 -15.14 -29.97
N ARG A 140 7.60 -15.39 -28.77
CA ARG A 140 8.41 -15.34 -27.55
C ARG A 140 9.26 -16.61 -27.47
N ASP A 141 10.50 -16.46 -27.05
CA ASP A 141 11.46 -17.56 -26.96
C ASP A 141 11.13 -18.63 -25.93
N GLY A 142 11.59 -19.84 -26.20
CA GLY A 142 11.39 -20.97 -25.31
C GLY A 142 9.99 -21.15 -24.72
N GLU A 143 9.94 -21.70 -23.51
CA GLU A 143 8.71 -21.97 -22.76
C GLU A 143 7.82 -20.72 -22.65
N ARG A 144 8.41 -19.58 -22.96
CA ARG A 144 7.68 -18.32 -22.91
C ARG A 144 6.73 -18.26 -24.10
N CYS A 145 6.91 -19.17 -25.04
CA CYS A 145 6.06 -19.19 -26.22
C CYS A 145 4.59 -19.40 -25.90
N GLY A 146 3.72 -18.77 -26.70
CA GLY A 146 2.28 -18.91 -26.54
C GLY A 146 1.70 -18.39 -25.25
N SER A 147 2.51 -17.69 -24.47
CA SER A 147 2.02 -17.18 -23.20
C SER A 147 2.01 -15.66 -23.22
N VAL A 148 0.84 -15.08 -23.08
CA VAL A 148 0.66 -13.66 -22.97
C VAL A 148 0.76 -13.38 -21.48
N PRO A 149 1.39 -12.27 -21.11
CA PRO A 149 1.53 -11.92 -19.70
C PRO A 149 0.22 -11.46 -19.10
N VAL A 150 -0.01 -11.78 -17.83
CA VAL A 150 -1.25 -11.43 -17.16
C VAL A 150 -1.65 -9.97 -17.29
N SER A 151 -0.68 -9.10 -17.01
CA SER A 151 -0.90 -7.65 -17.06
C SER A 151 -1.51 -7.12 -18.35
N VAL A 152 -1.27 -7.81 -19.46
CA VAL A 152 -1.81 -7.40 -20.76
C VAL A 152 -3.27 -7.79 -20.91
N ILE A 153 -3.65 -8.97 -20.41
CA ILE A 153 -5.03 -9.43 -20.50
C ILE A 153 -5.94 -8.53 -19.72
N ALA A 154 -5.40 -7.93 -18.69
CA ALA A 154 -6.20 -7.06 -17.87
C ALA A 154 -6.21 -5.61 -18.34
N THR A 155 -5.07 -5.16 -18.88
CA THR A 155 -4.91 -3.77 -19.32
C THR A 155 -5.43 -3.41 -20.70
N VAL A 156 -4.79 -3.95 -21.73
CA VAL A 156 -5.18 -3.69 -23.11
C VAL A 156 -6.68 -3.79 -23.39
N ASP A 157 -7.37 -4.75 -22.79
CA ASP A 157 -8.80 -4.92 -23.08
C ASP A 157 -9.71 -4.23 -22.07
N ALA A 158 -10.53 -3.30 -22.55
CA ALA A 158 -11.46 -2.57 -21.69
C ALA A 158 -12.65 -3.43 -21.22
N LYS A 159 -13.00 -4.46 -22.00
CA LYS A 159 -14.10 -5.34 -21.61
C LYS A 159 -13.74 -5.82 -20.23
N ILE A 160 -12.55 -6.39 -20.12
CA ILE A 160 -12.08 -6.89 -18.84
C ILE A 160 -12.13 -5.78 -17.79
N ASN A 161 -11.78 -4.56 -18.17
CA ASN A 161 -11.80 -3.45 -17.23
C ASN A 161 -13.17 -3.00 -16.80
N SER A 162 -14.05 -2.81 -17.75
CA SER A 162 -15.38 -2.41 -17.37
C SER A 162 -15.91 -3.42 -16.35
N ARG A 163 -15.75 -4.72 -16.64
CA ARG A 163 -16.18 -5.76 -15.71
C ARG A 163 -15.41 -5.68 -14.39
N CYS A 164 -14.09 -5.55 -14.51
CA CYS A 164 -13.25 -5.49 -13.32
C CYS A 164 -13.61 -4.33 -12.40
N LYS A 165 -13.99 -3.20 -12.99
CA LYS A 165 -14.37 -2.05 -12.20
C LYS A 165 -15.63 -2.40 -11.39
N ILE A 166 -16.63 -3.00 -12.04
CA ILE A 166 -17.88 -3.39 -11.36
C ILE A 166 -17.66 -4.38 -10.22
N ILE A 167 -16.75 -5.32 -10.42
CA ILE A 167 -16.48 -6.32 -9.40
C ILE A 167 -15.70 -5.70 -8.27
N ASN A 168 -15.06 -4.56 -8.51
CA ASN A 168 -14.24 -3.92 -7.48
C ASN A 168 -13.67 -2.51 -7.80
N PRO A 169 -14.26 -1.43 -7.26
CA PRO A 169 -13.65 -0.14 -7.59
C PRO A 169 -12.25 0.02 -6.98
N SER A 170 -11.94 -0.81 -5.98
CA SER A 170 -10.62 -0.76 -5.35
C SER A 170 -9.49 -1.06 -6.36
N VAL A 171 -9.85 -1.49 -7.59
CA VAL A 171 -8.90 -1.80 -8.68
C VAL A 171 -8.16 -0.53 -9.11
N GLU A 172 -8.88 0.58 -9.15
CA GLU A 172 -8.30 1.85 -9.54
C GLU A 172 -7.12 2.21 -8.63
N SER A 173 -7.32 2.08 -7.33
CA SER A 173 -6.26 2.36 -6.36
C SER A 173 -5.21 1.24 -6.32
N ASP A 174 -5.66 -0.02 -6.38
CA ASP A 174 -4.81 -1.21 -6.31
C ASP A 174 -4.92 -2.06 -7.61
N PRO A 175 -4.04 -1.79 -8.61
CA PRO A 175 -4.02 -2.46 -9.92
C PRO A 175 -3.75 -3.95 -9.97
N PHE A 176 -3.14 -4.50 -8.94
CA PHE A 176 -2.83 -5.93 -8.94
C PHE A 176 -4.09 -6.76 -8.79
N LEU A 177 -5.17 -6.10 -8.41
CA LEU A 177 -6.44 -6.78 -8.21
C LEU A 177 -7.02 -7.27 -9.53
N ALA A 178 -6.99 -6.44 -10.57
CA ALA A 178 -7.51 -6.87 -11.86
C ALA A 178 -6.77 -8.13 -12.35
N ILE A 179 -5.50 -8.26 -11.95
CA ILE A 179 -4.70 -9.41 -12.33
C ILE A 179 -5.17 -10.67 -11.62
N SER A 180 -5.56 -10.55 -10.36
CA SER A 180 -6.05 -11.70 -9.62
C SER A 180 -7.40 -12.12 -10.19
N TYR A 181 -8.27 -11.17 -10.51
CA TYR A 181 -9.57 -11.53 -11.08
C TYR A 181 -9.33 -12.21 -12.43
N VAL A 182 -8.34 -11.73 -13.19
CA VAL A 182 -8.01 -12.31 -14.50
C VAL A 182 -7.57 -13.76 -14.36
N MET A 183 -6.70 -14.01 -13.39
CA MET A 183 -6.20 -15.35 -13.16
C MET A 183 -7.30 -16.28 -12.69
N LYS A 184 -8.04 -15.82 -11.69
CA LYS A 184 -9.12 -16.62 -11.12
C LYS A 184 -10.16 -17.01 -12.16
N ALA A 185 -10.46 -16.10 -13.08
CA ALA A 185 -11.43 -16.39 -14.11
C ALA A 185 -10.83 -17.42 -15.08
N ALA A 186 -9.52 -17.36 -15.25
CA ALA A 186 -8.81 -18.29 -16.14
C ALA A 186 -8.83 -19.71 -15.57
N ALA A 187 -8.65 -19.81 -14.26
CA ALA A 187 -8.66 -21.11 -13.59
C ALA A 187 -10.07 -21.74 -13.68
N LYS A 188 -11.12 -20.96 -13.37
CA LYS A 188 -12.48 -21.49 -13.43
C LYS A 188 -12.79 -22.01 -14.84
N LEU A 189 -12.21 -21.36 -15.85
CA LEU A 189 -12.40 -21.81 -17.23
C LEU A 189 -11.06 -22.35 -17.68
N ALA A 190 -10.76 -23.59 -17.28
CA ALA A 190 -9.49 -24.21 -17.62
C ALA A 190 -9.56 -25.00 -18.90
N ASP A 191 -10.66 -24.88 -19.63
CA ASP A 191 -10.87 -25.64 -20.87
C ASP A 191 -9.86 -25.44 -22.03
N TYR A 192 -9.30 -24.24 -22.17
CA TYR A 192 -8.29 -23.99 -23.21
C TYR A 192 -7.33 -22.95 -22.67
N ILE A 193 -7.31 -22.80 -21.36
CA ILE A 193 -6.44 -21.81 -20.75
C ILE A 193 -5.66 -22.42 -19.61
N VAL A 194 -4.35 -22.30 -19.71
CA VAL A 194 -3.44 -22.82 -18.72
C VAL A 194 -2.63 -21.70 -18.13
N ALA A 195 -2.63 -21.58 -16.80
CA ALA A 195 -1.83 -20.55 -16.17
C ALA A 195 -0.40 -21.06 -16.20
N SER A 196 0.52 -20.26 -16.71
CA SER A 196 1.92 -20.66 -16.77
C SER A 196 2.80 -19.65 -16.02
N PRO A 197 4.01 -20.07 -15.67
CA PRO A 197 4.87 -19.12 -14.96
C PRO A 197 5.21 -17.97 -15.90
N HIS A 198 4.68 -18.06 -17.12
CA HIS A 198 4.93 -17.06 -18.16
C HIS A 198 3.69 -16.34 -18.65
N GLY A 199 2.60 -16.44 -17.90
CA GLY A 199 1.37 -15.76 -18.26
C GLY A 199 0.23 -16.71 -18.56
N LEU A 200 -0.69 -16.29 -19.43
CA LEU A 200 -1.77 -17.18 -19.77
C LEU A 200 -1.41 -17.75 -21.10
N ARG A 201 -1.75 -19.00 -21.30
CA ARG A 201 -1.44 -19.66 -22.55
C ARG A 201 -2.53 -20.64 -22.87
N ARG A 202 -2.71 -20.86 -24.15
CA ARG A 202 -3.70 -21.79 -24.63
C ARG A 202 -3.30 -23.18 -24.17
N LYS A 203 -4.24 -24.10 -24.14
CA LYS A 203 -3.91 -25.45 -23.72
C LYS A 203 -3.32 -26.23 -24.86
N ASN A 204 -3.99 -26.18 -26.02
CA ASN A 204 -3.55 -26.89 -27.22
C ASN A 204 -3.03 -26.01 -28.35
N ALA A 205 -2.07 -26.55 -29.11
CA ALA A 205 -1.44 -25.85 -30.23
C ALA A 205 -2.41 -25.09 -31.13
N TYR A 206 -2.03 -23.93 -31.66
CA TYR A 206 -2.97 -23.35 -32.60
C TYR A 206 -2.84 -24.27 -33.82
N PRO A 207 -3.95 -24.58 -34.48
CA PRO A 207 -3.91 -25.44 -35.66
C PRO A 207 -2.87 -24.87 -36.60
N SER A 208 -1.95 -25.72 -37.07
CA SER A 208 -0.87 -25.30 -37.98
C SER A 208 -1.26 -24.36 -39.09
N GLU A 209 -2.41 -24.59 -39.72
CA GLU A 209 -2.83 -23.74 -40.83
C GLU A 209 -3.17 -22.28 -40.45
N ILE A 210 -3.89 -22.12 -39.35
CA ILE A 210 -4.25 -20.80 -38.87
C ILE A 210 -3.01 -19.93 -38.72
N VAL A 211 -2.00 -20.43 -37.99
CA VAL A 211 -0.75 -19.70 -37.76
C VAL A 211 0.07 -19.48 -39.04
N GLU A 212 0.00 -20.43 -39.98
CA GLU A 212 0.74 -20.28 -41.23
C GLU A 212 0.04 -19.18 -42.02
N ALA A 213 -1.28 -19.24 -42.02
CA ALA A 213 -2.08 -18.26 -42.72
C ALA A 213 -1.77 -16.89 -42.14
N LEU A 214 -1.44 -16.87 -40.86
CA LEU A 214 -1.14 -15.64 -40.19
C LEU A 214 0.21 -15.07 -40.59
N ALA A 215 1.24 -15.92 -40.59
CA ALA A 215 2.61 -15.52 -40.93
C ALA A 215 2.79 -15.02 -42.38
N THR A 216 1.97 -15.50 -43.31
CA THR A 216 2.03 -15.06 -44.71
C THR A 216 1.70 -13.59 -44.85
N HIS A 217 0.71 -13.19 -44.07
CA HIS A 217 0.22 -11.82 -44.09
C HIS A 217 0.85 -10.86 -43.09
N VAL A 218 1.85 -11.31 -42.32
CA VAL A 218 2.49 -10.39 -41.38
C VAL A 218 2.99 -9.23 -42.29
N SER A 219 2.91 -7.99 -41.80
CA SER A 219 3.29 -6.80 -42.60
C SER A 219 4.56 -6.12 -42.14
N ASP A 220 5.56 -6.88 -41.74
CA ASP A 220 6.76 -6.25 -41.18
C ASP A 220 7.20 -4.94 -41.83
N SER A 224 14.40 -4.59 -33.74
CA SER A 224 15.73 -4.03 -33.48
C SER A 224 15.66 -2.54 -33.11
N ARG A 225 14.46 -2.07 -32.79
CA ARG A 225 14.28 -0.69 -32.38
C ARG A 225 14.73 -0.50 -30.93
N GLU A 226 14.94 0.75 -30.52
CA GLU A 226 15.32 1.09 -29.15
C GLU A 226 14.44 2.27 -28.71
N VAL A 227 13.87 2.19 -27.51
CA VAL A 227 12.99 3.23 -27.00
C VAL A 227 13.51 3.73 -25.66
N ALA A 228 14.05 4.94 -25.64
CA ALA A 228 14.58 5.42 -24.39
C ALA A 228 13.49 5.76 -23.39
N ALA A 229 13.65 5.29 -22.16
CA ALA A 229 12.69 5.60 -21.13
C ALA A 229 13.42 6.02 -19.86
N VAL A 230 12.66 6.02 -18.79
CA VAL A 230 13.18 6.40 -17.50
C VAL A 230 13.11 5.29 -16.47
N TYR A 231 14.06 5.34 -15.56
CA TYR A 231 14.19 4.36 -14.49
C TYR A 231 13.99 5.08 -13.16
N ILE A 232 12.89 4.72 -12.49
CA ILE A 232 12.53 5.33 -11.23
C ILE A 232 12.79 4.44 -10.07
N PRO A 233 13.65 4.90 -9.16
CA PRO A 233 13.99 4.15 -7.97
C PRO A 233 13.10 4.51 -6.78
N CYS A 234 12.92 3.54 -5.91
CA CYS A 234 12.10 3.73 -4.71
C CYS A 234 12.92 4.37 -3.60
N ILE A 235 14.25 4.32 -3.74
CA ILE A 235 15.16 4.89 -2.76
C ILE A 235 15.32 6.36 -3.08
N ASP A 236 14.67 7.15 -2.25
CA ASP A 236 14.63 8.60 -2.39
C ASP A 236 15.95 9.23 -2.73
N GLU A 237 16.97 8.79 -2.02
CA GLU A 237 18.29 9.32 -2.22
C GLU A 237 18.72 9.15 -3.67
N GLU A 238 18.33 8.01 -4.23
CA GLU A 238 18.67 7.65 -5.59
C GLU A 238 18.19 8.64 -6.62
N VAL A 239 18.96 8.73 -7.70
CA VAL A 239 18.66 9.62 -8.81
C VAL A 239 17.77 8.90 -9.81
N VAL A 240 16.93 9.67 -10.50
CA VAL A 240 16.06 9.11 -11.52
C VAL A 240 16.90 9.22 -12.79
N GLU A 241 17.11 8.10 -13.46
CA GLU A 241 17.93 8.10 -14.66
C GLU A 241 17.34 7.53 -15.93
N LEU A 242 18.00 7.87 -17.01
CA LEU A 242 17.60 7.44 -18.33
C LEU A 242 18.03 6.00 -18.53
N ASP A 243 17.06 5.13 -18.77
CA ASP A 243 17.36 3.72 -19.00
C ASP A 243 16.77 3.35 -20.34
N THR A 244 17.61 3.19 -21.36
CA THR A 244 17.12 2.88 -22.70
C THR A 244 16.84 1.40 -22.93
N LEU A 245 15.58 1.05 -23.12
CA LEU A 245 15.20 -0.34 -23.37
C LEU A 245 15.15 -0.71 -24.87
N TYR A 246 15.50 -1.96 -25.15
CA TYR A 246 15.55 -2.44 -26.53
C TYR A 246 14.50 -3.49 -26.83
N ILE A 247 13.73 -3.26 -27.89
CA ILE A 247 12.68 -4.17 -28.31
C ILE A 247 13.11 -4.92 -29.57
N SER A 248 12.84 -6.21 -29.58
CA SER A 248 13.18 -7.09 -30.68
C SER A 248 11.94 -7.88 -31.02
N SER A 249 11.74 -8.07 -32.32
CA SER A 249 10.59 -8.80 -32.83
C SER A 249 10.39 -10.17 -32.16
N ASN A 250 11.47 -10.80 -31.70
CA ASN A 250 11.37 -12.11 -31.06
C ASN A 250 11.02 -12.07 -29.55
N ARG A 251 10.97 -10.88 -28.95
CA ARG A 251 10.64 -10.75 -27.53
C ARG A 251 9.57 -9.73 -27.28
N HIS A 252 8.58 -10.12 -26.47
CA HIS A 252 7.47 -9.24 -26.12
C HIS A 252 8.06 -8.02 -25.42
N TYR A 253 7.61 -6.83 -25.79
CA TYR A 253 8.18 -5.63 -25.18
C TYR A 253 8.23 -5.65 -23.65
N LEU A 254 7.27 -6.34 -23.01
CA LEU A 254 7.31 -6.39 -21.55
C LEU A 254 8.52 -7.15 -21.01
N ASP A 255 8.95 -8.20 -21.71
CA ASP A 255 10.13 -8.94 -21.24
C ASP A 255 11.31 -7.98 -21.27
N SER A 256 11.28 -7.07 -22.24
CA SER A 256 12.35 -6.10 -22.43
C SER A 256 12.36 -5.15 -21.25
N ILE A 257 11.17 -4.79 -20.79
CA ILE A 257 11.04 -3.91 -19.63
C ILE A 257 11.41 -4.69 -18.36
N ALA A 258 10.87 -5.90 -18.23
CA ALA A 258 11.18 -6.76 -17.09
C ALA A 258 12.72 -6.88 -16.96
N GLU A 259 13.38 -7.28 -18.05
CA GLU A 259 14.84 -7.39 -18.12
C GLU A 259 15.55 -6.20 -17.45
N ARG A 260 14.96 -5.01 -17.53
CA ARG A 260 15.59 -3.84 -16.95
C ARG A 260 15.27 -3.59 -15.49
N LEU A 261 14.34 -4.36 -14.97
CA LEU A 261 13.94 -4.22 -13.57
C LEU A 261 14.51 -5.41 -12.82
N GLY A 262 15.28 -6.21 -13.56
CA GLY A 262 15.95 -7.35 -13.02
C GLY A 262 15.21 -8.67 -13.07
N LEU A 263 13.88 -8.62 -13.15
CA LEU A 263 13.11 -9.85 -13.15
C LEU A 263 13.42 -10.80 -14.29
N LYS A 264 12.74 -11.93 -14.27
CA LYS A 264 13.01 -12.99 -15.23
C LYS A 264 12.01 -13.05 -16.35
N ASP A 265 10.76 -12.70 -16.06
CA ASP A 265 9.71 -12.74 -17.06
C ASP A 265 9.05 -11.38 -17.25
N GLY A 266 8.15 -11.32 -18.22
CA GLY A 266 7.39 -10.11 -18.48
C GLY A 266 6.09 -10.45 -17.82
N ASN A 267 5.99 -11.72 -17.47
CA ASN A 267 4.82 -12.25 -16.81
C ASN A 267 4.81 -11.64 -15.41
N GLN A 268 5.94 -11.07 -15.05
CA GLN A 268 6.07 -10.46 -13.75
C GLN A 268 5.69 -9.00 -13.86
N VAL A 269 5.81 -8.42 -15.05
CA VAL A 269 5.53 -7.01 -15.21
C VAL A 269 4.11 -6.51 -15.00
N MET A 270 4.02 -5.38 -14.32
CA MET A 270 2.77 -4.72 -14.00
C MET A 270 2.61 -3.47 -14.87
N ILE A 271 1.36 -3.05 -15.13
CA ILE A 271 1.13 -1.87 -15.96
C ILE A 271 0.10 -0.89 -15.33
N SER A 272 0.54 0.35 -15.09
CA SER A 272 -0.30 1.39 -14.49
C SER A 272 -1.25 2.01 -15.52
N ARG A 273 -2.16 2.86 -15.08
CA ARG A 273 -3.07 3.48 -16.03
C ARG A 273 -2.26 4.37 -16.98
N MET A 274 -2.91 4.94 -17.99
CA MET A 274 -2.22 5.82 -18.93
C MET A 274 -2.24 7.23 -18.36
N PHE A 275 -1.24 8.06 -18.70
CA PHE A 275 -1.20 9.43 -18.19
C PHE A 275 -0.13 10.31 -18.83
N GLY A 276 -0.13 11.59 -18.42
CA GLY A 276 0.83 12.57 -18.91
C GLY A 276 0.92 12.87 -20.39
N LYS A 277 -0.21 13.15 -21.02
CA LYS A 277 -0.16 13.43 -22.44
C LYS A 277 0.04 14.91 -22.60
N ALA A 278 -0.58 15.69 -21.74
CA ALA A 278 -0.45 17.15 -21.83
C ALA A 278 0.88 17.60 -21.24
N SER A 279 1.38 16.84 -20.27
CA SER A 279 2.64 17.18 -19.63
C SER A 279 3.83 16.83 -20.49
N CYS A 280 3.88 15.60 -21.01
CA CYS A 280 5.00 15.15 -21.82
C CYS A 280 4.78 15.11 -23.34
N GLY A 281 3.55 14.95 -23.78
CA GLY A 281 3.30 14.90 -25.21
C GLY A 281 3.22 13.47 -25.73
N SER A 282 3.26 12.49 -24.83
CA SER A 282 3.18 11.08 -25.21
C SER A 282 2.33 10.38 -24.16
N GLU A 283 1.60 9.35 -24.58
CA GLU A 283 0.73 8.55 -23.70
C GLU A 283 1.60 7.62 -22.85
N CYS A 284 1.63 7.83 -21.53
CA CYS A 284 2.49 7.01 -20.68
C CYS A 284 1.92 6.01 -19.71
N ARG A 285 2.73 4.98 -19.46
CA ARG A 285 2.39 3.92 -18.55
C ARG A 285 3.62 3.73 -17.65
N LEU A 286 3.40 3.20 -16.46
CA LEU A 286 4.49 3.00 -15.51
C LEU A 286 4.63 1.51 -15.22
N TYR A 287 5.63 0.87 -15.84
CA TYR A 287 5.85 -0.55 -15.64
C TYR A 287 6.66 -0.86 -14.40
N SER A 288 6.08 -1.64 -13.50
CA SER A 288 6.72 -2.00 -12.26
C SER A 288 6.53 -3.49 -12.12
N GLU A 289 6.99 -4.09 -11.03
CA GLU A 289 6.84 -5.54 -10.84
C GLU A 289 5.57 -5.95 -10.08
N ILE A 290 5.22 -7.23 -10.13
CA ILE A 290 4.02 -7.75 -9.47
C ILE A 290 4.37 -8.72 -8.35
N PRO A 291 4.16 -8.32 -7.07
CA PRO A 291 4.46 -9.20 -5.93
C PRO A 291 3.95 -10.63 -6.20
N LYS A 292 4.86 -11.60 -6.24
CA LYS A 292 4.56 -13.01 -6.54
C LYS A 292 3.31 -13.63 -5.92
N LYS A 293 2.60 -12.85 -5.12
CA LYS A 293 1.40 -13.29 -4.43
C LYS A 293 0.17 -13.46 -5.34
N TYR A 294 -0.05 -12.50 -6.25
CA TYR A 294 -1.19 -12.56 -7.17
C TYR A 294 -0.85 -13.39 -8.40
N LEU A 295 0.43 -13.71 -8.55
CA LEU A 295 0.89 -14.50 -9.68
C LEU A 295 0.60 -16.00 -9.54
N ASP A 296 1.04 -16.61 -8.45
CA ASP A 296 0.81 -18.05 -8.22
C ASP A 296 -0.68 -18.38 -8.10
N ASN A 297 -1.48 -17.35 -7.88
CA ASN A 297 -2.93 -17.46 -7.73
C ASN A 297 -3.55 -18.46 -8.72
N SER A 310 11.97 -14.58 -0.07
CA SER A 310 10.73 -15.31 -0.20
C SER A 310 9.57 -14.36 -0.45
N HIS A 311 8.64 -14.28 0.51
CA HIS A 311 7.46 -13.42 0.40
C HIS A 311 7.69 -11.99 0.88
N ILE A 312 8.93 -11.51 0.74
CA ILE A 312 9.30 -10.17 1.16
C ILE A 312 8.83 -9.13 0.15
N VAL A 313 7.82 -8.35 0.51
CA VAL A 313 7.29 -7.31 -0.37
C VAL A 313 8.39 -6.26 -0.54
N LYS A 314 8.26 -5.37 -1.51
CA LYS A 314 9.31 -4.39 -1.73
C LYS A 314 8.95 -2.98 -1.26
N SER A 315 9.96 -2.12 -1.11
CA SER A 315 9.73 -0.77 -0.64
C SER A 315 8.82 0.00 -1.61
N ARG A 316 7.99 0.87 -1.07
CA ARG A 316 7.08 1.68 -1.90
C ARG A 316 7.88 2.73 -2.66
N ASN A 317 7.56 2.90 -3.94
CA ASN A 317 8.28 3.86 -4.79
C ASN A 317 7.61 5.22 -4.81
N ALA A 318 8.04 6.07 -3.89
CA ALA A 318 7.48 7.40 -3.75
C ALA A 318 7.13 8.05 -5.08
N ARG A 319 8.15 8.52 -5.79
CA ARG A 319 7.97 9.20 -7.05
C ARG A 319 6.99 8.56 -8.00
N ALA A 320 7.27 7.33 -8.42
CA ALA A 320 6.40 6.60 -9.34
C ALA A 320 4.92 6.78 -9.02
N SER A 321 4.57 6.59 -7.76
CA SER A 321 3.19 6.70 -7.27
C SER A 321 2.51 8.05 -7.52
N TYR A 322 3.29 9.12 -7.42
CA TYR A 322 2.73 10.44 -7.62
C TYR A 322 2.29 10.60 -9.05
N ILE A 323 3.29 10.50 -9.93
CA ILE A 323 3.12 10.61 -11.36
C ILE A 323 1.85 9.98 -11.90
N CYS A 324 1.64 8.71 -11.53
CA CYS A 324 0.51 7.96 -12.02
C CYS A 324 -0.74 7.85 -11.17
N GLY A 325 -0.69 8.41 -9.95
CA GLY A 325 -1.86 8.33 -9.08
C GLY A 325 -2.33 6.90 -8.79
N GLN A 326 -1.40 6.05 -8.34
CA GLN A 326 -1.66 4.65 -8.01
C GLN A 326 -0.46 4.27 -7.17
N ASP A 327 -0.61 3.33 -6.26
CA ASP A 327 0.53 2.94 -5.45
C ASP A 327 1.37 1.84 -6.10
N ILE A 328 2.62 2.17 -6.35
CA ILE A 328 3.51 1.23 -6.98
C ILE A 328 4.71 0.93 -6.08
N HIS A 329 5.19 -0.31 -6.19
CA HIS A 329 6.32 -0.78 -5.38
C HIS A 329 7.59 -1.05 -6.16
N GLY A 330 8.69 -1.04 -5.44
CA GLY A 330 9.97 -1.29 -6.07
C GLY A 330 10.22 -0.31 -7.18
N ASP A 331 11.33 -0.51 -7.89
CA ASP A 331 11.67 0.35 -9.00
C ASP A 331 10.58 0.24 -10.06
N ALA A 332 10.57 1.17 -10.99
CA ALA A 332 9.60 1.15 -12.06
C ALA A 332 10.24 1.75 -13.31
N ILE A 333 9.57 1.59 -14.45
CA ILE A 333 10.05 2.15 -15.70
C ILE A 333 8.90 2.95 -16.27
N LEU A 334 9.19 4.21 -16.59
CA LEU A 334 8.21 5.13 -17.17
C LEU A 334 8.46 5.13 -18.66
N ALA A 335 7.49 4.58 -19.40
CA ALA A 335 7.62 4.49 -20.85
C ALA A 335 6.30 4.56 -21.61
N SER A 336 6.44 4.98 -22.86
CA SER A 336 5.34 5.11 -23.79
C SER A 336 5.47 4.11 -24.93
N VAL A 337 4.93 2.91 -24.70
CA VAL A 337 4.94 1.85 -25.68
C VAL A 337 3.64 1.02 -25.60
N GLY A 338 3.21 0.49 -26.73
CA GLY A 338 1.99 -0.30 -26.76
C GLY A 338 1.70 -0.59 -28.20
N TYR A 339 0.78 -1.52 -28.47
CA TYR A 339 0.43 -1.89 -29.83
C TYR A 339 -0.80 -1.07 -30.28
N ARG A 340 -0.80 -0.54 -31.50
CA ARG A 340 -1.95 0.24 -31.95
C ARG A 340 -2.98 -0.69 -32.58
N TRP A 341 -3.83 -0.19 -33.47
CA TRP A 341 -4.82 -1.10 -34.02
C TRP A 341 -4.50 -1.99 -35.18
N LYS A 342 -4.81 -1.57 -36.40
CA LYS A 342 -4.56 -2.45 -37.52
C LYS A 342 -3.10 -2.65 -37.83
N SER A 343 -2.24 -2.61 -36.82
CA SER A 343 -0.81 -2.79 -37.05
C SER A 343 -0.16 -3.79 -36.10
N ASP A 344 0.89 -4.45 -36.59
CA ASP A 344 1.67 -5.42 -35.82
C ASP A 344 2.87 -4.59 -35.34
N ASP A 345 3.02 -3.43 -35.94
CA ASP A 345 4.11 -2.51 -35.62
C ASP A 345 3.95 -2.02 -34.17
N LEU A 346 5.06 -1.90 -33.47
CA LEU A 346 5.00 -1.40 -32.11
C LEU A 346 5.02 0.14 -32.18
N ASP A 347 4.20 0.78 -31.34
CA ASP A 347 4.14 2.24 -31.28
C ASP A 347 4.91 2.62 -30.02
N TYR A 348 5.67 3.70 -30.09
CA TYR A 348 6.41 4.13 -28.91
C TYR A 348 6.83 5.54 -29.08
N ASP A 349 7.36 6.05 -27.99
CA ASP A 349 7.86 7.39 -27.97
C ASP A 349 9.02 7.35 -27.01
N ASP A 350 9.97 8.26 -27.18
CA ASP A 350 11.10 8.24 -26.29
C ASP A 350 10.87 9.08 -25.08
N VAL A 351 10.64 8.41 -23.96
CA VAL A 351 10.49 9.15 -22.76
C VAL A 351 11.93 9.41 -22.31
N THR A 352 12.21 10.62 -21.82
CA THR A 352 13.54 10.97 -21.34
C THR A 352 13.46 11.46 -19.91
N VAL A 353 14.63 11.69 -19.32
CA VAL A 353 14.72 12.17 -17.95
C VAL A 353 13.90 13.42 -17.71
N ASN A 354 13.97 14.36 -18.66
CA ASN A 354 13.24 15.60 -18.50
C ASN A 354 11.77 15.46 -18.80
N SER A 355 11.36 14.33 -19.37
CA SER A 355 9.94 14.13 -19.64
C SER A 355 9.34 13.96 -18.26
N PHE A 356 10.03 13.19 -17.45
CA PHE A 356 9.59 12.91 -16.08
C PHE A 356 9.33 14.17 -15.27
N TYR A 357 10.31 15.07 -15.20
CA TYR A 357 10.14 16.30 -14.45
C TYR A 357 8.98 17.14 -14.98
N ARG A 358 8.79 17.09 -16.30
CA ARG A 358 7.71 17.82 -16.92
C ARG A 358 6.39 17.35 -16.38
N ILE A 359 6.28 16.03 -16.21
CA ILE A 359 5.07 15.40 -15.73
C ILE A 359 4.70 15.78 -14.32
N CYS A 360 5.72 16.09 -13.53
CA CYS A 360 5.46 16.49 -12.16
C CYS A 360 4.93 17.92 -12.19
N CYS A 361 5.73 18.80 -12.76
CA CYS A 361 5.34 20.19 -12.85
C CYS A 361 3.97 20.30 -13.48
N GLY A 362 3.65 19.30 -14.30
CA GLY A 362 2.37 19.31 -14.98
C GLY A 362 1.19 18.92 -14.13
N MET A 363 1.45 18.62 -12.86
CA MET A 363 0.39 18.24 -11.96
C MET A 363 -0.17 19.45 -11.19
N SER A 364 0.68 20.45 -10.94
CA SER A 364 0.25 21.65 -10.23
C SER A 364 -0.43 22.55 -11.25
N PRO A 365 -1.34 23.41 -10.79
CA PRO A 365 -1.96 24.26 -11.82
C PRO A 365 -0.96 25.26 -12.31
N ASN A 366 -0.18 25.84 -11.42
CA ASN A 366 0.80 26.81 -11.86
C ASN A 366 1.71 26.17 -12.92
N GLY A 367 1.97 24.87 -12.78
CA GLY A 367 2.82 24.16 -13.73
C GLY A 367 2.12 23.94 -15.05
N ILE A 368 0.89 23.47 -15.00
CA ILE A 368 0.10 23.22 -16.21
C ILE A 368 0.11 24.45 -17.08
N TYR A 369 -0.09 25.62 -16.46
CA TYR A 369 -0.11 26.91 -17.13
C TYR A 369 1.22 27.16 -17.83
N LYS A 370 2.30 26.96 -17.09
CA LYS A 370 3.65 27.14 -17.63
C LYS A 370 3.86 26.25 -18.87
N ILE A 371 3.56 24.96 -18.74
CA ILE A 371 3.73 24.03 -19.85
C ILE A 371 2.82 24.42 -21.00
N SER A 372 1.58 24.78 -20.71
CA SER A 372 0.66 25.18 -21.79
C SER A 372 1.24 26.40 -22.50
N ARG A 373 1.87 27.29 -21.73
CA ARG A 373 2.46 28.48 -22.28
C ARG A 373 3.84 28.27 -22.97
N GLN A 374 4.42 27.09 -22.80
CA GLN A 374 5.70 26.82 -23.47
C GLN A 374 6.85 27.64 -22.91
N ALA A 375 6.68 28.18 -21.71
CA ALA A 375 7.79 28.91 -21.13
C ALA A 375 7.53 28.66 -19.67
N VAL A 376 8.18 27.64 -19.13
CA VAL A 376 7.99 27.33 -17.74
C VAL A 376 8.70 28.30 -16.80
N ILE A 377 9.99 28.53 -17.02
CA ILE A 377 10.79 29.43 -16.18
C ILE A 377 10.43 30.89 -16.43
N ALA A 378 9.79 31.13 -17.56
CA ALA A 378 9.43 32.49 -17.91
C ALA A 378 8.08 32.87 -17.33
N ALA A 379 7.13 31.95 -17.37
CA ALA A 379 5.80 32.27 -16.91
C ALA A 379 5.43 31.86 -15.50
N GLN A 380 4.26 32.32 -15.09
CA GLN A 380 3.72 31.99 -13.79
C GLN A 380 2.21 32.08 -13.87
N LEU A 381 1.52 31.33 -13.02
CA LEU A 381 0.07 31.37 -13.01
C LEU A 381 -0.34 32.63 -12.30
N PRO A 382 -0.80 33.63 -13.05
CA PRO A 382 -1.24 34.91 -12.51
C PRO A 382 -2.13 34.70 -11.29
N PHE A 383 -2.22 35.73 -10.45
CA PHE A 383 -3.05 35.69 -9.25
C PHE A 383 -4.42 36.34 -9.47
N ALA A 384 -4.53 37.20 -10.48
CA ALA A 384 -5.82 37.86 -10.73
C ALA A 384 -6.24 37.94 -12.19
N PHE A 385 -7.54 38.13 -12.41
CA PHE A 385 -8.08 38.22 -13.77
C PHE A 385 -8.54 39.62 -14.13
N THR A 386 -8.09 40.10 -15.27
CA THR A 386 -8.43 41.44 -15.75
C THR A 386 -9.65 41.29 -16.66
N THR A 387 -9.37 41.09 -17.94
CA THR A 387 -10.37 40.92 -18.99
C THR A 387 -9.84 39.83 -19.91
N LYS A 388 -10.72 39.09 -20.57
CA LYS A 388 -10.28 38.01 -21.44
C LYS A 388 -9.42 38.49 -22.62
N SER A 389 -9.01 39.76 -22.60
CA SER A 389 -8.20 40.32 -23.68
C SER A 389 -6.82 40.74 -23.17
N ASN A 390 -6.69 40.80 -21.85
CA ASN A 390 -5.44 41.17 -21.18
C ASN A 390 -4.73 39.92 -20.66
N TRP A 391 -5.45 38.80 -20.64
CA TRP A 391 -4.90 37.55 -20.18
C TRP A 391 -4.00 37.00 -21.27
N ARG A 392 -3.24 35.96 -20.94
CA ARG A 392 -2.34 35.34 -21.89
C ARG A 392 -2.24 33.87 -21.53
N GLY A 393 -2.08 33.00 -22.52
CA GLY A 393 -2.00 31.58 -22.23
C GLY A 393 -3.38 31.05 -21.86
N PRO A 394 -3.51 29.75 -21.50
CA PRO A 394 -4.75 29.05 -21.10
C PRO A 394 -5.66 29.68 -20.03
N LEU A 395 -6.95 29.80 -20.36
CA LEU A 395 -7.94 30.38 -19.46
C LEU A 395 -8.02 29.62 -18.16
N PRO A 396 -8.22 30.33 -17.03
CA PRO A 396 -8.31 29.73 -15.70
C PRO A 396 -9.28 28.55 -15.68
N ARG A 397 -10.35 28.68 -16.44
CA ARG A 397 -11.34 27.62 -16.49
C ARG A 397 -10.72 26.38 -17.15
N GLU A 398 -10.20 26.52 -18.37
CA GLU A 398 -9.60 25.40 -19.06
C GLU A 398 -8.54 24.70 -18.24
N ILE A 399 -7.52 25.45 -17.86
CA ILE A 399 -6.44 24.89 -17.07
C ILE A 399 -6.97 24.27 -15.79
N LEU A 400 -8.21 24.59 -15.43
CA LEU A 400 -8.81 24.03 -14.24
C LEU A 400 -9.39 22.68 -14.56
N GLY A 401 -10.28 22.64 -15.55
CA GLY A 401 -10.90 21.38 -15.92
C GLY A 401 -9.89 20.31 -16.33
N LEU A 402 -8.81 20.76 -16.97
CA LEU A 402 -7.75 19.87 -17.39
C LEU A 402 -7.14 19.31 -16.13
N PHE A 403 -7.02 20.16 -15.12
CA PHE A 403 -6.45 19.78 -13.82
C PHE A 403 -7.25 18.68 -13.12
N CYS A 404 -8.56 18.82 -13.10
CA CYS A 404 -9.40 17.83 -12.43
C CYS A 404 -9.43 16.48 -13.14
N HIS A 405 -9.64 16.48 -14.45
CA HIS A 405 -9.69 15.22 -15.18
C HIS A 405 -8.43 14.37 -15.03
N GLN A 406 -7.26 15.01 -14.99
CA GLN A 406 -5.99 14.29 -14.87
C GLN A 406 -5.78 13.83 -13.44
N HIS A 407 -6.61 14.39 -12.58
CA HIS A 407 -6.60 14.16 -11.14
C HIS A 407 -7.69 13.18 -10.68
N ARG A 408 -8.31 12.51 -11.65
CA ARG A 408 -9.38 11.55 -11.40
C ARG A 408 -10.61 12.26 -10.81
N LEU A 409 -10.92 13.44 -11.35
CA LEU A 409 -12.06 14.26 -10.88
C LEU A 409 -13.07 14.75 -11.96
N ALA A 410 -14.30 15.03 -11.50
CA ALA A 410 -15.46 15.48 -12.29
C ALA A 410 -15.40 16.93 -12.73
N GLU A 411 -15.89 17.24 -13.93
CA GLU A 411 -15.83 18.61 -14.37
C GLU A 411 -16.38 19.58 -13.32
N PRO A 412 -15.59 20.62 -12.98
CA PRO A 412 -16.01 21.61 -11.98
C PRO A 412 -17.38 22.23 -12.29
N ILE A 413 -18.22 22.33 -11.26
CA ILE A 413 -19.57 22.89 -11.38
C ILE A 413 -19.51 24.41 -11.14
N LEU A 414 -19.82 25.20 -12.15
CA LEU A 414 -19.76 26.65 -12.03
C LEU A 414 -21.14 27.29 -11.82
N SER A 415 -21.35 27.90 -10.65
CA SER A 415 -22.63 28.52 -10.32
C SER A 415 -22.73 30.01 -10.63
N SER A 416 -23.61 30.36 -11.57
CA SER A 416 -23.83 31.76 -11.91
C SER A 416 -25.06 32.23 -11.15
N SER A 417 -24.95 33.40 -10.52
CA SER A 417 -26.03 34.03 -9.77
C SER A 417 -26.26 35.45 -10.34
N THR A 418 -27.27 36.13 -9.84
CA THR A 418 -27.62 37.46 -10.33
C THR A 418 -27.25 38.59 -9.35
N GLU A 463 -19.59 32.45 -11.05
CA GLU A 463 -19.19 33.05 -9.78
C GLU A 463 -18.91 32.03 -8.69
N VAL A 464 -19.97 31.49 -8.10
CA VAL A 464 -19.81 30.48 -7.05
C VAL A 464 -19.38 29.16 -7.71
N LYS A 465 -18.14 28.76 -7.47
CA LYS A 465 -17.60 27.55 -8.09
C LYS A 465 -17.34 26.39 -7.13
N ILE A 466 -17.95 25.24 -7.43
CA ILE A 466 -17.81 24.07 -6.60
C ILE A 466 -17.00 22.96 -7.27
N PHE A 467 -16.34 22.16 -6.45
CA PHE A 467 -15.52 21.10 -6.97
C PHE A 467 -16.10 19.77 -6.61
N THR A 468 -16.28 18.91 -7.60
CA THR A 468 -16.84 17.63 -7.26
C THR A 468 -15.96 16.49 -7.71
N LYS A 469 -15.87 15.47 -6.86
CA LYS A 469 -15.14 14.29 -7.21
C LYS A 469 -15.89 13.16 -6.55
N SER A 470 -16.49 12.31 -7.39
CA SER A 470 -17.27 11.17 -6.93
C SER A 470 -18.27 11.46 -5.80
N GLN A 471 -19.13 12.46 -5.99
CA GLN A 471 -20.14 12.81 -4.98
C GLN A 471 -19.58 13.45 -3.73
N ASP A 472 -18.27 13.62 -3.66
CA ASP A 472 -17.67 14.24 -2.50
C ASP A 472 -17.24 15.66 -2.89
N LEU A 473 -17.49 16.62 -1.99
CA LEU A 473 -17.16 18.03 -2.21
C LEU A 473 -15.76 18.29 -1.62
N VAL A 474 -14.83 18.86 -2.39
CA VAL A 474 -13.50 19.09 -1.84
C VAL A 474 -13.04 20.54 -1.88
N LEU A 475 -13.82 21.36 -2.57
CA LEU A 475 -13.55 22.80 -2.67
C LEU A 475 -14.82 23.55 -3.10
N GLU A 476 -15.13 24.62 -2.36
CA GLU A 476 -16.30 25.46 -2.62
C GLU A 476 -15.84 26.92 -2.58
N CYS A 477 -16.09 27.67 -3.66
CA CYS A 477 -15.65 29.07 -3.71
C CYS A 477 -16.68 30.07 -4.26
N SER A 478 -16.57 31.32 -3.81
CA SER A 478 -17.45 32.42 -4.24
C SER A 478 -16.71 33.75 -4.19
N PRO A 479 -16.63 34.46 -5.33
CA PRO A 479 -15.96 35.77 -5.45
C PRO A 479 -16.93 36.92 -5.17
N ARG A 480 -16.43 37.98 -4.55
CA ARG A 480 -17.25 39.13 -4.18
C ARG A 480 -17.68 40.09 -5.29
N LYS A 481 -16.85 40.29 -6.30
CA LYS A 481 -17.26 41.21 -7.36
C LYS A 481 -17.92 40.45 -8.50
N PHE A 482 -19.04 41.00 -8.98
CA PHE A 482 -19.78 40.42 -10.08
C PHE A 482 -19.44 41.19 -11.35
N TYR A 483 -18.43 40.73 -12.06
CA TYR A 483 -18.04 41.38 -13.30
C TYR A 483 -19.24 41.23 -14.25
N GLU A 484 -19.40 42.16 -15.18
CA GLU A 484 -20.52 42.11 -16.11
C GLU A 484 -20.29 41.23 -17.33
N LYS A 485 -20.02 39.96 -17.08
CA LYS A 485 -19.76 39.05 -18.19
C LYS A 485 -19.78 37.63 -17.68
N GLU A 486 -20.41 36.75 -18.44
CA GLU A 486 -20.51 35.34 -18.07
C GLU A 486 -19.12 34.77 -17.84
N ASN A 487 -18.33 34.80 -18.90
CA ASN A 487 -16.99 34.26 -18.85
C ASN A 487 -16.09 34.86 -17.75
N ASP A 488 -16.04 36.20 -17.65
CA ASP A 488 -15.16 36.83 -16.67
C ASP A 488 -15.40 36.41 -15.22
N ALA A 489 -16.65 36.34 -14.80
CA ALA A 489 -16.88 35.95 -13.42
C ALA A 489 -16.47 34.49 -13.23
N ILE A 490 -16.67 33.71 -14.27
CA ILE A 490 -16.33 32.29 -14.26
C ILE A 490 -14.82 32.09 -14.18
N GLN A 491 -14.09 32.90 -14.96
CA GLN A 491 -12.63 32.83 -15.00
C GLN A 491 -11.96 33.31 -13.72
N ASN A 492 -12.56 34.29 -13.05
CA ASN A 492 -11.98 34.81 -11.82
C ASN A 492 -12.08 33.79 -10.68
N ALA A 493 -13.20 33.08 -10.64
CA ALA A 493 -13.44 32.05 -9.63
C ALA A 493 -12.49 30.90 -9.90
N SER A 494 -12.32 30.58 -11.18
CA SER A 494 -11.43 29.50 -11.59
C SER A 494 -9.98 29.77 -11.21
N LEU A 495 -9.59 31.03 -11.04
CA LEU A 495 -8.20 31.35 -10.66
C LEU A 495 -8.02 31.15 -9.17
N LYS A 496 -9.03 31.55 -8.40
CA LYS A 496 -8.99 31.41 -6.96
C LYS A 496 -8.83 29.93 -6.70
N ALA A 497 -9.70 29.14 -7.30
CA ALA A 497 -9.63 27.68 -7.15
C ALA A 497 -8.21 27.19 -7.46
N LEU A 498 -7.70 27.53 -8.64
CA LEU A 498 -6.36 27.12 -9.04
C LEU A 498 -5.25 27.56 -8.12
N LEU A 499 -5.43 28.69 -7.45
CA LEU A 499 -4.39 29.15 -6.54
C LEU A 499 -4.35 28.20 -5.37
N TRP A 500 -5.52 27.82 -4.89
CA TRP A 500 -5.62 26.90 -3.77
C TRP A 500 -4.90 25.58 -4.02
N PHE A 501 -5.29 24.87 -5.07
CA PHE A 501 -4.62 23.61 -5.31
C PHE A 501 -3.12 23.83 -5.43
N SER A 502 -2.70 24.96 -5.98
CA SER A 502 -1.27 25.26 -6.16
C SER A 502 -0.55 25.32 -4.81
N LYS A 503 -1.33 25.51 -3.75
CA LYS A 503 -0.74 25.57 -2.43
C LYS A 503 -0.39 24.20 -1.85
N PHE A 504 -0.89 23.14 -2.47
CA PHE A 504 -0.59 21.79 -1.99
C PHE A 504 0.77 21.24 -2.41
N PHE A 505 1.31 21.72 -3.54
CA PHE A 505 2.63 21.29 -4.01
C PHE A 505 3.49 22.54 -4.17
N ALA A 506 4.65 22.59 -3.52
CA ALA A 506 5.49 23.78 -3.55
C ALA A 506 6.14 24.20 -4.87
N ASP A 507 5.82 25.41 -5.29
CA ASP A 507 6.36 26.02 -6.50
C ASP A 507 6.13 27.52 -6.35
N LEU A 508 6.29 28.27 -7.44
CA LEU A 508 6.13 29.73 -7.47
C LEU A 508 7.41 30.42 -6.99
N SER A 543 16.08 34.98 -3.26
CA SER A 543 17.42 34.93 -3.82
C SER A 543 17.96 36.31 -4.21
N SER A 544 19.27 36.37 -4.47
CA SER A 544 19.93 37.62 -4.84
C SER A 544 20.15 37.74 -6.34
N GLU A 545 20.34 38.96 -6.82
CA GLU A 545 20.58 39.21 -8.23
C GLU A 545 21.69 40.22 -8.46
N SER A 546 22.18 40.26 -9.70
CA SER A 546 23.22 41.18 -10.13
C SER A 546 22.82 41.62 -11.54
N LYS A 547 22.98 42.90 -11.89
CA LYS A 547 22.56 43.37 -13.21
C LYS A 547 23.67 43.73 -14.22
N ASN A 548 23.32 43.68 -15.52
CA ASN A 548 24.24 43.98 -16.63
C ASN A 548 23.61 44.60 -17.89
N THR A 549 23.49 45.93 -17.88
CA THR A 549 22.92 46.73 -18.98
C THR A 549 21.39 46.81 -18.87
N SER A 560 8.12 52.38 -14.95
CA SER A 560 7.28 53.36 -15.63
C SER A 560 6.16 52.69 -16.43
N ILE A 561 6.22 51.35 -16.56
CA ILE A 561 5.19 50.60 -17.29
C ILE A 561 3.99 50.30 -16.39
N THR A 562 2.81 50.53 -16.96
CA THR A 562 1.53 50.40 -16.26
C THR A 562 0.78 49.06 -16.15
N ASN A 563 0.30 48.78 -14.93
CA ASN A 563 -0.47 47.57 -14.64
C ASN A 563 -1.72 47.62 -15.49
N GLY A 564 -1.89 46.61 -16.33
CA GLY A 564 -3.05 46.55 -17.21
C GLY A 564 -2.56 46.78 -18.64
N SER A 565 -1.28 46.52 -18.82
CA SER A 565 -0.63 46.66 -20.11
C SER A 565 0.04 45.34 -20.46
N VAL A 566 0.50 45.19 -21.69
CA VAL A 566 1.15 43.93 -22.07
C VAL A 566 2.51 44.16 -22.74
N VAL A 567 3.50 43.38 -22.31
CA VAL A 567 4.82 43.53 -22.85
C VAL A 567 5.17 42.36 -23.72
N SER A 568 5.86 42.62 -24.81
CA SER A 568 6.28 41.56 -25.72
C SER A 568 7.79 41.53 -25.65
N ILE A 569 8.32 40.57 -24.91
CA ILE A 569 9.77 40.46 -24.76
C ILE A 569 10.36 39.37 -25.63
N CYS A 570 11.68 39.32 -25.62
CA CYS A 570 12.44 38.28 -26.27
C CYS A 570 13.41 38.00 -25.15
N TYR A 571 13.34 36.82 -24.57
CA TYR A 571 14.22 36.50 -23.45
C TYR A 571 15.05 35.27 -23.73
N SER A 572 16.17 35.14 -23.04
CA SER A 572 17.04 33.99 -23.19
C SER A 572 17.61 33.67 -21.80
N LEU A 573 17.54 32.41 -21.42
CA LEU A 573 18.01 31.94 -20.12
C LEU A 573 19.17 30.97 -20.29
N SER A 574 20.21 31.08 -19.45
CA SER A 574 21.33 30.15 -19.55
C SER A 574 21.81 29.72 -18.17
N LEU A 575 22.18 28.45 -18.01
CA LEU A 575 22.69 27.96 -16.73
C LEU A 575 24.18 27.80 -16.90
N ALA A 576 24.93 28.34 -15.96
CA ALA A 576 26.39 28.27 -16.00
C ALA A 576 26.98 28.33 -14.62
N VAL A 577 28.26 27.99 -14.54
CA VAL A 577 28.97 27.97 -13.28
C VAL A 577 29.24 29.41 -12.86
N ASP A 578 28.94 29.72 -11.60
CA ASP A 578 29.15 31.03 -11.04
C ASP A 578 30.61 31.49 -11.22
N PRO A 579 30.84 32.60 -11.96
CA PRO A 579 32.23 33.05 -12.06
C PRO A 579 32.40 34.31 -11.20
N SER A 608 31.98 24.95 -21.92
CA SER A 608 31.38 23.72 -21.44
C SER A 608 30.55 23.92 -20.16
N SER A 609 30.55 25.15 -19.65
CA SER A 609 29.79 25.49 -18.44
C SER A 609 28.61 26.41 -18.75
N VAL A 610 28.61 27.02 -19.94
CA VAL A 610 27.55 27.92 -20.35
C VAL A 610 26.57 27.19 -21.29
N GLU A 611 25.44 26.77 -20.74
CA GLU A 611 24.44 26.07 -21.54
C GLU A 611 23.07 26.72 -21.62
N PRO A 612 22.50 26.85 -22.83
CA PRO A 612 21.17 27.47 -22.98
C PRO A 612 20.06 26.56 -22.51
N ILE A 613 19.18 27.12 -21.69
CA ILE A 613 18.07 26.35 -21.15
C ILE A 613 16.73 26.74 -21.73
N GLU A 614 16.44 28.03 -21.74
CA GLU A 614 15.17 28.46 -22.28
C GLU A 614 15.38 29.71 -23.09
N SER A 615 15.10 29.60 -24.38
CA SER A 615 15.23 30.71 -25.29
C SER A 615 13.81 30.98 -25.73
N ASN A 616 13.57 32.17 -26.26
CA ASN A 616 12.25 32.49 -26.78
C ASN A 616 12.33 33.79 -27.52
N GLU A 617 11.77 33.82 -28.71
CA GLU A 617 11.83 35.01 -29.54
C GLU A 617 10.75 36.05 -29.29
N GLU A 618 9.57 35.60 -28.86
CA GLU A 618 8.47 36.54 -28.66
C GLU A 618 7.40 35.97 -27.76
N ILE A 619 7.12 36.66 -26.67
CA ILE A 619 6.08 36.21 -25.74
C ILE A 619 5.50 37.43 -25.10
N GLU A 620 4.18 37.45 -24.96
CA GLU A 620 3.53 38.57 -24.34
C GLU A 620 3.16 38.27 -22.89
N PHE A 621 3.33 39.27 -22.03
CA PHE A 621 3.01 39.14 -20.61
C PHE A 621 2.12 40.26 -20.10
N GLU A 622 1.11 39.89 -19.34
CA GLU A 622 0.22 40.87 -18.74
C GLU A 622 1.08 41.46 -17.64
N VAL A 623 0.99 42.77 -17.42
CA VAL A 623 1.82 43.40 -16.40
C VAL A 623 1.03 43.77 -15.16
N GLY A 624 1.39 43.21 -14.01
CA GLY A 624 0.70 43.51 -12.76
C GLY A 624 -0.23 42.43 -12.24
N THR A 625 -0.19 41.28 -12.89
CA THR A 625 -1.02 40.14 -12.52
C THR A 625 -0.10 38.98 -12.15
N GLY A 626 1.19 39.28 -12.03
CA GLY A 626 2.17 38.25 -11.69
C GLY A 626 2.10 37.05 -12.61
N SER A 627 2.01 37.31 -13.91
CA SER A 627 1.92 36.27 -14.93
C SER A 627 3.27 35.84 -15.47
N MET A 628 4.32 36.36 -14.86
CA MET A 628 5.66 36.00 -15.28
C MET A 628 6.55 35.98 -14.06
N ASN A 629 7.69 35.30 -14.20
CA ASN A 629 8.65 35.20 -13.12
C ASN A 629 8.91 36.63 -12.62
N PRO A 630 8.79 36.86 -11.31
CA PRO A 630 8.99 38.18 -10.68
C PRO A 630 10.25 38.98 -11.09
N HIS A 631 11.43 38.35 -11.02
CA HIS A 631 12.68 39.03 -11.39
C HIS A 631 12.68 39.60 -12.81
N ILE A 632 12.06 38.86 -13.72
CA ILE A 632 11.97 39.30 -15.09
C ILE A 632 10.92 40.40 -15.18
N GLU A 633 9.94 40.39 -14.29
CA GLU A 633 8.91 41.43 -14.36
C GLU A 633 9.49 42.73 -13.88
N SER A 634 10.06 42.73 -12.68
CA SER A 634 10.65 43.95 -12.12
C SER A 634 11.73 44.50 -13.04
N GLU A 635 12.49 43.60 -13.66
CA GLU A 635 13.52 44.01 -14.58
C GLU A 635 12.93 44.77 -15.77
N VAL A 636 11.89 44.19 -16.36
CA VAL A 636 11.23 44.76 -17.54
C VAL A 636 10.52 46.07 -17.33
N THR A 637 9.82 46.24 -16.22
CA THR A 637 9.09 47.48 -15.97
C THR A 637 9.97 48.72 -15.93
N GLN A 638 11.29 48.54 -16.05
CA GLN A 638 12.22 49.66 -16.05
C GLN A 638 12.56 49.97 -17.50
N MET A 639 12.74 48.88 -18.23
CA MET A 639 13.11 48.90 -19.62
C MET A 639 12.13 49.64 -20.47
N THR A 640 12.62 50.09 -21.61
CA THR A 640 11.77 50.74 -22.55
C THR A 640 12.10 50.08 -23.88
N VAL A 641 11.16 50.19 -24.80
CA VAL A 641 11.28 49.47 -26.03
C VAL A 641 12.51 49.71 -26.87
N GLY A 642 13.27 48.62 -26.99
CA GLY A 642 14.50 48.55 -27.74
C GLY A 642 15.65 48.03 -26.89
N GLU A 643 15.51 48.14 -25.57
CA GLU A 643 16.55 47.73 -24.63
C GLU A 643 16.79 46.26 -24.39
N TYR A 644 18.05 45.94 -24.13
CA TYR A 644 18.46 44.59 -23.84
C TYR A 644 19.13 44.63 -22.50
N ALA A 645 18.50 44.07 -21.47
CA ALA A 645 19.08 44.05 -20.14
C ALA A 645 19.41 42.60 -19.83
N SER A 646 20.29 42.37 -18.85
CA SER A 646 20.62 41.01 -18.46
C SER A 646 20.99 40.98 -16.99
N PHE A 647 20.85 39.83 -16.36
CA PHE A 647 21.17 39.72 -14.95
C PHE A 647 21.16 38.26 -14.56
N LYS A 648 21.82 37.92 -13.47
CA LYS A 648 21.86 36.52 -13.08
C LYS A 648 21.45 36.30 -11.63
N MET A 649 21.10 35.05 -11.33
CA MET A 649 20.72 34.62 -9.99
C MET A 649 21.77 33.60 -9.58
N THR A 650 22.60 33.97 -8.61
CA THR A 650 23.64 33.05 -8.12
C THR A 650 22.89 31.84 -7.58
N PRO A 651 21.97 32.09 -6.64
CA PRO A 651 21.18 30.96 -6.16
C PRO A 651 20.06 30.94 -7.21
N PRO A 652 20.04 29.89 -8.02
CA PRO A 652 19.03 29.71 -9.08
C PRO A 652 17.61 29.83 -8.44
N ASP A 653 16.78 30.75 -8.93
CA ASP A 653 15.43 30.92 -8.39
C ASP A 653 14.49 29.83 -8.89
N ALA A 654 14.86 29.28 -10.02
CA ALA A 654 14.07 28.24 -10.63
C ALA A 654 14.21 26.97 -9.82
N ALA A 655 13.09 26.42 -9.37
CA ALA A 655 13.11 25.16 -8.65
C ALA A 655 13.70 24.18 -9.66
N GLU A 656 14.72 23.45 -9.25
CA GLU A 656 15.41 22.49 -10.11
C GLU A 656 14.48 21.59 -10.92
N ALA A 657 13.36 21.20 -10.34
CA ALA A 657 12.45 20.36 -11.09
C ALA A 657 12.03 21.09 -12.36
N LEU A 658 12.06 22.42 -12.31
CA LEU A 658 11.67 23.22 -13.47
C LEU A 658 12.85 23.36 -14.44
N ILE A 659 14.05 23.44 -13.89
CA ILE A 659 15.23 23.58 -14.74
C ILE A 659 15.46 22.29 -15.47
N LEU A 660 15.16 21.20 -14.78
CA LEU A 660 15.33 19.88 -15.37
C LEU A 660 14.24 19.62 -16.41
N ALA A 661 13.06 20.20 -16.20
CA ALA A 661 11.96 20.01 -17.13
C ALA A 661 12.21 20.74 -18.44
N VAL A 662 12.84 21.90 -18.37
CA VAL A 662 13.17 22.66 -19.57
C VAL A 662 14.36 22.18 -20.42
N GLY A 663 15.44 21.75 -19.75
CA GLY A 663 16.65 21.32 -20.42
C GLY A 663 16.93 19.91 -20.91
N SER A 664 17.20 19.82 -22.21
CA SER A 664 17.48 18.56 -22.93
C SER A 664 18.71 17.73 -22.54
N ASP A 665 19.87 18.36 -22.43
CA ASP A 665 21.06 17.59 -22.10
C ASP A 665 21.17 17.58 -20.57
N THR A 666 20.19 16.97 -19.95
CA THR A 666 20.09 16.88 -18.53
C THR A 666 21.29 16.38 -17.75
N VAL A 667 22.10 15.58 -18.40
CA VAL A 667 23.28 15.04 -17.72
C VAL A 667 24.26 16.18 -17.38
N ARG A 668 24.34 17.17 -18.27
CA ARG A 668 25.22 18.33 -18.10
C ARG A 668 24.58 19.31 -17.13
N ILE A 669 23.25 19.35 -17.12
CA ILE A 669 22.51 20.24 -16.23
C ILE A 669 22.66 19.69 -14.77
N ARG A 670 22.68 18.35 -14.64
CA ARG A 670 22.81 17.74 -13.32
C ARG A 670 24.19 18.05 -12.76
N SER A 671 25.22 17.97 -13.60
CA SER A 671 26.59 18.26 -13.16
C SER A 671 26.69 19.71 -12.61
N LEU A 672 26.30 20.69 -13.43
CA LEU A 672 26.36 22.10 -13.06
C LEU A 672 25.63 22.42 -11.77
N LEU A 673 24.60 21.65 -11.47
CA LEU A 673 23.85 21.90 -10.26
C LEU A 673 24.60 21.44 -8.99
N SER A 674 25.68 20.65 -9.13
CA SER A 674 26.44 20.20 -7.94
C SER A 674 27.44 21.30 -7.52
N GLU A 675 27.89 22.05 -8.50
CA GLU A 675 28.81 23.17 -8.30
C GLU A 675 27.97 24.43 -8.42
N ARG A 676 28.48 25.53 -7.87
CA ARG A 676 27.80 26.84 -7.89
C ARG A 676 27.20 27.15 -9.25
N PRO A 677 25.88 27.04 -9.35
CA PRO A 677 25.21 27.31 -10.62
C PRO A 677 24.42 28.61 -10.54
N CYS A 678 24.57 29.47 -11.54
CA CYS A 678 23.81 30.72 -11.56
C CYS A 678 22.93 30.70 -12.79
N LEU A 679 21.80 31.41 -12.75
CA LEU A 679 20.89 31.44 -13.89
C LEU A 679 20.91 32.83 -14.52
N ASN A 680 21.32 32.89 -15.79
CA ASN A 680 21.44 34.14 -16.52
C ASN A 680 20.21 34.51 -17.34
N TYR A 681 19.68 35.71 -17.10
CA TYR A 681 18.50 36.20 -17.83
C TYR A 681 18.90 37.30 -18.80
N ASN A 682 18.39 37.25 -20.04
CA ASN A 682 18.72 38.23 -21.07
C ASN A 682 17.48 38.70 -21.82
N ILE A 683 16.99 39.88 -21.45
CA ILE A 683 15.76 40.40 -22.04
C ILE A 683 15.89 41.57 -22.99
N LEU A 684 15.20 41.47 -24.11
CA LEU A 684 15.16 42.52 -25.11
C LEU A 684 13.70 42.87 -25.20
N LEU A 685 13.38 44.15 -25.00
CA LEU A 685 12.01 44.66 -25.05
C LEU A 685 11.53 44.91 -26.48
N LEU A 686 10.39 44.34 -26.85
CA LEU A 686 9.89 44.52 -28.20
C LEU A 686 8.71 45.46 -28.39
N GLY A 687 7.80 45.47 -27.42
CA GLY A 687 6.66 46.35 -27.57
C GLY A 687 5.86 46.41 -26.30
N VAL A 688 4.92 47.34 -26.26
CA VAL A 688 4.05 47.53 -25.10
C VAL A 688 2.67 47.99 -25.58
N LYS A 689 1.66 47.84 -24.74
CA LYS A 689 0.31 48.27 -25.06
C LYS A 689 -0.29 48.78 -23.77
N GLY A 690 -0.72 50.04 -23.77
CA GLY A 690 -1.29 50.68 -22.59
C GLY A 690 -2.40 49.95 -21.83
N PRO A 691 -3.18 50.68 -21.03
CA PRO A 691 -4.29 50.18 -20.21
C PRO A 691 -5.50 49.83 -21.05
N SER A 692 -6.33 48.96 -20.48
CA SER A 692 -7.51 48.48 -21.17
C SER A 692 -8.57 49.54 -21.40
N GLU A 693 -9.38 49.27 -22.40
CA GLU A 693 -10.44 50.15 -22.80
C GLU A 693 -11.81 49.49 -22.56
N GLU A 694 -12.38 49.78 -21.39
CA GLU A 694 -13.69 49.27 -21.00
C GLU A 694 -14.71 50.38 -21.06
N ARG A 695 -14.40 51.49 -20.38
CA ARG A 695 -15.26 52.65 -20.37
C ARG A 695 -15.46 53.13 -21.80
N MET A 696 -16.51 52.60 -22.44
CA MET A 696 -16.81 52.93 -23.84
C MET A 696 -17.94 53.94 -24.11
N GLU A 697 -19.04 53.85 -23.36
CA GLU A 697 -20.18 54.77 -23.56
C GLU A 697 -20.74 55.44 -22.31
N ALA A 698 -21.26 56.65 -22.49
CA ALA A 698 -21.81 57.44 -21.41
C ALA A 698 -22.89 58.41 -21.88
N ALA A 699 -23.82 58.75 -20.99
CA ALA A 699 -24.88 59.68 -21.31
C ALA A 699 -24.38 61.08 -20.95
N PHE A 700 -24.25 61.95 -21.94
CA PHE A 700 -23.76 63.30 -21.71
C PHE A 700 -24.83 64.35 -21.48
N PHE A 701 -25.81 64.43 -22.38
CA PHE A 701 -26.87 65.43 -22.25
C PHE A 701 -27.98 64.92 -21.35
N LYS A 702 -28.42 65.77 -20.42
CA LYS A 702 -29.47 65.38 -19.48
C LYS A 702 -30.47 64.53 -20.24
N PRO A 703 -31.40 65.16 -21.00
CA PRO A 703 -32.23 64.22 -21.74
C PRO A 703 -31.26 63.87 -22.86
N PRO A 704 -31.19 62.59 -23.19
CA PRO A 704 -30.30 62.08 -24.22
C PRO A 704 -30.47 62.79 -25.56
N LEU A 705 -29.34 63.20 -26.12
CA LEU A 705 -29.29 63.96 -27.37
C LEU A 705 -30.41 63.61 -28.32
N SER A 706 -30.43 62.36 -28.76
CA SER A 706 -31.43 61.87 -29.69
C SER A 706 -32.86 62.30 -29.35
N LYS A 707 -33.27 62.20 -28.08
CA LYS A 707 -34.64 62.58 -27.73
C LYS A 707 -34.90 64.08 -27.82
N GLN A 708 -33.91 64.89 -27.48
CA GLN A 708 -34.14 66.31 -27.59
C GLN A 708 -34.41 66.62 -29.04
N ARG A 709 -33.64 65.99 -29.93
CA ARG A 709 -33.79 66.19 -31.38
C ARG A 709 -35.20 65.83 -31.83
N VAL A 710 -35.75 64.76 -31.26
CA VAL A 710 -37.10 64.35 -31.62
C VAL A 710 -38.07 65.36 -31.06
N GLU A 711 -37.88 65.71 -29.79
CA GLU A 711 -38.74 66.68 -29.16
C GLU A 711 -38.78 67.94 -30.02
N TYR A 712 -37.61 68.50 -30.29
CA TYR A 712 -37.53 69.71 -31.08
C TYR A 712 -38.33 69.63 -32.37
N ALA A 713 -38.18 68.54 -33.11
CA ALA A 713 -38.91 68.41 -34.36
C ALA A 713 -40.40 68.21 -34.12
N LEU A 714 -40.79 67.74 -32.94
CA LEU A 714 -42.21 67.53 -32.62
C LEU A 714 -42.87 68.87 -32.36
N LYS A 715 -42.14 69.76 -31.66
CA LYS A 715 -42.67 71.09 -31.37
C LYS A 715 -43.13 71.69 -32.67
N HIS A 716 -42.26 71.70 -33.69
CA HIS A 716 -42.62 72.30 -34.99
C HIS A 716 -43.86 71.68 -35.63
N ILE A 717 -44.04 70.39 -35.40
CA ILE A 717 -45.22 69.69 -35.91
C ILE A 717 -46.52 70.17 -35.22
N ARG A 718 -46.51 70.42 -33.92
CA ARG A 718 -47.76 70.88 -33.30
C ARG A 718 -48.00 72.38 -33.46
N GLU A 719 -46.90 73.13 -33.45
CA GLU A 719 -46.88 74.61 -33.56
C GLU A 719 -47.49 75.04 -34.88
N SER A 720 -47.04 74.41 -35.96
CA SER A 720 -47.62 74.61 -37.28
C SER A 720 -48.41 73.31 -37.37
N SER A 721 -49.72 73.41 -37.54
CA SER A 721 -50.52 72.20 -37.63
C SER A 721 -50.57 71.77 -39.09
N ALA A 722 -50.46 70.47 -39.33
CA ALA A 722 -50.48 69.98 -40.70
C ALA A 722 -51.17 68.63 -40.81
N SER A 723 -51.05 68.03 -41.99
CA SER A 723 -51.65 66.74 -42.29
C SER A 723 -50.67 65.58 -42.56
N THR A 724 -50.04 65.60 -43.74
CA THR A 724 -49.09 64.55 -44.15
C THR A 724 -47.63 64.87 -43.77
N LEU A 725 -46.92 63.91 -43.18
CA LEU A 725 -45.51 64.10 -42.76
C LEU A 725 -44.59 63.03 -43.33
N VAL A 726 -43.44 63.43 -43.83
CA VAL A 726 -42.51 62.46 -44.35
C VAL A 726 -41.27 62.33 -43.47
N ASP A 727 -40.75 61.13 -43.35
CA ASP A 727 -39.57 60.92 -42.52
C ASP A 727 -38.36 60.39 -43.24
N PHE A 728 -37.76 61.24 -44.06
CA PHE A 728 -36.59 60.84 -44.80
C PHE A 728 -35.49 60.28 -43.91
N GLY A 729 -35.51 58.97 -43.73
CA GLY A 729 -34.49 58.33 -42.92
C GLY A 729 -34.99 57.82 -41.60
N CYS A 730 -36.30 57.63 -41.50
CA CYS A 730 -36.89 57.12 -40.26
C CYS A 730 -36.15 55.86 -39.83
N GLY A 731 -35.22 56.00 -38.90
CA GLY A 731 -34.47 54.83 -38.47
C GLY A 731 -35.31 53.62 -38.18
N SER A 732 -35.83 53.57 -36.97
CA SER A 732 -36.63 52.45 -36.58
C SER A 732 -37.97 52.97 -36.10
N GLY A 733 -38.21 54.25 -36.37
CA GLY A 733 -39.46 54.92 -36.02
C GLY A 733 -39.55 55.69 -34.71
N SER A 734 -38.42 56.14 -34.14
CA SER A 734 -38.46 56.89 -32.88
C SER A 734 -39.26 58.20 -33.03
N LEU A 735 -39.09 58.90 -34.15
CA LEU A 735 -39.86 60.13 -34.37
C LEU A 735 -41.33 59.71 -34.35
N LEU A 736 -41.64 58.68 -35.12
CA LEU A 736 -42.99 58.14 -35.22
C LEU A 736 -43.43 57.48 -33.94
N ASP A 737 -42.48 56.99 -33.16
CA ASP A 737 -42.85 56.37 -31.90
C ASP A 737 -43.41 57.47 -31.02
N SER A 738 -42.58 58.46 -30.68
CA SER A 738 -42.96 59.57 -29.82
C SER A 738 -44.16 60.35 -30.35
N LEU A 739 -44.21 60.48 -31.68
CA LEU A 739 -45.26 61.19 -32.37
C LEU A 739 -46.67 60.62 -32.19
N LEU A 740 -46.80 59.29 -32.16
CA LEU A 740 -48.10 58.63 -31.99
C LEU A 740 -48.45 58.33 -30.54
N ASP A 741 -47.65 58.84 -29.61
CA ASP A 741 -47.87 58.67 -28.17
C ASP A 741 -48.73 59.82 -27.68
N TYR A 742 -48.74 60.89 -28.44
CA TYR A 742 -49.52 62.08 -28.08
C TYR A 742 -50.48 62.49 -29.18
N PRO A 743 -51.73 62.83 -28.80
CA PRO A 743 -52.71 63.24 -29.79
C PRO A 743 -52.21 64.40 -30.65
N THR A 744 -51.74 64.12 -31.86
CA THR A 744 -51.26 65.18 -32.74
C THR A 744 -52.06 65.26 -34.02
N SER A 745 -52.43 66.50 -34.37
CA SER A 745 -53.24 66.81 -35.55
C SER A 745 -52.54 66.53 -36.87
N LEU A 746 -52.14 65.28 -37.04
CA LEU A 746 -51.47 64.80 -38.24
C LEU A 746 -52.51 63.89 -38.87
N GLN A 747 -52.47 63.76 -40.19
CA GLN A 747 -53.47 62.94 -40.85
C GLN A 747 -52.97 61.61 -41.40
N THR A 748 -51.83 61.66 -42.10
CA THR A 748 -51.23 60.47 -42.69
C THR A 748 -49.70 60.56 -42.58
N ILE A 749 -49.06 59.50 -42.10
CA ILE A 749 -47.59 59.50 -41.97
C ILE A 749 -46.88 58.59 -42.96
N ILE A 750 -45.62 58.91 -43.23
CA ILE A 750 -44.84 58.13 -44.17
C ILE A 750 -43.40 58.08 -43.75
N GLY A 751 -42.83 56.89 -43.78
CA GLY A 751 -41.44 56.77 -43.45
C GLY A 751 -40.68 56.23 -44.65
N VAL A 752 -39.46 56.69 -44.87
CA VAL A 752 -38.68 56.18 -45.99
C VAL A 752 -37.27 55.92 -45.50
N ASP A 753 -36.78 54.73 -45.81
CA ASP A 753 -35.44 54.36 -45.39
C ASP A 753 -34.94 53.29 -46.33
N ILE A 754 -33.62 53.17 -46.37
CA ILE A 754 -32.94 52.22 -47.23
C ILE A 754 -32.43 51.04 -46.40
N SER A 755 -32.71 51.05 -45.09
CA SER A 755 -32.28 49.95 -44.22
C SER A 755 -33.40 48.94 -43.93
N PRO A 756 -33.29 47.71 -44.50
CA PRO A 756 -34.33 46.71 -44.27
C PRO A 756 -34.42 46.31 -42.80
N LYS A 757 -33.27 46.22 -42.14
CA LYS A 757 -33.28 45.83 -40.73
C LYS A 757 -33.95 46.89 -39.86
N GLY A 758 -33.92 48.14 -40.34
CA GLY A 758 -34.52 49.23 -39.59
C GLY A 758 -36.01 49.37 -39.84
N LEU A 759 -36.40 49.22 -41.10
CA LEU A 759 -37.80 49.32 -41.46
C LEU A 759 -38.62 48.22 -40.78
N ALA A 760 -37.97 47.14 -40.41
CA ALA A 760 -38.65 46.03 -39.76
C ALA A 760 -39.01 46.38 -38.32
N ARG A 761 -38.04 46.89 -37.57
CA ARG A 761 -38.28 47.27 -36.18
C ARG A 761 -39.39 48.32 -36.07
N ALA A 762 -39.45 49.19 -37.07
CA ALA A 762 -40.44 50.26 -37.09
C ALA A 762 -41.86 49.81 -37.39
N ALA A 763 -42.02 48.97 -38.41
CA ALA A 763 -43.34 48.49 -38.78
C ALA A 763 -43.96 47.76 -37.63
N LYS A 764 -43.16 47.02 -36.86
CA LYS A 764 -43.70 46.28 -35.72
C LYS A 764 -44.17 47.25 -34.64
N MET A 765 -43.44 48.35 -34.49
CA MET A 765 -43.76 49.38 -33.50
C MET A 765 -45.01 50.16 -33.87
N LEU A 766 -45.19 50.40 -35.17
CA LEU A 766 -46.34 51.11 -35.72
C LEU A 766 -47.57 50.24 -35.62
N HIS A 767 -47.35 48.94 -35.65
CA HIS A 767 -48.44 48.00 -35.56
C HIS A 767 -49.02 48.02 -34.15
N VAL A 768 -48.15 48.14 -33.16
CA VAL A 768 -48.60 48.20 -31.78
C VAL A 768 -49.11 49.60 -31.42
N LYS A 769 -48.45 50.63 -31.92
CA LYS A 769 -48.82 52.02 -31.64
C LYS A 769 -50.12 52.51 -32.28
N LEU A 770 -50.51 51.94 -33.40
CA LEU A 770 -51.74 52.35 -34.07
C LEU A 770 -52.93 51.53 -33.55
N ASN A 771 -52.63 50.52 -32.72
CA ASN A 771 -53.65 49.66 -32.11
C ASN A 771 -54.29 50.37 -30.91
N LYS A 772 -53.47 51.07 -30.12
CA LYS A 772 -54.01 51.86 -29.02
C LYS A 772 -54.80 52.85 -29.89
N GLU A 773 -55.74 53.60 -29.34
CA GLU A 773 -56.48 54.50 -30.20
C GLU A 773 -55.59 55.56 -30.88
N ALA A 774 -55.33 55.34 -32.18
CA ALA A 774 -54.52 56.25 -33.01
C ALA A 774 -55.30 57.54 -33.08
N CYS A 775 -55.02 58.38 -32.10
CA CYS A 775 -55.70 59.64 -31.95
C CYS A 775 -56.13 60.34 -33.24
N ASN A 776 -55.23 60.44 -34.22
CA ASN A 776 -55.54 61.16 -35.47
C ASN A 776 -55.13 60.56 -36.80
N VAL A 777 -54.29 59.52 -36.80
CA VAL A 777 -53.81 58.95 -38.06
C VAL A 777 -54.74 58.03 -38.82
N LYS A 778 -54.64 58.06 -40.15
CA LYS A 778 -55.48 57.23 -41.00
C LYS A 778 -54.77 56.47 -42.12
N SER A 779 -53.47 56.70 -42.29
CA SER A 779 -52.73 55.96 -43.29
C SER A 779 -51.22 56.08 -43.09
N ALA A 780 -50.69 55.16 -42.30
CA ALA A 780 -49.27 55.10 -42.00
C ALA A 780 -48.65 54.25 -43.11
N THR A 781 -47.42 54.58 -43.50
CA THR A 781 -46.75 53.86 -44.57
C THR A 781 -45.22 53.87 -44.46
N LEU A 782 -44.57 52.74 -44.76
CA LEU A 782 -43.10 52.64 -44.72
C LEU A 782 -42.46 52.18 -46.04
N TYR A 783 -41.67 53.05 -46.66
CA TYR A 783 -41.04 52.69 -47.92
C TYR A 783 -39.57 52.35 -47.80
N ASP A 784 -39.16 51.25 -48.43
CA ASP A 784 -37.75 50.88 -48.46
C ASP A 784 -37.27 51.56 -49.73
N GLY A 785 -36.57 52.69 -49.58
CA GLY A 785 -36.08 53.42 -50.72
C GLY A 785 -34.98 54.41 -50.38
N SER A 786 -34.35 54.97 -51.41
CA SER A 786 -33.29 55.94 -51.23
C SER A 786 -33.83 57.36 -51.34
N ILE A 787 -33.73 58.14 -50.27
CA ILE A 787 -34.22 59.51 -50.28
C ILE A 787 -33.54 60.34 -51.35
N LEU A 788 -32.52 59.76 -51.97
CA LEU A 788 -31.82 60.44 -53.05
C LEU A 788 -32.61 60.16 -54.31
N GLU A 789 -33.80 59.60 -54.15
CA GLU A 789 -34.63 59.25 -55.28
C GLU A 789 -36.05 59.71 -55.19
N PHE A 790 -36.57 60.15 -56.34
CA PHE A 790 -37.93 60.65 -56.41
C PHE A 790 -38.98 59.57 -56.61
N ASP A 791 -40.04 59.65 -55.82
CA ASP A 791 -41.13 58.71 -55.92
C ASP A 791 -42.41 59.50 -55.87
N SER A 792 -43.18 59.45 -56.95
CA SER A 792 -44.42 60.21 -57.05
C SER A 792 -45.46 59.92 -55.99
N ARG A 793 -45.34 58.80 -55.31
CA ARG A 793 -46.34 58.43 -54.31
C ARG A 793 -46.38 59.37 -53.14
N LEU A 794 -45.25 60.02 -52.89
CA LEU A 794 -45.16 60.97 -51.80
C LEU A 794 -45.32 62.37 -52.37
N HIS A 795 -46.51 62.91 -52.28
CA HIS A 795 -46.71 64.26 -52.78
C HIS A 795 -47.58 64.92 -51.74
N ASP A 796 -47.72 66.24 -51.85
CA ASP A 796 -48.53 67.01 -50.92
C ASP A 796 -47.96 66.93 -49.50
N VAL A 797 -46.64 66.80 -49.41
CA VAL A 797 -46.00 66.74 -48.10
C VAL A 797 -46.08 68.07 -47.43
N ASP A 798 -46.61 68.10 -46.22
CA ASP A 798 -46.61 69.37 -45.54
C ASP A 798 -45.33 69.45 -44.70
N ILE A 799 -45.22 68.68 -43.62
CA ILE A 799 -43.99 68.72 -42.82
C ILE A 799 -43.01 67.66 -43.33
N GLY A 800 -41.75 68.06 -43.38
CA GLY A 800 -40.70 67.18 -43.88
C GLY A 800 -39.53 66.95 -42.95
N THR A 801 -39.42 65.72 -42.48
CA THR A 801 -38.34 65.38 -41.60
C THR A 801 -37.19 64.64 -42.26
N CYS A 802 -36.00 65.03 -41.86
CA CYS A 802 -34.78 64.43 -42.32
C CYS A 802 -33.79 64.67 -41.18
N LEU A 803 -34.02 63.97 -40.08
CA LEU A 803 -33.20 64.11 -38.90
C LEU A 803 -31.84 63.48 -38.96
N GLU A 804 -30.87 64.31 -39.32
CA GLU A 804 -29.46 63.95 -39.41
C GLU A 804 -29.05 62.77 -40.31
N VAL A 805 -29.77 62.57 -41.39
CA VAL A 805 -29.44 61.50 -42.30
C VAL A 805 -28.42 61.97 -43.34
N ILE A 806 -28.53 63.22 -43.77
CA ILE A 806 -27.67 63.75 -44.82
C ILE A 806 -26.21 63.48 -44.60
N GLU A 807 -25.76 63.66 -43.36
CA GLU A 807 -24.38 63.44 -42.99
C GLU A 807 -23.91 62.02 -43.12
N HIS A 808 -24.85 61.11 -43.39
CA HIS A 808 -24.59 59.68 -43.56
C HIS A 808 -24.22 59.31 -44.99
N MET A 809 -24.40 60.25 -45.90
CA MET A 809 -24.09 60.04 -47.31
C MET A 809 -23.08 61.09 -47.81
N GLU A 810 -22.79 61.10 -49.12
CA GLU A 810 -21.78 62.04 -49.67
C GLU A 810 -22.12 63.51 -49.60
N GLU A 811 -21.09 64.33 -49.70
CA GLU A 811 -21.33 65.75 -49.63
C GLU A 811 -22.10 66.26 -50.84
N ASP A 812 -22.11 65.49 -51.92
CA ASP A 812 -22.83 65.90 -53.12
C ASP A 812 -24.20 65.30 -52.99
N GLN A 813 -24.24 64.10 -52.40
CA GLN A 813 -25.48 63.38 -52.18
C GLN A 813 -26.30 64.23 -51.22
N ALA A 814 -25.61 65.05 -50.44
CA ALA A 814 -26.31 65.91 -49.52
C ALA A 814 -26.94 67.00 -50.37
N CYS A 815 -26.17 67.54 -51.30
CA CYS A 815 -26.69 68.61 -52.14
C CYS A 815 -27.80 68.13 -53.09
N GLU A 816 -27.58 66.97 -53.70
CA GLU A 816 -28.56 66.39 -54.62
C GLU A 816 -29.88 66.11 -53.89
N PHE A 817 -29.78 65.63 -52.66
CA PHE A 817 -30.96 65.36 -51.84
C PHE A 817 -31.67 66.67 -51.57
N GLY A 818 -30.90 67.68 -51.19
CA GLY A 818 -31.47 69.00 -50.93
C GLY A 818 -32.22 69.41 -52.18
N GLU A 819 -31.51 69.45 -53.30
CA GLU A 819 -32.08 69.83 -54.60
C GLU A 819 -33.43 69.16 -54.90
N LYS A 820 -33.47 67.85 -54.79
CA LYS A 820 -34.69 67.13 -55.09
C LYS A 820 -35.82 67.35 -54.10
N VAL A 821 -35.51 67.33 -52.80
CA VAL A 821 -36.56 67.49 -51.79
C VAL A 821 -37.30 68.80 -51.89
N LEU A 822 -36.53 69.87 -52.05
CA LEU A 822 -37.09 71.21 -52.16
C LEU A 822 -37.82 71.46 -53.48
N SER A 823 -37.21 71.04 -54.59
CA SER A 823 -37.77 71.23 -55.93
C SER A 823 -38.87 70.28 -56.38
N LEU A 824 -38.70 69.00 -56.08
CA LEU A 824 -39.65 67.98 -56.48
C LEU A 824 -40.80 67.70 -55.53
N PHE A 825 -40.50 67.50 -54.26
CA PHE A 825 -41.58 67.20 -53.34
C PHE A 825 -42.37 68.38 -52.86
N HIS A 826 -41.74 69.55 -52.81
CA HIS A 826 -42.33 70.79 -52.36
C HIS A 826 -42.80 70.72 -50.90
N PRO A 827 -41.94 70.29 -49.93
CA PRO A 827 -42.60 70.31 -48.61
C PRO A 827 -42.90 71.71 -48.09
N LYS A 828 -44.06 71.90 -47.48
CA LYS A 828 -44.40 73.21 -46.95
C LYS A 828 -43.42 73.60 -45.86
N LEU A 829 -42.95 72.60 -45.12
CA LEU A 829 -41.98 72.85 -44.08
C LEU A 829 -40.96 71.69 -44.12
N LEU A 830 -39.69 71.98 -43.84
CA LEU A 830 -38.68 70.92 -43.84
C LEU A 830 -37.71 71.13 -42.70
N ILE A 831 -37.46 70.08 -41.93
CA ILE A 831 -36.54 70.15 -40.79
C ILE A 831 -35.34 69.22 -40.97
N VAL A 832 -34.14 69.79 -40.98
CA VAL A 832 -32.90 69.03 -41.18
C VAL A 832 -31.99 69.15 -39.97
N SER A 833 -31.43 68.04 -39.54
CA SER A 833 -30.54 68.11 -38.40
C SER A 833 -29.24 67.47 -38.84
N THR A 834 -28.16 67.89 -38.22
CA THR A 834 -26.82 67.36 -38.49
C THR A 834 -26.07 68.10 -37.43
N PRO A 835 -25.27 67.34 -36.71
CA PRO A 835 -24.52 67.95 -35.61
C PRO A 835 -23.44 68.95 -35.94
N ASN A 836 -23.25 69.88 -35.01
CA ASN A 836 -22.24 70.91 -35.10
C ASN A 836 -20.92 70.21 -34.76
N TYR A 837 -19.99 70.22 -35.71
CA TYR A 837 -18.66 69.57 -35.59
C TYR A 837 -17.79 70.10 -34.45
N GLU A 838 -17.86 71.41 -34.22
CA GLU A 838 -17.06 72.03 -33.18
C GLU A 838 -17.37 71.45 -31.80
N PHE A 839 -18.56 70.88 -31.63
CA PHE A 839 -18.91 70.31 -30.34
C PHE A 839 -18.08 69.05 -30.02
N ASN A 840 -17.72 68.24 -31.01
CA ASN A 840 -16.93 67.00 -30.80
C ASN A 840 -15.67 67.16 -29.94
N THR A 841 -15.20 68.39 -29.77
CA THR A 841 -14.00 68.62 -28.98
C THR A 841 -14.34 68.56 -27.49
N ILE A 842 -15.61 68.76 -27.19
CA ILE A 842 -16.07 68.70 -25.81
C ILE A 842 -16.34 67.22 -25.46
N LEU A 843 -16.98 66.49 -26.37
CA LEU A 843 -17.29 65.08 -26.12
C LEU A 843 -16.05 64.18 -26.11
N GLN A 844 -14.96 64.58 -26.77
CA GLN A 844 -13.80 63.72 -26.76
C GLN A 844 -13.22 63.72 -25.35
N ARG A 845 -13.53 64.77 -24.59
CA ARG A 845 -13.05 64.87 -23.21
C ARG A 845 -13.65 63.81 -22.24
N SER A 846 -13.15 62.58 -22.38
CA SER A 846 -13.45 61.39 -21.56
C SER A 846 -13.13 60.10 -22.30
N GLN A 859 -11.01 60.09 -42.03
CA GLN A 859 -11.65 60.92 -43.03
C GLN A 859 -11.50 62.32 -42.52
N LEU A 860 -11.59 62.38 -41.23
CA LEU A 860 -11.39 63.59 -40.56
C LEU A 860 -11.07 63.06 -39.20
N PRO A 861 -10.44 63.91 -38.41
CA PRO A 861 -10.11 63.49 -37.05
C PRO A 861 -11.24 64.06 -36.17
N LYS A 862 -11.46 63.45 -35.02
CA LYS A 862 -12.54 63.90 -34.11
C LYS A 862 -13.96 63.67 -34.70
N PHE A 863 -14.21 62.45 -35.23
CA PHE A 863 -15.50 62.04 -35.86
C PHE A 863 -16.40 61.23 -34.90
N ARG A 864 -17.72 61.36 -35.02
CA ARG A 864 -18.67 60.63 -34.14
C ARG A 864 -18.93 59.13 -34.50
N ASN A 865 -19.52 58.85 -35.68
CA ASN A 865 -19.85 57.47 -36.17
C ASN A 865 -18.82 56.87 -37.15
N HIS A 866 -18.82 55.56 -37.33
CA HIS A 866 -17.88 54.98 -38.30
C HIS A 866 -18.67 54.88 -39.59
N ASP A 867 -19.72 55.68 -39.68
CA ASP A 867 -20.58 55.68 -40.86
C ASP A 867 -20.72 57.07 -41.49
N HIS A 868 -20.54 58.12 -40.70
CA HIS A 868 -20.67 59.47 -41.22
C HIS A 868 -19.62 59.74 -42.29
N LYS A 869 -20.06 60.15 -43.47
CA LYS A 869 -19.15 60.45 -44.59
C LYS A 869 -18.43 61.76 -44.33
N PHE A 870 -19.08 62.64 -43.57
CA PHE A 870 -18.51 63.95 -43.25
C PHE A 870 -19.22 64.53 -42.03
N GLU A 871 -18.78 65.70 -41.60
CA GLU A 871 -19.40 66.36 -40.46
C GLU A 871 -19.15 67.85 -40.63
N TRP A 872 -20.16 68.65 -40.36
CA TRP A 872 -19.97 70.06 -40.55
C TRP A 872 -19.88 71.00 -39.35
N THR A 873 -19.26 72.14 -39.62
CA THR A 873 -19.09 73.21 -38.66
C THR A 873 -20.41 73.98 -38.76
N ARG A 874 -20.60 74.95 -37.88
CA ARG A 874 -21.84 75.71 -37.94
C ARG A 874 -21.84 76.60 -39.19
N GLU A 875 -20.65 76.94 -39.67
CA GLU A 875 -20.54 77.80 -40.83
C GLU A 875 -20.66 77.01 -42.11
N GLN A 876 -20.25 75.76 -42.07
CA GLN A 876 -20.34 74.88 -43.23
C GLN A 876 -21.81 74.61 -43.50
N PHE A 877 -22.50 74.16 -42.46
CA PHE A 877 -23.92 73.85 -42.50
C PHE A 877 -24.72 75.06 -42.93
N ASN A 878 -24.52 76.15 -42.20
CA ASN A 878 -25.22 77.39 -42.46
C ASN A 878 -25.10 77.80 -43.93
N GLN A 879 -23.91 77.65 -44.51
CA GLN A 879 -23.67 78.00 -45.91
C GLN A 879 -24.49 77.11 -46.83
N TRP A 880 -24.24 75.81 -46.78
CA TRP A 880 -24.99 74.86 -47.60
C TRP A 880 -26.50 75.18 -47.44
N ALA A 881 -26.93 75.20 -46.19
CA ALA A 881 -28.31 75.47 -45.85
C ALA A 881 -28.88 76.68 -46.58
N SER A 882 -28.28 77.84 -46.38
CA SER A 882 -28.78 79.05 -47.01
C SER A 882 -28.65 79.13 -48.52
N LYS A 883 -27.69 78.40 -49.09
CA LYS A 883 -27.52 78.44 -50.55
C LYS A 883 -28.75 77.76 -51.11
N LEU A 884 -29.00 76.56 -50.59
CA LEU A 884 -30.13 75.77 -51.03
C LEU A 884 -31.44 76.53 -50.82
N GLY A 885 -31.57 77.18 -49.66
CA GLY A 885 -32.78 77.93 -49.35
C GLY A 885 -33.12 79.00 -50.36
N LYS A 886 -32.17 79.89 -50.62
CA LYS A 886 -32.34 81.00 -51.57
C LYS A 886 -32.58 80.51 -52.97
N ARG A 887 -31.80 79.54 -53.39
CA ARG A 887 -31.94 79.02 -54.74
C ARG A 887 -33.29 78.32 -54.97
N HIS A 888 -34.06 78.06 -53.90
CA HIS A 888 -35.37 77.39 -54.06
C HIS A 888 -36.59 78.07 -53.39
N ASN A 889 -36.43 79.32 -52.98
CA ASN A 889 -37.50 80.13 -52.35
C ASN A 889 -37.90 79.69 -50.95
N TYR A 890 -36.93 79.28 -50.15
CA TYR A 890 -37.28 78.85 -48.82
C TYR A 890 -36.74 79.76 -47.73
N SER A 891 -37.47 79.82 -46.63
CA SER A 891 -37.10 80.63 -45.47
C SER A 891 -36.35 79.72 -44.51
N VAL A 892 -35.09 80.02 -44.25
CA VAL A 892 -34.29 79.19 -43.38
C VAL A 892 -33.90 79.80 -42.05
N GLU A 893 -34.22 79.10 -40.98
CA GLU A 893 -33.80 79.59 -39.66
C GLU A 893 -33.01 78.44 -39.01
N PHE A 894 -31.98 78.81 -38.27
CA PHE A 894 -31.11 77.83 -37.63
C PHE A 894 -31.21 77.80 -36.12
N SER A 895 -31.13 76.59 -35.58
CA SER A 895 -31.09 76.34 -34.13
C SER A 895 -30.69 74.88 -33.94
N GLY A 896 -30.35 74.54 -32.71
CA GLY A 896 -29.95 73.20 -32.40
C GLY A 896 -30.45 72.66 -31.07
N VAL A 897 -29.97 71.47 -30.74
CA VAL A 897 -30.29 70.75 -29.51
C VAL A 897 -28.96 70.49 -28.82
N GLY A 898 -28.95 70.44 -27.50
CA GLY A 898 -27.70 70.21 -26.79
C GLY A 898 -27.35 71.30 -25.80
N GLY A 899 -26.51 72.25 -26.23
CA GLY A 899 -26.16 73.35 -25.36
C GLY A 899 -27.10 74.48 -25.74
N SER A 900 -26.56 75.66 -26.06
CA SER A 900 -27.40 76.76 -26.52
C SER A 900 -26.62 77.61 -27.51
N GLY A 901 -27.33 78.38 -28.32
CA GLY A 901 -26.69 79.21 -29.34
C GLY A 901 -25.75 80.26 -28.81
N GLU A 902 -25.83 80.55 -27.51
CA GLU A 902 -24.98 81.56 -26.89
C GLU A 902 -23.58 81.02 -26.55
N VAL A 903 -23.50 80.10 -25.60
CA VAL A 903 -22.21 79.52 -25.22
C VAL A 903 -21.47 79.15 -26.53
N GLU A 904 -20.27 79.69 -26.70
CA GLU A 904 -19.48 79.50 -27.90
C GLU A 904 -19.41 78.15 -28.59
N PRO A 905 -19.38 77.05 -27.82
CA PRO A 905 -19.33 75.78 -28.56
C PRO A 905 -20.38 75.69 -29.69
N GLY A 906 -21.52 76.35 -29.47
CA GLY A 906 -22.61 76.35 -30.43
C GLY A 906 -23.54 75.24 -29.99
N PHE A 907 -24.56 74.92 -30.76
CA PHE A 907 -25.44 73.82 -30.35
C PHE A 907 -24.72 72.52 -30.64
N ALA A 908 -25.05 71.48 -29.89
CA ALA A 908 -24.41 70.18 -30.06
C ALA A 908 -24.81 69.51 -31.36
N SER A 909 -25.99 69.86 -31.84
CA SER A 909 -26.52 69.31 -33.08
C SER A 909 -27.28 70.44 -33.75
N GLN A 910 -26.99 70.66 -35.03
CA GLN A 910 -27.60 71.75 -35.82
C GLN A 910 -28.99 71.42 -36.39
N ILE A 911 -29.79 72.45 -36.63
CA ILE A 911 -31.13 72.23 -37.15
C ILE A 911 -31.52 73.38 -38.06
N ALA A 912 -32.02 73.06 -39.24
CA ALA A 912 -32.43 74.11 -40.16
C ALA A 912 -33.89 73.94 -40.53
N ILE A 913 -34.68 74.99 -40.33
CA ILE A 913 -36.09 74.89 -40.67
C ILE A 913 -36.36 75.61 -41.99
N PHE A 914 -36.64 74.83 -43.02
CA PHE A 914 -36.94 75.39 -44.34
C PHE A 914 -38.42 75.64 -44.40
N ARG A 915 -38.79 76.88 -44.71
CA ARG A 915 -40.18 77.26 -44.78
C ARG A 915 -40.53 77.73 -46.19
N ARG A 916 -41.57 77.14 -46.75
CA ARG A 916 -42.00 77.50 -48.10
C ARG A 916 -42.63 78.89 -48.13
N GLU A 917 -42.00 79.79 -48.90
CA GLU A 917 -42.46 81.17 -49.04
C GLU A 917 -43.30 81.42 -50.30
N ALA A 918 -43.10 80.59 -51.32
CA ALA A 918 -43.87 80.69 -52.56
C ALA A 918 -45.31 80.19 -52.35
N SER A 919 -45.63 79.78 -51.11
CA SER A 919 -46.97 79.28 -50.76
C SER A 919 -47.71 80.26 -49.85
N ALA A 925 -44.99 70.30 -63.09
CA ALA A 925 -43.78 69.62 -63.56
C ALA A 925 -43.52 68.32 -62.79
N GLU A 926 -44.38 67.32 -63.01
CA GLU A 926 -44.24 66.02 -62.36
C GLU A 926 -44.79 64.85 -63.22
N SER A 927 -44.14 63.70 -63.09
CA SER A 927 -44.52 62.47 -63.81
C SER A 927 -44.48 61.32 -62.78
N SER A 928 -44.98 60.15 -63.15
CA SER A 928 -45.01 59.02 -62.22
C SER A 928 -43.91 57.96 -62.36
N MET A 929 -43.24 57.69 -61.24
CA MET A 929 -42.17 56.70 -61.13
C MET A 929 -42.16 56.30 -59.66
N GLN A 930 -42.32 55.01 -59.40
CA GLN A 930 -42.39 54.44 -58.06
C GLN A 930 -41.24 53.53 -57.65
N PRO A 931 -40.00 54.04 -57.71
CA PRO A 931 -38.77 53.31 -57.35
C PRO A 931 -38.84 52.53 -56.04
N TYR A 932 -39.38 53.20 -55.01
CA TYR A 932 -39.47 52.61 -53.69
C TYR A 932 -40.19 51.27 -53.69
N LYS A 933 -40.38 50.73 -52.49
CA LYS A 933 -41.05 49.45 -52.29
C LYS A 933 -41.83 49.46 -50.95
N VAL A 934 -43.15 49.60 -51.00
CA VAL A 934 -43.94 49.61 -49.77
C VAL A 934 -43.73 48.32 -48.99
N ILE A 935 -42.99 48.40 -47.89
CA ILE A 935 -42.74 47.21 -47.09
C ILE A 935 -43.82 47.00 -46.03
N TRP A 936 -44.53 48.06 -45.68
CA TRP A 936 -45.62 47.95 -44.70
C TRP A 936 -46.65 49.02 -45.00
N GLU A 937 -47.92 48.71 -44.79
CA GLU A 937 -48.98 49.69 -45.06
C GLU A 937 -50.10 49.51 -44.08
N TRP A 938 -50.98 50.50 -43.99
CA TRP A 938 -52.08 50.39 -43.06
C TRP A 938 -53.01 51.56 -43.30
N LYS A 939 -54.30 51.30 -43.28
CA LYS A 939 -55.27 52.36 -43.48
C LYS A 939 -56.55 52.00 -42.77
N LYS A 940 -56.97 52.83 -41.82
CA LYS A 940 -58.19 52.61 -41.07
C LYS A 940 -59.34 52.36 -42.05
N GLU A 941 -60.14 51.33 -41.78
CA GLU A 941 -61.28 50.97 -42.64
C GLU A 941 -62.56 50.98 -41.81
N HIS D 15 11.17 -46.15 18.53
CA HIS D 15 12.31 -47.07 18.76
C HIS D 15 11.94 -48.13 19.80
N THR D 16 12.90 -48.50 20.65
CA THR D 16 12.69 -49.52 21.69
C THR D 16 11.65 -49.06 22.72
N PRO D 17 10.53 -49.80 22.82
CA PRO D 17 9.45 -49.50 23.77
C PRO D 17 9.99 -49.03 25.11
N THR D 18 10.89 -49.82 25.67
CA THR D 18 11.48 -49.47 26.96
C THR D 18 12.98 -49.79 27.04
N PRO D 19 13.75 -48.90 27.68
CA PRO D 19 15.19 -49.08 27.83
C PRO D 19 15.49 -50.02 29.00
N LYS D 20 16.67 -50.61 28.94
CA LYS D 20 17.07 -51.53 29.98
C LYS D 20 16.76 -51.04 31.40
N ALA D 21 16.75 -49.73 31.62
CA ALA D 21 16.50 -49.19 32.96
C ALA D 21 15.05 -49.24 33.47
N ILE D 22 14.07 -49.45 32.58
CA ILE D 22 12.66 -49.54 33.02
C ILE D 22 12.36 -51.02 33.25
N ILE D 23 12.80 -51.83 32.28
CA ILE D 23 12.63 -53.28 32.31
C ILE D 23 13.06 -53.77 33.67
N HIS D 24 14.22 -53.30 34.10
CA HIS D 24 14.75 -53.66 35.38
C HIS D 24 13.89 -53.18 36.54
N GLN D 25 12.96 -52.27 36.30
CA GLN D 25 12.10 -51.78 37.39
C GLN D 25 10.93 -52.69 37.76
N LYS D 26 10.44 -53.45 36.78
CA LYS D 26 9.34 -54.41 36.94
C LYS D 26 9.85 -55.79 37.33
N PHE D 27 11.16 -56.01 37.21
CA PHE D 27 11.72 -57.32 37.50
C PHE D 27 12.38 -57.36 38.86
N GLY D 28 13.45 -56.58 38.98
CA GLY D 28 14.10 -56.42 40.24
C GLY D 28 13.29 -55.22 40.66
N ALA D 29 12.29 -55.41 41.52
CA ALA D 29 11.41 -54.32 41.96
C ALA D 29 12.11 -53.15 42.64
N LYS D 30 13.09 -53.48 43.46
CA LYS D 30 13.86 -52.47 44.15
C LYS D 30 15.30 -52.97 44.27
N ALA D 31 16.15 -52.41 43.43
CA ALA D 31 17.57 -52.69 43.44
C ALA D 31 18.16 -51.34 43.12
N SER D 32 19.31 -51.02 43.69
CA SER D 32 19.88 -49.72 43.46
C SER D 32 21.10 -49.72 42.54
N TYR D 33 21.17 -48.65 41.76
CA TYR D 33 22.28 -48.41 40.84
C TYR D 33 23.18 -47.44 41.61
N THR D 34 24.47 -47.76 41.76
CA THR D 34 25.33 -46.83 42.46
C THR D 34 26.23 -46.24 41.37
N VAL D 35 26.16 -44.93 41.21
CA VAL D 35 26.96 -44.26 40.19
C VAL D 35 28.35 -43.92 40.67
N GLU D 36 29.34 -44.59 40.09
CA GLU D 36 30.73 -44.34 40.44
C GLU D 36 31.25 -43.45 39.33
N GLU D 37 32.18 -42.57 39.66
CA GLU D 37 32.75 -41.66 38.68
C GLU D 37 34.24 -41.89 38.44
N VAL D 38 34.68 -41.50 37.26
CA VAL D 38 36.09 -41.58 36.89
C VAL D 38 36.49 -40.19 36.43
N HIS D 39 37.41 -39.59 37.17
CA HIS D 39 37.92 -38.26 36.88
C HIS D 39 39.06 -38.35 35.88
N ASP D 40 39.20 -39.54 35.31
CA ASP D 40 40.24 -39.81 34.35
C ASP D 40 39.80 -39.63 32.91
N SER D 41 40.57 -38.80 32.25
CA SER D 41 40.37 -38.50 30.85
C SER D 41 41.69 -38.01 30.30
N SER D 42 41.51 -37.50 29.10
CA SER D 42 42.51 -36.89 28.26
C SER D 42 42.70 -35.49 28.82
N GLN D 43 42.94 -35.42 30.13
CA GLN D 43 43.16 -34.18 30.87
C GLN D 43 44.63 -34.04 31.09
N SER D 44 45.21 -32.92 30.65
CA SER D 44 46.64 -32.76 30.85
C SER D 44 46.98 -32.87 32.33
N GLY D 45 47.76 -33.91 32.65
CA GLY D 45 48.18 -34.15 34.01
C GLY D 45 49.38 -33.28 34.31
N CYS D 46 49.12 -32.08 34.85
CA CYS D 46 50.17 -31.18 35.25
C CYS D 46 50.49 -31.50 36.71
N PRO D 47 51.76 -31.74 36.98
CA PRO D 47 52.34 -32.07 38.27
C PRO D 47 52.62 -30.87 39.12
N GLY D 48 52.62 -31.14 40.42
CA GLY D 48 52.90 -30.12 41.42
C GLY D 48 51.90 -28.99 41.48
N LEU D 49 50.86 -29.03 40.65
CA LEU D 49 49.85 -27.96 40.68
C LEU D 49 49.08 -28.05 41.96
N ALA D 50 48.53 -26.93 42.40
CA ALA D 50 47.78 -26.93 43.64
C ALA D 50 46.48 -26.14 43.49
N ILE D 51 46.02 -25.92 42.28
CA ILE D 51 44.76 -25.21 42.08
C ILE D 51 43.76 -26.05 41.30
N PRO D 52 44.13 -27.29 40.94
CA PRO D 52 43.29 -28.21 40.17
C PRO D 52 41.80 -27.93 40.25
N GLN D 53 41.18 -27.83 39.09
CA GLN D 53 39.76 -27.58 39.04
C GLN D 53 39.04 -28.81 38.50
N LYS D 54 37.93 -29.13 39.15
CA LYS D 54 37.08 -30.25 38.78
C LYS D 54 36.31 -29.79 37.55
N GLY D 55 36.66 -30.36 36.39
CA GLY D 55 36.01 -30.04 35.13
C GLY D 55 34.90 -31.01 34.76
N PRO D 56 35.24 -32.20 34.23
CA PRO D 56 34.24 -33.19 33.88
C PRO D 56 34.79 -34.56 34.20
N CYS D 57 33.90 -35.44 34.66
CA CYS D 57 34.28 -36.79 35.03
C CYS D 57 33.42 -37.78 34.25
N LEU D 58 34.04 -38.82 33.70
CA LEU D 58 33.27 -39.82 32.97
C LEU D 58 32.74 -40.79 34.03
N TYR D 59 31.64 -41.47 33.77
CA TYR D 59 31.10 -42.35 34.79
C TYR D 59 30.95 -43.79 34.37
N ARG D 60 30.84 -44.66 35.36
CA ARG D 60 30.64 -46.08 35.10
C ARG D 60 29.62 -46.40 36.17
N CYS D 61 28.79 -47.41 35.94
CA CYS D 61 27.79 -47.69 36.96
C CYS D 61 27.78 -49.10 37.51
N HIS D 62 27.49 -49.14 38.81
CA HIS D 62 27.41 -50.39 39.55
C HIS D 62 25.94 -50.73 39.81
N LEU D 63 25.50 -51.84 39.21
CA LEU D 63 24.13 -52.30 39.36
C LEU D 63 24.01 -53.51 40.28
N GLN D 64 23.36 -53.29 41.43
CA GLN D 64 23.20 -54.36 42.40
C GLN D 64 21.77 -54.90 42.46
N LEU D 65 21.66 -56.22 42.33
CA LEU D 65 20.37 -56.90 42.33
C LEU D 65 20.49 -58.12 43.26
N PRO D 66 19.36 -58.74 43.63
CA PRO D 66 19.44 -59.89 44.56
C PRO D 66 20.45 -61.00 44.27
N GLU D 67 20.54 -61.36 43.00
CA GLU D 67 21.39 -62.44 42.54
C GLU D 67 22.87 -62.08 42.59
N PHE D 68 23.23 -61.00 41.90
CA PHE D 68 24.61 -60.55 41.89
C PHE D 68 24.63 -59.07 41.57
N SER D 69 25.72 -58.61 41.00
CA SER D 69 25.84 -57.22 40.60
C SER D 69 26.60 -57.15 39.28
N VAL D 70 26.41 -56.07 38.53
CA VAL D 70 27.11 -55.91 37.26
C VAL D 70 27.65 -54.49 37.18
N VAL D 71 28.72 -54.31 36.42
CA VAL D 71 29.33 -52.99 36.26
C VAL D 71 29.55 -52.68 34.78
N SER D 72 29.15 -51.48 34.37
CA SER D 72 29.31 -51.06 32.98
C SER D 72 30.52 -50.19 32.79
N ASN D 73 31.04 -50.21 31.57
CA ASN D 73 32.18 -49.41 31.24
C ASN D 73 31.80 -47.94 31.14
N VAL D 74 32.83 -47.10 31.09
CA VAL D 74 32.69 -45.66 31.07
C VAL D 74 32.00 -44.95 29.93
N PHE D 75 31.16 -43.99 30.31
CA PHE D 75 30.46 -43.13 29.37
C PHE D 75 30.67 -41.70 29.80
N LYS D 76 30.38 -40.77 28.91
CA LYS D 76 30.56 -39.37 29.24
C LYS D 76 29.31 -38.76 29.91
N LYS D 77 28.19 -39.45 29.80
CA LYS D 77 26.91 -39.00 30.36
C LYS D 77 26.47 -39.93 31.51
N LYS D 78 26.04 -39.37 32.64
CA LYS D 78 25.64 -40.21 33.77
C LYS D 78 24.55 -41.20 33.45
N LYS D 79 23.51 -40.74 32.80
CA LYS D 79 22.38 -41.60 32.45
C LYS D 79 22.71 -42.68 31.39
N ASP D 80 23.50 -42.33 30.38
CA ASP D 80 23.86 -43.28 29.33
C ASP D 80 24.68 -44.42 29.93
N SER D 81 25.19 -44.22 31.14
CA SER D 81 26.00 -45.26 31.79
C SER D 81 25.15 -46.21 32.59
N GLU D 82 24.26 -45.66 33.39
CA GLU D 82 23.36 -46.48 34.21
C GLU D 82 22.54 -47.37 33.29
N GLN D 83 22.29 -46.92 32.05
CA GLN D 83 21.54 -47.72 31.08
C GLN D 83 22.39 -48.97 30.82
N SER D 84 23.62 -48.75 30.36
CA SER D 84 24.52 -49.86 30.07
C SER D 84 24.53 -50.84 31.22
N ALA D 85 24.61 -50.32 32.45
CA ALA D 85 24.63 -51.17 33.62
C ALA D 85 23.43 -52.11 33.64
N ALA D 86 22.24 -51.56 33.39
CA ALA D 86 21.05 -52.38 33.38
C ALA D 86 21.15 -53.40 32.25
N GLU D 87 21.50 -52.92 31.07
CA GLU D 87 21.62 -53.78 29.93
C GLU D 87 22.48 -55.01 30.20
N LEU D 88 23.65 -54.81 30.79
CA LEU D 88 24.53 -55.94 31.07
C LEU D 88 23.86 -56.91 32.03
N ALA D 89 23.08 -56.37 32.95
CA ALA D 89 22.38 -57.22 33.90
C ALA D 89 21.39 -58.10 33.14
N LEU D 90 20.68 -57.52 32.17
CA LEU D 90 19.71 -58.27 31.36
C LEU D 90 20.39 -59.33 30.49
N ASP D 91 21.47 -58.92 29.83
CA ASP D 91 22.24 -59.85 29.00
C ASP D 91 22.58 -61.05 29.88
N LYS D 92 23.36 -60.81 30.94
CA LYS D 92 23.77 -61.86 31.87
C LYS D 92 22.60 -62.64 32.48
N LEU D 93 21.54 -61.93 32.85
CA LEU D 93 20.36 -62.56 33.45
C LEU D 93 19.58 -63.45 32.49
N GLY D 94 19.77 -63.28 31.18
CA GLY D 94 19.06 -64.13 30.23
C GLY D 94 17.83 -63.57 29.54
N ILE D 95 17.52 -62.29 29.77
CA ILE D 95 16.36 -61.69 29.13
C ILE D 95 16.82 -60.86 27.94
N ARG D 96 17.38 -61.51 26.93
CA ARG D 96 17.83 -60.78 25.76
C ARG D 96 16.62 -60.35 24.96
N PRO D 97 16.83 -59.53 23.91
CA PRO D 97 15.77 -59.02 23.04
C PRO D 97 15.02 -60.11 22.24
N GLN D 98 15.46 -61.37 22.33
CA GLN D 98 14.78 -62.47 21.61
C GLN D 98 13.65 -63.09 22.45
N ASN D 99 13.65 -62.80 23.74
CA ASN D 99 12.59 -63.30 24.63
C ASN D 99 11.36 -62.41 24.48
N ASP D 100 11.57 -61.29 23.78
CA ASP D 100 10.51 -60.30 23.53
C ASP D 100 9.43 -60.89 22.65
N ASP D 101 9.86 -61.79 21.79
CA ASP D 101 8.98 -62.44 20.86
C ASP D 101 7.85 -63.13 21.62
N LEU D 102 6.67 -62.53 21.48
CA LEU D 102 5.49 -63.03 22.12
C LEU D 102 4.73 -63.77 21.06
N THR D 103 4.61 -65.07 21.27
CA THR D 103 3.90 -65.87 20.32
C THR D 103 2.47 -65.39 20.25
N VAL D 104 1.92 -65.47 19.04
CA VAL D 104 0.55 -65.07 18.76
C VAL D 104 -0.41 -65.82 19.68
N ASP D 105 0.12 -66.86 20.31
CA ASP D 105 -0.68 -67.69 21.18
C ASP D 105 -0.52 -67.28 22.63
N GLU D 106 0.71 -66.97 23.01
CA GLU D 106 0.94 -66.52 24.38
C GLU D 106 0.10 -65.26 24.55
N ALA D 107 -0.05 -64.50 23.47
CA ALA D 107 -0.84 -63.27 23.49
C ALA D 107 -2.33 -63.53 23.67
N ARG D 108 -2.84 -64.55 22.98
CA ARG D 108 -4.24 -64.93 23.07
C ARG D 108 -4.48 -65.61 24.39
N ASP D 109 -3.43 -66.24 24.85
CA ASP D 109 -3.40 -66.94 26.11
C ASP D 109 -3.55 -65.92 27.26
N GLU D 110 -2.80 -64.82 27.16
CA GLU D 110 -2.82 -63.75 28.18
C GLU D 110 -4.19 -63.08 28.25
N ILE D 111 -4.67 -62.64 27.08
CA ILE D 111 -5.94 -61.98 27.00
C ILE D 111 -6.96 -62.85 27.68
N VAL D 112 -6.93 -64.15 27.35
CA VAL D 112 -7.88 -65.08 27.96
C VAL D 112 -7.76 -65.09 29.48
N GLY D 113 -6.53 -65.23 29.94
CA GLY D 113 -6.29 -65.26 31.37
C GLY D 113 -6.61 -63.96 32.09
N ARG D 114 -6.39 -62.84 31.42
CA ARG D 114 -6.67 -61.56 32.06
C ARG D 114 -8.17 -61.35 32.13
N ILE D 115 -8.88 -61.80 31.10
CA ILE D 115 -10.33 -61.63 31.11
C ILE D 115 -10.89 -62.43 32.27
N LYS D 116 -10.40 -63.65 32.44
CA LYS D 116 -10.88 -64.48 33.52
C LYS D 116 -10.59 -63.86 34.87
N TYR D 117 -9.43 -63.24 34.97
CA TYR D 117 -9.05 -62.67 36.24
C TYR D 117 -9.92 -61.49 36.67
N ILE D 118 -10.23 -60.63 35.72
CA ILE D 118 -11.02 -59.45 35.99
C ILE D 118 -12.41 -59.78 36.52
N PHE D 119 -12.91 -60.95 36.16
CA PHE D 119 -14.21 -61.33 36.66
C PHE D 119 -14.10 -62.22 37.84
N SER D 120 -12.87 -62.39 38.33
CA SER D 120 -12.62 -63.18 39.52
C SER D 120 -13.00 -62.30 40.71
N ASP D 121 -13.47 -62.91 41.79
CA ASP D 121 -13.90 -62.16 42.98
C ASP D 121 -12.94 -61.15 43.55
N GLU D 122 -11.64 -61.34 43.34
CA GLU D 122 -10.67 -60.43 43.91
C GLU D 122 -10.58 -59.07 43.19
N PHE D 123 -10.65 -59.11 41.88
CA PHE D 123 -10.55 -57.91 41.07
C PHE D 123 -11.72 -56.94 41.22
N LEU D 124 -12.87 -57.42 41.68
CA LEU D 124 -14.03 -56.54 41.85
C LEU D 124 -13.83 -55.39 42.83
N SER D 125 -12.67 -55.36 43.48
CA SER D 125 -12.40 -54.30 44.43
C SER D 125 -11.13 -53.54 44.11
N ALA D 126 -10.37 -54.00 43.10
CA ALA D 126 -9.13 -53.37 42.68
C ALA D 126 -9.34 -51.88 42.40
N GLU D 127 -8.35 -51.09 42.75
CA GLU D 127 -8.45 -49.64 42.59
C GLU D 127 -8.08 -49.29 41.18
N HIS D 128 -8.08 -50.32 40.35
CA HIS D 128 -7.77 -50.17 38.97
C HIS D 128 -8.99 -49.50 38.36
N PRO D 129 -8.84 -48.87 37.19
CA PRO D 129 -9.98 -48.23 36.57
C PRO D 129 -11.11 -49.25 36.24
N LEU D 130 -10.74 -50.46 35.83
CA LEU D 130 -11.66 -51.56 35.43
C LEU D 130 -12.71 -52.04 36.41
N GLY D 131 -12.31 -52.14 37.68
CA GLY D 131 -13.23 -52.61 38.70
C GLY D 131 -14.23 -51.52 38.98
N ALA D 132 -13.79 -50.28 38.77
CA ALA D 132 -14.67 -49.13 38.95
C ALA D 132 -15.80 -49.34 37.93
N HIS D 133 -15.39 -49.80 36.75
CA HIS D 133 -16.28 -50.12 35.64
C HIS D 133 -17.13 -51.26 36.14
N LEU D 134 -16.50 -52.40 36.37
CA LEU D 134 -17.18 -53.59 36.91
C LEU D 134 -18.22 -53.22 37.95
N ARG D 135 -17.77 -52.62 39.05
CA ARG D 135 -18.69 -52.21 40.10
C ARG D 135 -19.83 -51.36 39.51
N ALA D 136 -19.48 -50.53 38.53
CA ALA D 136 -20.47 -49.68 37.88
C ALA D 136 -21.37 -50.55 37.01
N ALA D 137 -20.86 -51.72 36.63
CA ALA D 137 -21.59 -52.66 35.79
C ALA D 137 -22.63 -53.42 36.57
N LEU D 138 -22.50 -53.43 37.88
CA LEU D 138 -23.49 -54.11 38.72
C LEU D 138 -24.66 -53.19 39.04
N ARG D 139 -24.49 -51.91 38.77
CA ARG D 139 -25.54 -50.95 39.07
C ARG D 139 -26.55 -50.80 37.94
N ARG D 140 -26.27 -51.38 36.78
CA ARG D 140 -27.19 -51.25 35.66
C ARG D 140 -28.53 -51.94 35.96
N ASP D 141 -29.64 -51.33 35.51
CA ASP D 141 -30.99 -51.88 35.76
C ASP D 141 -31.42 -53.03 34.84
N GLY D 142 -32.11 -53.98 35.45
CA GLY D 142 -32.61 -55.12 34.70
C GLY D 142 -31.56 -55.98 34.04
N GLU D 143 -31.91 -56.52 32.88
CA GLU D 143 -31.04 -57.40 32.12
C GLU D 143 -29.64 -56.90 31.89
N ARG D 144 -29.42 -55.58 31.97
CA ARG D 144 -28.09 -55.04 31.73
C ARG D 144 -27.17 -55.28 32.93
N CYS D 145 -27.78 -55.53 34.09
CA CYS D 145 -27.02 -55.75 35.31
C CYS D 145 -26.07 -56.94 35.32
N GLY D 146 -24.87 -56.67 35.82
CA GLY D 146 -23.84 -57.67 35.90
C GLY D 146 -23.11 -57.85 34.60
N SER D 147 -23.45 -57.03 33.61
CA SER D 147 -22.84 -57.11 32.27
C SER D 147 -21.91 -55.94 32.02
N VAL D 148 -20.72 -56.22 31.50
CA VAL D 148 -19.76 -55.16 31.18
C VAL D 148 -19.60 -55.08 29.67
N PRO D 149 -19.61 -53.84 29.10
CA PRO D 149 -19.47 -53.56 27.66
C PRO D 149 -18.12 -54.01 27.12
N VAL D 150 -18.13 -54.68 25.98
CA VAL D 150 -16.89 -55.18 25.42
C VAL D 150 -15.84 -54.10 25.16
N SER D 151 -16.23 -52.99 24.54
CA SER D 151 -15.29 -51.90 24.28
C SER D 151 -14.50 -51.57 25.55
N VAL D 152 -15.17 -51.61 26.70
CA VAL D 152 -14.54 -51.35 27.98
C VAL D 152 -13.39 -52.33 28.21
N ILE D 153 -13.64 -53.62 28.01
CA ILE D 153 -12.58 -54.61 28.23
C ILE D 153 -11.43 -54.43 27.26
N ALA D 154 -11.73 -54.28 25.98
CA ALA D 154 -10.67 -54.14 24.98
C ALA D 154 -9.97 -52.77 24.90
N THR D 155 -10.55 -51.74 25.52
CA THR D 155 -9.98 -50.38 25.48
C THR D 155 -9.25 -49.94 26.75
N VAL D 156 -9.90 -50.18 27.88
CA VAL D 156 -9.37 -49.75 29.17
C VAL D 156 -8.28 -50.61 29.78
N ASP D 157 -8.33 -51.92 29.59
CA ASP D 157 -7.28 -52.73 30.20
C ASP D 157 -6.01 -52.59 29.40
N ALA D 158 -4.96 -52.13 30.06
CA ALA D 158 -3.67 -51.94 29.40
C ALA D 158 -3.07 -53.26 28.91
N LYS D 159 -3.02 -54.25 29.80
CA LYS D 159 -2.45 -55.55 29.49
C LYS D 159 -3.16 -56.18 28.31
N ILE D 160 -4.47 -55.95 28.23
CA ILE D 160 -5.25 -56.51 27.14
C ILE D 160 -4.79 -55.84 25.86
N ASN D 161 -4.59 -54.53 25.94
CA ASN D 161 -4.15 -53.74 24.80
C ASN D 161 -2.78 -54.10 24.23
N SER D 162 -1.73 -54.04 25.06
CA SER D 162 -0.40 -54.37 24.58
C SER D 162 -0.39 -55.78 24.00
N ARG D 163 -1.04 -56.71 24.71
CA ARG D 163 -1.13 -58.08 24.24
C ARG D 163 -1.89 -58.10 22.93
N CYS D 164 -3.04 -57.45 22.92
CA CYS D 164 -3.89 -57.39 21.74
C CYS D 164 -3.21 -56.80 20.51
N LYS D 165 -2.34 -55.81 20.73
CA LYS D 165 -1.63 -55.18 19.63
C LYS D 165 -0.78 -56.24 18.92
N ILE D 166 -0.01 -57.00 19.70
CA ILE D 166 0.88 -58.03 19.15
C ILE D 166 0.18 -59.02 18.25
N ILE D 167 -1.02 -59.44 18.63
CA ILE D 167 -1.77 -60.40 17.83
C ILE D 167 -1.91 -59.89 16.39
N ASN D 168 -2.16 -58.60 16.24
CA ASN D 168 -2.27 -58.00 14.93
C ASN D 168 -2.14 -56.50 15.09
N PRO D 169 -0.94 -55.99 14.84
CA PRO D 169 -0.65 -54.56 14.93
C PRO D 169 -1.74 -53.75 14.22
N SER D 170 -2.25 -54.29 13.12
CA SER D 170 -3.28 -53.61 12.33
C SER D 170 -4.43 -53.00 13.15
N VAL D 171 -4.64 -53.50 14.37
CA VAL D 171 -5.71 -53.04 15.29
C VAL D 171 -5.77 -51.53 15.53
N GLU D 172 -4.61 -50.91 15.52
CA GLU D 172 -4.51 -49.48 15.76
C GLU D 172 -5.31 -48.62 14.78
N SER D 173 -5.40 -49.03 13.52
CA SER D 173 -6.16 -48.27 12.53
C SER D 173 -7.66 -48.39 12.84
N ASP D 174 -8.17 -49.63 12.92
CA ASP D 174 -9.57 -49.91 13.26
C ASP D 174 -9.52 -50.85 14.50
N PRO D 175 -10.08 -50.40 15.64
CA PRO D 175 -10.06 -51.19 16.88
C PRO D 175 -11.01 -52.38 17.04
N PHE D 176 -12.07 -52.47 16.23
CA PHE D 176 -13.01 -53.58 16.38
C PHE D 176 -12.32 -54.93 16.43
N LEU D 177 -11.11 -55.03 15.86
CA LEU D 177 -10.39 -56.29 15.87
C LEU D 177 -10.23 -56.75 17.31
N ALA D 178 -9.83 -55.82 18.18
CA ALA D 178 -9.66 -56.12 19.60
C ALA D 178 -10.98 -56.57 20.19
N ILE D 179 -12.07 -55.91 19.81
CA ILE D 179 -13.39 -56.30 20.28
C ILE D 179 -13.58 -57.78 19.97
N SER D 180 -13.19 -58.22 18.76
CA SER D 180 -13.32 -59.63 18.38
C SER D 180 -12.28 -60.53 19.04
N TYR D 181 -11.06 -60.03 19.24
CA TYR D 181 -10.03 -60.84 19.87
C TYR D 181 -10.50 -61.13 21.27
N VAL D 182 -11.19 -60.16 21.87
CA VAL D 182 -11.72 -60.31 23.22
C VAL D 182 -12.93 -61.26 23.22
N MET D 183 -13.83 -61.09 22.27
CA MET D 183 -15.02 -61.93 22.17
C MET D 183 -14.61 -63.36 22.06
N LYS D 184 -13.63 -63.59 21.19
CA LYS D 184 -13.11 -64.92 20.94
C LYS D 184 -12.45 -65.52 22.18
N ALA D 185 -11.78 -64.70 22.97
CA ALA D 185 -11.12 -65.19 24.16
C ALA D 185 -12.13 -65.51 25.26
N ALA D 186 -13.15 -64.69 25.39
CA ALA D 186 -14.18 -64.94 26.40
C ALA D 186 -14.91 -66.24 26.12
N ALA D 187 -15.15 -66.51 24.84
CA ALA D 187 -15.85 -67.72 24.46
C ALA D 187 -15.02 -68.98 24.74
N LYS D 188 -13.69 -68.87 24.73
CA LYS D 188 -12.86 -70.04 24.98
C LYS D 188 -12.86 -70.41 26.46
N LEU D 189 -13.40 -69.51 27.26
CA LEU D 189 -13.62 -69.71 28.69
C LEU D 189 -15.14 -69.62 28.80
N ALA D 190 -15.82 -70.76 28.74
CA ALA D 190 -17.28 -70.80 28.78
C ALA D 190 -17.86 -71.00 30.17
N ASP D 191 -17.26 -71.90 30.93
CA ASP D 191 -17.71 -72.17 32.27
C ASP D 191 -17.53 -70.95 33.19
N TYR D 192 -16.70 -69.98 32.78
CA TYR D 192 -16.45 -68.80 33.61
C TYR D 192 -17.16 -67.53 33.19
N ILE D 193 -17.17 -67.28 31.89
CA ILE D 193 -17.77 -66.07 31.38
C ILE D 193 -18.86 -66.34 30.37
N VAL D 194 -19.78 -65.40 30.30
CA VAL D 194 -20.92 -65.48 29.40
C VAL D 194 -21.05 -64.22 28.55
N ALA D 195 -21.05 -64.39 27.24
CA ALA D 195 -21.23 -63.24 26.38
C ALA D 195 -22.72 -63.02 26.26
N SER D 196 -23.22 -61.98 26.91
CA SER D 196 -24.66 -61.62 26.82
C SER D 196 -24.74 -60.36 25.99
N PRO D 197 -25.54 -60.39 24.92
CA PRO D 197 -25.68 -59.22 24.04
C PRO D 197 -25.46 -57.89 24.79
N HIS D 198 -25.93 -57.82 26.04
CA HIS D 198 -25.79 -56.65 26.92
C HIS D 198 -24.36 -56.29 27.28
N GLY D 199 -23.47 -57.27 27.15
CA GLY D 199 -22.06 -57.10 27.45
C GLY D 199 -21.57 -58.39 28.06
N LEU D 200 -20.28 -58.49 28.38
CA LEU D 200 -19.77 -59.71 28.97
C LEU D 200 -20.31 -59.79 30.37
N ARG D 201 -20.58 -61.02 30.81
CA ARG D 201 -21.13 -61.21 32.13
C ARG D 201 -20.45 -62.31 32.90
N ARG D 202 -20.55 -62.22 34.22
CA ARG D 202 -20.00 -63.19 35.12
C ARG D 202 -20.94 -64.42 35.01
N LYS D 203 -20.44 -65.66 34.99
CA LYS D 203 -21.38 -66.79 34.87
C LYS D 203 -22.13 -67.11 36.16
N ASN D 204 -21.40 -67.25 37.25
CA ASN D 204 -22.04 -67.54 38.53
C ASN D 204 -21.87 -66.28 39.36
N ALA D 205 -22.95 -65.79 39.94
CA ALA D 205 -22.88 -64.58 40.74
C ALA D 205 -21.67 -64.52 41.66
N TYR D 206 -21.31 -63.30 42.03
CA TYR D 206 -20.23 -63.12 42.95
C TYR D 206 -20.84 -63.56 44.29
N PRO D 207 -20.08 -64.32 45.11
CA PRO D 207 -20.73 -64.68 46.37
C PRO D 207 -21.20 -63.40 47.07
N SER D 208 -22.41 -63.41 47.61
CA SER D 208 -22.97 -62.24 48.27
C SER D 208 -22.01 -61.49 49.19
N GLU D 209 -21.42 -62.19 50.15
CA GLU D 209 -20.46 -61.60 51.12
C GLU D 209 -19.57 -60.52 50.53
N ILE D 210 -19.09 -60.74 49.30
CA ILE D 210 -18.21 -59.82 48.58
C ILE D 210 -18.87 -58.49 48.25
N VAL D 211 -20.05 -58.56 47.65
CA VAL D 211 -20.79 -57.35 47.31
C VAL D 211 -21.07 -56.50 48.53
N GLU D 212 -21.27 -57.12 49.69
CA GLU D 212 -21.53 -56.38 50.91
C GLU D 212 -20.29 -55.62 51.36
N ALA D 213 -19.13 -56.23 51.15
CA ALA D 213 -17.87 -55.60 51.54
C ALA D 213 -17.64 -54.36 50.68
N LEU D 214 -18.01 -54.44 49.41
CA LEU D 214 -17.83 -53.30 48.52
C LEU D 214 -18.69 -52.10 48.92
N ALA D 215 -19.92 -52.39 49.36
CA ALA D 215 -20.88 -51.37 49.78
C ALA D 215 -20.34 -50.35 50.78
N THR D 216 -19.13 -50.59 51.29
CA THR D 216 -18.51 -49.66 52.24
C THR D 216 -17.73 -48.63 51.45
N HIS D 217 -17.35 -48.96 50.23
CA HIS D 217 -16.71 -48.00 49.35
C HIS D 217 -17.75 -47.92 48.23
N VAL D 218 -18.38 -46.75 48.12
CA VAL D 218 -19.46 -46.52 47.16
C VAL D 218 -19.36 -45.13 46.52
N SER D 219 -20.20 -44.87 45.53
CA SER D 219 -20.19 -43.60 44.79
C SER D 219 -20.46 -42.35 45.64
N ASP D 220 -20.13 -41.19 45.08
CA ASP D 220 -20.25 -39.89 45.76
C ASP D 220 -21.61 -39.20 45.80
N SER D 221 -22.21 -39.06 44.62
CA SER D 221 -23.48 -38.37 44.48
C SER D 221 -24.47 -39.25 43.73
N LEU D 222 -25.63 -39.51 44.35
CA LEU D 222 -26.69 -40.29 43.71
C LEU D 222 -27.70 -39.33 43.10
N HIS D 223 -27.23 -38.62 42.08
CA HIS D 223 -28.02 -37.64 41.34
C HIS D 223 -27.55 -37.48 39.88
N SER D 224 -28.30 -36.67 39.14
CA SER D 224 -28.07 -36.37 37.73
C SER D 224 -26.91 -35.44 37.44
N ARG D 225 -25.96 -35.91 36.64
CA ARG D 225 -24.82 -35.10 36.24
C ARG D 225 -24.87 -34.88 34.72
N GLU D 226 -24.68 -33.64 34.29
CA GLU D 226 -24.69 -33.29 32.87
C GLU D 226 -23.30 -32.97 32.37
N VAL D 227 -22.86 -33.77 31.40
CA VAL D 227 -21.57 -33.55 30.80
C VAL D 227 -21.80 -33.02 29.38
N ALA D 228 -20.98 -32.07 28.95
CA ALA D 228 -21.10 -31.52 27.60
C ALA D 228 -20.21 -32.29 26.61
N ALA D 229 -20.85 -32.91 25.63
CA ALA D 229 -20.18 -33.70 24.60
C ALA D 229 -20.67 -33.22 23.22
N VAL D 230 -20.04 -33.71 22.16
CA VAL D 230 -20.38 -33.26 20.82
C VAL D 230 -20.86 -34.32 19.83
N TYR D 231 -21.93 -34.02 19.12
CA TYR D 231 -22.47 -34.97 18.17
C TYR D 231 -21.89 -34.80 16.78
N ILE D 232 -21.06 -35.73 16.33
CA ILE D 232 -20.58 -35.62 14.97
C ILE D 232 -21.58 -36.42 14.15
N PRO D 233 -22.04 -35.86 13.03
CA PRO D 233 -23.00 -36.49 12.13
C PRO D 233 -22.34 -37.08 10.89
N CYS D 234 -23.00 -38.11 10.35
CA CYS D 234 -22.53 -38.85 9.19
C CYS D 234 -22.30 -38.04 7.90
N ILE D 235 -23.38 -37.40 7.41
CA ILE D 235 -23.33 -36.58 6.19
C ILE D 235 -22.65 -35.22 6.40
N ASP D 236 -21.62 -34.97 5.60
CA ASP D 236 -20.85 -33.73 5.70
C ASP D 236 -21.67 -32.45 5.59
N GLU D 237 -22.91 -32.58 5.12
CA GLU D 237 -23.75 -31.41 4.97
C GLU D 237 -24.39 -31.00 6.29
N GLU D 238 -24.52 -31.96 7.21
CA GLU D 238 -25.13 -31.70 8.50
C GLU D 238 -24.16 -30.99 9.44
N VAL D 239 -24.70 -30.12 10.29
CA VAL D 239 -23.88 -29.35 11.22
C VAL D 239 -23.56 -30.12 12.50
N VAL D 240 -22.34 -29.96 13.00
CA VAL D 240 -21.99 -30.64 14.24
C VAL D 240 -22.74 -29.88 15.36
N GLU D 241 -23.22 -30.59 16.38
CA GLU D 241 -23.99 -29.96 17.46
C GLU D 241 -23.51 -30.32 18.86
N LEU D 242 -23.89 -29.49 19.83
CA LEU D 242 -23.51 -29.73 21.21
C LEU D 242 -24.51 -30.69 21.82
N ASP D 243 -24.07 -31.88 22.19
CA ASP D 243 -24.97 -32.88 22.79
C ASP D 243 -24.71 -33.10 24.29
N THR D 244 -25.74 -33.16 25.10
CA THR D 244 -25.48 -33.37 26.52
C THR D 244 -25.75 -34.78 27.04
N LEU D 245 -24.72 -35.36 27.66
CA LEU D 245 -24.85 -36.69 28.22
C LEU D 245 -25.39 -36.55 29.64
N TYR D 246 -26.36 -37.37 29.97
CA TYR D 246 -26.93 -37.35 31.30
C TYR D 246 -26.47 -38.65 31.98
N ILE D 247 -25.58 -38.54 32.97
CA ILE D 247 -25.07 -39.71 33.67
C ILE D 247 -25.58 -39.90 35.10
N SER D 248 -25.90 -41.15 35.43
CA SER D 248 -26.40 -41.53 36.74
C SER D 248 -25.61 -42.74 37.23
N SER D 249 -25.57 -42.96 38.54
CA SER D 249 -24.79 -44.08 39.07
C SER D 249 -25.41 -45.38 38.60
N ASN D 250 -26.72 -45.33 38.37
CA ASN D 250 -27.52 -46.46 37.92
C ASN D 250 -27.31 -46.90 36.46
N ARG D 251 -26.92 -45.96 35.61
CA ARG D 251 -26.75 -46.22 34.19
C ARG D 251 -25.28 -46.12 33.83
N HIS D 252 -24.67 -47.18 33.33
CA HIS D 252 -23.27 -47.10 33.00
C HIS D 252 -23.07 -45.88 32.13
N TYR D 253 -22.00 -45.14 32.38
CA TYR D 253 -21.77 -43.94 31.58
C TYR D 253 -21.72 -44.19 30.07
N LEU D 254 -21.63 -45.45 29.65
CA LEU D 254 -21.60 -45.78 28.22
C LEU D 254 -23.04 -45.99 27.72
N ASP D 255 -23.93 -46.33 28.64
CA ASP D 255 -25.30 -46.55 28.29
C ASP D 255 -25.86 -45.25 27.74
N SER D 256 -25.80 -44.17 28.53
CA SER D 256 -26.34 -42.87 28.12
C SER D 256 -25.78 -42.44 26.77
N ILE D 257 -24.47 -42.50 26.60
CA ILE D 257 -23.85 -42.12 25.34
C ILE D 257 -24.54 -42.82 24.18
N ALA D 258 -24.81 -44.11 24.36
CA ALA D 258 -25.45 -44.93 23.34
C ALA D 258 -26.83 -44.38 23.00
N GLU D 259 -27.54 -43.90 24.02
CA GLU D 259 -28.85 -43.36 23.82
C GLU D 259 -28.74 -42.06 23.06
N ARG D 260 -27.85 -41.17 23.49
CA ARG D 260 -27.71 -39.89 22.81
C ARG D 260 -27.04 -40.10 21.47
N LEU D 261 -26.68 -41.35 21.19
CA LEU D 261 -26.05 -41.67 19.91
C LEU D 261 -27.04 -42.45 19.06
N GLY D 262 -27.93 -43.17 19.71
CA GLY D 262 -28.93 -43.89 18.94
C GLY D 262 -28.99 -45.40 19.02
N LEU D 263 -28.39 -46.02 20.03
CA LEU D 263 -28.49 -47.46 20.11
C LEU D 263 -29.36 -47.85 21.32
N LYS D 264 -29.34 -49.13 21.67
CA LYS D 264 -30.14 -49.65 22.76
C LYS D 264 -29.33 -50.05 23.99
N ASP D 265 -28.02 -50.25 23.81
CA ASP D 265 -27.12 -50.59 24.92
C ASP D 265 -25.70 -50.10 24.70
N GLY D 266 -25.03 -49.80 25.80
CA GLY D 266 -23.67 -49.34 25.70
C GLY D 266 -22.77 -50.44 25.21
N ASN D 267 -23.24 -51.69 25.24
CA ASN D 267 -22.38 -52.76 24.78
C ASN D 267 -22.13 -52.62 23.30
N GLN D 268 -22.82 -51.69 22.66
CA GLN D 268 -22.64 -51.51 21.23
C GLN D 268 -21.69 -50.37 20.88
N VAL D 269 -21.31 -49.57 21.86
CA VAL D 269 -20.44 -48.42 21.60
C VAL D 269 -18.98 -48.78 21.49
N MET D 270 -18.24 -48.07 20.62
CA MET D 270 -16.81 -48.31 20.45
C MET D 270 -15.98 -47.10 20.89
N ILE D 271 -14.92 -47.38 21.65
CA ILE D 271 -14.05 -46.35 22.17
C ILE D 271 -12.74 -46.17 21.38
N SER D 272 -12.59 -45.00 20.79
CA SER D 272 -11.41 -44.65 20.00
C SER D 272 -10.24 -44.26 20.90
N ARG D 273 -9.04 -44.21 20.34
CA ARG D 273 -7.86 -43.83 21.13
C ARG D 273 -8.12 -42.45 21.69
N MET D 274 -7.49 -42.09 22.80
CA MET D 274 -7.72 -40.76 23.37
C MET D 274 -6.74 -39.78 22.77
N PHE D 275 -7.23 -38.57 22.49
CA PHE D 275 -6.44 -37.53 21.82
C PHE D 275 -7.05 -36.17 22.15
N GLY D 276 -6.30 -35.11 21.87
CA GLY D 276 -6.84 -33.78 22.07
C GLY D 276 -6.33 -32.93 23.22
N LYS D 277 -5.63 -33.52 24.17
CA LYS D 277 -5.14 -32.72 25.29
C LYS D 277 -4.48 -31.42 24.80
N ALA D 278 -3.49 -31.55 23.91
CA ALA D 278 -2.75 -30.41 23.37
C ALA D 278 -3.65 -29.26 22.93
N SER D 279 -4.48 -29.53 21.91
CA SER D 279 -5.34 -28.51 21.33
C SER D 279 -6.61 -28.17 22.10
N CYS D 280 -7.25 -29.19 22.67
CA CYS D 280 -8.50 -29.00 23.39
C CYS D 280 -8.33 -28.73 24.87
N GLY D 281 -7.25 -29.25 25.44
CA GLY D 281 -7.03 -29.06 26.86
C GLY D 281 -7.67 -30.16 27.69
N SER D 282 -8.23 -31.18 27.02
CA SER D 282 -8.88 -32.31 27.68
C SER D 282 -8.80 -33.53 26.79
N GLU D 283 -8.46 -34.67 27.39
CA GLU D 283 -8.32 -35.95 26.70
C GLU D 283 -9.65 -36.35 26.11
N CYS D 284 -9.66 -36.69 24.83
CA CYS D 284 -10.92 -37.02 24.22
C CYS D 284 -10.92 -38.34 23.57
N ARG D 285 -12.12 -38.86 23.38
CA ARG D 285 -12.31 -40.14 22.75
C ARG D 285 -13.60 -40.03 21.97
N LEU D 286 -13.63 -40.70 20.83
CA LEU D 286 -14.79 -40.66 19.98
C LEU D 286 -15.61 -41.93 20.16
N TYR D 287 -16.80 -41.81 20.75
CA TYR D 287 -17.64 -42.97 20.96
C TYR D 287 -18.56 -43.20 19.77
N SER D 288 -18.29 -44.27 19.04
CA SER D 288 -19.09 -44.62 17.86
C SER D 288 -19.61 -46.05 17.91
N GLU D 289 -20.66 -46.30 17.13
CA GLU D 289 -21.34 -47.59 17.06
C GLU D 289 -20.53 -48.75 16.51
N ILE D 290 -20.67 -49.90 17.14
CA ILE D 290 -19.94 -51.08 16.71
C ILE D 290 -20.84 -51.99 15.91
N PRO D 291 -20.39 -52.40 14.71
CA PRO D 291 -21.17 -53.26 13.82
C PRO D 291 -21.67 -54.52 14.52
N LYS D 292 -22.97 -54.77 14.40
CA LYS D 292 -23.58 -55.93 15.03
C LYS D 292 -23.04 -57.21 14.44
N LYS D 293 -21.91 -57.07 13.76
CA LYS D 293 -21.25 -58.20 13.13
C LYS D 293 -20.09 -58.76 13.96
N TYR D 294 -19.40 -57.91 14.72
CA TYR D 294 -18.30 -58.39 15.55
C TYR D 294 -18.75 -58.77 16.95
N LEU D 295 -19.97 -58.36 17.28
CA LEU D 295 -20.56 -58.57 18.60
C LEU D 295 -21.45 -59.79 18.74
N ASP D 296 -22.49 -59.83 17.91
CA ASP D 296 -23.48 -60.89 17.96
C ASP D 296 -23.05 -62.33 17.69
N ASN D 297 -22.35 -62.53 16.59
CA ASN D 297 -21.91 -63.86 16.19
C ASN D 297 -21.46 -64.73 17.35
N SER D 298 -20.54 -64.21 18.15
CA SER D 298 -19.99 -64.93 19.29
C SER D 298 -20.52 -64.49 20.67
N SER D 299 -21.66 -63.81 20.70
CA SER D 299 -22.27 -63.36 21.96
C SER D 299 -23.55 -64.13 22.24
N ILE D 312 -27.44 -52.43 7.84
CA ILE D 312 -27.26 -51.04 7.41
C ILE D 312 -25.93 -50.43 7.89
N VAL D 313 -24.80 -50.87 7.31
CA VAL D 313 -23.49 -50.28 7.65
C VAL D 313 -23.55 -48.91 7.02
N LYS D 314 -23.61 -47.86 7.83
CA LYS D 314 -23.68 -46.53 7.26
C LYS D 314 -22.33 -46.09 6.76
N SER D 315 -22.35 -44.99 6.02
CA SER D 315 -21.14 -44.43 5.45
C SER D 315 -20.18 -43.95 6.53
N ARG D 316 -18.89 -43.92 6.22
CA ARG D 316 -17.89 -43.45 7.17
C ARG D 316 -18.20 -42.01 7.59
N ASN D 317 -17.94 -41.69 8.86
CA ASN D 317 -18.16 -40.33 9.38
C ASN D 317 -16.83 -39.64 9.12
N ALA D 318 -16.78 -38.89 8.03
CA ALA D 318 -15.58 -38.22 7.59
C ALA D 318 -14.84 -37.35 8.60
N ARG D 319 -15.52 -36.38 9.18
CA ARG D 319 -14.84 -35.50 10.13
C ARG D 319 -14.33 -36.31 11.31
N ALA D 320 -15.18 -37.20 11.79
CA ALA D 320 -14.85 -38.07 12.91
C ALA D 320 -13.61 -38.93 12.67
N SER D 321 -13.58 -39.64 11.53
CA SER D 321 -12.43 -40.50 11.26
C SER D 321 -11.15 -39.69 11.20
N TYR D 322 -11.28 -38.44 10.74
CA TYR D 322 -10.14 -37.54 10.62
C TYR D 322 -9.53 -37.15 11.98
N ILE D 323 -10.35 -36.50 12.84
CA ILE D 323 -9.94 -36.04 14.17
C ILE D 323 -9.24 -37.11 15.02
N CYS D 324 -9.61 -38.38 14.80
CA CYS D 324 -9.05 -39.50 15.55
C CYS D 324 -7.77 -40.11 15.02
N GLY D 325 -7.66 -40.22 13.70
CA GLY D 325 -6.49 -40.85 13.15
C GLY D 325 -6.96 -42.25 12.77
N GLN D 326 -7.87 -42.79 13.57
CA GLN D 326 -8.43 -44.13 13.32
C GLN D 326 -9.72 -44.02 12.51
N ASP D 327 -10.25 -45.16 12.06
CA ASP D 327 -11.47 -45.19 11.28
C ASP D 327 -12.73 -45.18 12.16
N ILE D 328 -13.76 -44.46 11.75
CA ILE D 328 -15.01 -44.36 12.50
C ILE D 328 -16.23 -44.45 11.59
N HIS D 329 -17.31 -45.07 12.07
CA HIS D 329 -18.52 -45.22 11.26
C HIS D 329 -19.82 -44.64 11.77
N GLY D 330 -20.71 -44.36 10.81
CA GLY D 330 -22.00 -43.78 11.15
C GLY D 330 -21.80 -42.53 11.97
N ASP D 331 -22.71 -42.29 12.90
CA ASP D 331 -22.62 -41.12 13.75
C ASP D 331 -21.60 -41.44 14.85
N ALA D 332 -21.24 -40.43 15.64
CA ALA D 332 -20.29 -40.61 16.74
C ALA D 332 -20.33 -39.44 17.71
N ILE D 333 -20.04 -39.71 18.98
CA ILE D 333 -20.02 -38.70 20.04
C ILE D 333 -18.59 -38.35 20.43
N LEU D 334 -18.32 -37.06 20.65
CA LEU D 334 -17.00 -36.62 21.05
C LEU D 334 -17.12 -36.32 22.52
N ALA D 335 -16.28 -36.95 23.35
CA ALA D 335 -16.38 -36.74 24.78
C ALA D 335 -15.17 -37.02 25.64
N SER D 336 -15.25 -36.51 26.86
CA SER D 336 -14.22 -36.65 27.88
C SER D 336 -14.79 -37.25 29.15
N VAL D 337 -14.80 -38.57 29.23
CA VAL D 337 -15.33 -39.23 30.40
C VAL D 337 -14.57 -40.53 30.67
N GLY D 338 -14.69 -41.05 31.89
CA GLY D 338 -14.02 -42.28 32.26
C GLY D 338 -13.87 -42.41 33.77
N TYR D 339 -13.17 -43.43 34.22
CA TYR D 339 -12.99 -43.58 35.66
C TYR D 339 -11.50 -43.49 35.97
N ARG D 340 -11.14 -42.89 37.10
CA ARG D 340 -9.75 -42.80 37.51
C ARG D 340 -9.51 -43.97 38.45
N TRP D 341 -8.44 -43.93 39.24
CA TRP D 341 -8.15 -45.04 40.15
C TRP D 341 -8.65 -44.65 41.51
N LYS D 342 -8.78 -45.62 42.39
CA LYS D 342 -9.21 -45.30 43.74
C LYS D 342 -10.33 -44.29 43.84
N SER D 343 -11.38 -44.46 43.04
CA SER D 343 -12.55 -43.60 43.12
C SER D 343 -13.61 -44.15 42.19
N ASP D 344 -14.82 -44.25 42.74
CA ASP D 344 -15.95 -44.77 42.02
C ASP D 344 -16.72 -43.64 41.36
N ASP D 345 -16.09 -42.48 41.23
CA ASP D 345 -16.74 -41.32 40.62
C ASP D 345 -16.33 -41.10 39.18
N LEU D 346 -17.30 -40.84 38.32
CA LEU D 346 -16.99 -40.62 36.92
C LEU D 346 -16.18 -39.34 36.75
N ASP D 347 -14.95 -39.51 36.27
CA ASP D 347 -14.02 -38.41 36.01
C ASP D 347 -14.32 -37.89 34.59
N TYR D 348 -14.53 -36.59 34.43
CA TYR D 348 -14.87 -36.09 33.11
C TYR D 348 -14.61 -34.60 32.92
N ASP D 349 -14.71 -34.18 31.66
CA ASP D 349 -14.55 -32.78 31.29
C ASP D 349 -15.57 -32.40 30.20
N ASP D 350 -15.81 -31.10 30.06
CA ASP D 350 -16.73 -30.58 29.06
C ASP D 350 -16.13 -30.29 27.70
N VAL D 351 -16.47 -31.12 26.72
CA VAL D 351 -16.01 -30.94 25.36
C VAL D 351 -17.16 -30.16 24.71
N THR D 352 -16.87 -29.23 23.82
CA THR D 352 -17.94 -28.47 23.18
C THR D 352 -17.75 -28.20 21.70
N VAL D 353 -18.80 -27.65 21.11
CA VAL D 353 -18.82 -27.29 19.71
C VAL D 353 -17.51 -26.64 19.31
N ASN D 354 -16.98 -25.79 20.19
CA ASN D 354 -15.72 -25.12 19.87
C ASN D 354 -14.55 -26.06 20.10
N SER D 355 -14.64 -26.90 21.14
CA SER D 355 -13.58 -27.86 21.44
C SER D 355 -13.30 -28.67 20.18
N PHE D 356 -14.37 -28.95 19.44
CA PHE D 356 -14.27 -29.68 18.19
C PHE D 356 -13.42 -28.91 17.21
N TYR D 357 -13.87 -27.73 16.82
CA TYR D 357 -13.11 -26.93 15.88
C TYR D 357 -11.67 -26.75 16.33
N ARG D 358 -11.50 -26.56 17.63
CA ARG D 358 -10.21 -26.35 18.24
C ARG D 358 -9.30 -27.57 18.02
N ILE D 359 -9.91 -28.75 17.93
CA ILE D 359 -9.17 -30.00 17.73
C ILE D 359 -8.73 -30.12 16.28
N CYS D 360 -9.60 -29.67 15.38
CA CYS D 360 -9.36 -29.69 13.93
C CYS D 360 -8.20 -28.79 13.50
N CYS D 361 -8.07 -27.61 14.11
CA CYS D 361 -6.95 -26.71 13.80
C CYS D 361 -5.68 -27.36 14.29
N GLY D 362 -5.80 -28.01 15.43
CA GLY D 362 -4.68 -28.68 16.07
C GLY D 362 -3.86 -29.52 15.13
N MET D 363 -4.50 -30.07 14.12
CA MET D 363 -3.80 -30.91 13.16
C MET D 363 -2.75 -30.12 12.38
N SER D 364 -3.15 -29.00 11.79
CA SER D 364 -2.23 -28.18 11.03
C SER D 364 -1.05 -27.64 11.86
N PRO D 365 0.11 -27.42 11.21
CA PRO D 365 1.28 -26.91 11.93
C PRO D 365 1.03 -25.45 12.26
N ASN D 366 0.43 -24.71 11.32
CA ASN D 366 0.11 -23.31 11.58
C ASN D 366 -0.89 -23.26 12.74
N GLY D 367 -1.92 -24.09 12.65
CA GLY D 367 -2.93 -24.16 13.70
C GLY D 367 -2.33 -24.47 15.06
N ILE D 368 -1.36 -25.38 15.15
CA ILE D 368 -0.75 -25.70 16.45
C ILE D 368 -0.08 -24.47 17.03
N TYR D 369 0.71 -23.82 16.18
CA TYR D 369 1.41 -22.61 16.54
C TYR D 369 0.44 -21.58 17.12
N LYS D 370 -0.67 -21.34 16.41
CA LYS D 370 -1.69 -20.38 16.85
C LYS D 370 -2.26 -20.71 18.23
N ILE D 371 -2.61 -21.98 18.43
CA ILE D 371 -3.20 -22.39 19.70
C ILE D 371 -2.17 -22.28 20.81
N SER D 372 -0.90 -22.54 20.51
CA SER D 372 0.16 -22.43 21.53
C SER D 372 0.24 -21.03 22.14
N ARG D 373 0.28 -20.01 21.27
CA ARG D 373 0.38 -18.62 21.69
C ARG D 373 -0.91 -17.99 22.11
N GLN D 374 -1.98 -18.78 22.20
CA GLN D 374 -3.28 -18.28 22.59
C GLN D 374 -3.80 -17.10 21.76
N ALA D 375 -3.30 -16.93 20.55
CA ALA D 375 -3.78 -15.86 19.67
C ALA D 375 -4.16 -16.50 18.37
N VAL D 376 -5.15 -17.39 18.43
CA VAL D 376 -5.61 -18.12 17.26
C VAL D 376 -5.86 -17.31 15.99
N ILE D 377 -6.45 -16.12 16.11
CA ILE D 377 -6.73 -15.27 14.95
C ILE D 377 -5.62 -14.27 14.61
N ALA D 378 -4.89 -13.85 15.64
CA ALA D 378 -3.85 -12.85 15.46
C ALA D 378 -2.42 -13.32 15.19
N ALA D 379 -2.06 -14.50 15.67
CA ALA D 379 -0.72 -14.98 15.41
C ALA D 379 -0.80 -15.95 14.26
N GLN D 380 0.29 -16.05 13.53
CA GLN D 380 0.35 -16.91 12.37
C GLN D 380 1.69 -17.63 12.33
N LEU D 381 1.77 -18.74 11.60
CA LEU D 381 3.04 -19.42 11.56
C LEU D 381 3.97 -18.66 10.64
N PRO D 382 5.15 -18.30 11.16
CA PRO D 382 6.21 -17.55 10.46
C PRO D 382 6.90 -18.42 9.42
N PHE D 383 7.41 -17.80 8.36
CA PHE D 383 8.07 -18.54 7.28
C PHE D 383 9.60 -18.50 7.32
N ALA D 384 10.17 -17.85 8.33
CA ALA D 384 11.63 -17.76 8.44
C ALA D 384 12.12 -17.70 9.88
N PHE D 385 13.20 -18.41 10.18
CA PHE D 385 13.75 -18.37 11.52
C PHE D 385 14.99 -17.47 11.55
N THR D 386 14.86 -16.33 12.21
CA THR D 386 15.94 -15.36 12.29
C THR D 386 16.87 -15.58 13.48
N THR D 387 16.37 -15.32 14.68
CA THR D 387 17.18 -15.48 15.90
C THR D 387 16.30 -15.94 17.03
N LYS D 388 16.80 -16.86 17.83
CA LYS D 388 16.04 -17.40 18.95
C LYS D 388 15.42 -16.31 19.82
N SER D 389 16.05 -15.13 19.80
CA SER D 389 15.58 -14.00 20.58
C SER D 389 14.43 -13.29 19.85
N ASN D 390 14.44 -13.30 18.52
CA ASN D 390 13.36 -12.67 17.79
C ASN D 390 12.17 -13.61 17.60
N TRP D 391 12.45 -14.91 17.52
CA TRP D 391 11.38 -15.89 17.35
C TRP D 391 10.47 -15.89 18.58
N ARG D 392 9.18 -16.15 18.36
CA ARG D 392 8.21 -16.20 19.45
C ARG D 392 7.34 -17.45 19.40
N GLY D 393 6.67 -17.70 20.52
CA GLY D 393 5.83 -18.86 20.65
C GLY D 393 6.61 -20.15 20.91
N PRO D 394 6.30 -21.21 20.17
CA PRO D 394 6.98 -22.50 20.31
C PRO D 394 7.98 -22.68 19.21
N LEU D 395 9.17 -23.15 19.58
CA LEU D 395 10.21 -23.37 18.59
C LEU D 395 9.64 -24.26 17.49
N PRO D 396 10.21 -24.17 16.28
CA PRO D 396 9.74 -24.98 15.16
C PRO D 396 10.00 -26.47 15.35
N ARG D 397 11.15 -26.80 15.94
CA ARG D 397 11.51 -28.19 16.19
C ARG D 397 10.50 -28.79 17.14
N GLU D 398 10.11 -28.02 18.15
CA GLU D 398 9.13 -28.50 19.13
C GLU D 398 7.76 -28.70 18.48
N ILE D 399 7.38 -27.77 17.63
CA ILE D 399 6.12 -27.86 16.94
C ILE D 399 6.14 -29.12 16.09
N LEU D 400 7.27 -29.32 15.44
CA LEU D 400 7.50 -30.46 14.58
C LEU D 400 7.27 -31.78 15.28
N GLY D 401 7.82 -31.92 16.49
CA GLY D 401 7.65 -33.13 17.25
C GLY D 401 6.20 -33.35 17.64
N LEU D 402 5.51 -32.26 17.93
CA LEU D 402 4.10 -32.31 18.33
C LEU D 402 3.22 -32.74 17.19
N PHE D 403 3.52 -32.23 16.00
CA PHE D 403 2.77 -32.55 14.79
C PHE D 403 2.95 -34.01 14.44
N CYS D 404 4.12 -34.55 14.78
CA CYS D 404 4.42 -35.94 14.52
C CYS D 404 3.70 -36.86 15.48
N HIS D 405 3.55 -36.45 16.73
CA HIS D 405 2.87 -37.31 17.66
C HIS D 405 1.38 -37.26 17.44
N GLN D 406 0.83 -36.09 17.12
CA GLN D 406 -0.61 -35.96 16.89
C GLN D 406 -1.08 -36.84 15.74
N HIS D 407 -0.26 -36.92 14.71
CA HIS D 407 -0.54 -37.78 13.58
C HIS D 407 0.33 -38.96 13.98
N ARG D 408 0.15 -40.11 13.36
CA ARG D 408 0.99 -41.20 13.78
C ARG D 408 2.30 -41.14 13.03
N LEU D 409 3.26 -40.41 13.61
CA LEU D 409 4.58 -40.22 13.03
C LEU D 409 5.66 -40.66 14.02
N ALA D 410 6.76 -41.20 13.48
CA ALA D 410 7.89 -41.61 14.31
C ALA D 410 8.77 -40.38 14.38
N GLU D 411 8.94 -39.88 15.61
CA GLU D 411 9.73 -38.66 15.90
C GLU D 411 10.80 -38.32 14.87
N PRO D 412 10.72 -37.11 14.32
CA PRO D 412 11.65 -36.64 13.30
C PRO D 412 13.13 -36.98 13.53
N ILE D 413 13.81 -37.29 12.43
CA ILE D 413 15.23 -37.62 12.42
C ILE D 413 16.05 -36.34 12.23
N LEU D 414 16.94 -36.08 13.18
CA LEU D 414 17.75 -34.87 13.18
C LEU D 414 19.28 -35.06 13.13
N SER D 415 19.88 -34.81 11.96
CA SER D 415 21.33 -34.92 11.76
C SER D 415 21.93 -33.61 11.23
N SER D 416 22.80 -32.99 12.03
CA SER D 416 23.45 -31.73 11.69
C SER D 416 24.93 -31.88 11.35
N SER D 417 25.41 -31.07 10.41
CA SER D 417 26.81 -31.11 9.98
C SER D 417 27.55 -29.82 10.35
N ARG D 461 26.37 -25.24 11.73
CA ARG D 461 26.69 -24.87 10.36
C ARG D 461 25.54 -25.20 9.37
N CYS D 462 25.42 -26.47 9.00
CA CYS D 462 24.36 -26.90 8.06
C CYS D 462 23.29 -27.73 8.77
N GLU D 463 22.26 -28.14 8.02
CA GLU D 463 21.16 -28.91 8.60
C GLU D 463 20.37 -29.81 7.63
N VAL D 464 19.83 -30.91 8.15
CA VAL D 464 19.02 -31.84 7.35
C VAL D 464 17.78 -32.18 8.17
N LYS D 465 16.65 -32.42 7.50
CA LYS D 465 15.40 -32.77 8.18
C LYS D 465 14.69 -33.89 7.47
N ILE D 466 14.42 -34.97 8.17
CA ILE D 466 13.74 -36.10 7.55
C ILE D 466 12.78 -36.81 8.50
N PHE D 467 11.70 -37.35 7.94
CA PHE D 467 10.69 -38.05 8.74
C PHE D 467 10.48 -39.49 8.36
N THR D 468 9.92 -40.22 9.31
CA THR D 468 9.68 -41.64 9.13
C THR D 468 8.46 -42.09 9.85
N LYS D 469 7.49 -42.61 9.13
CA LYS D 469 6.36 -43.10 9.87
C LYS D 469 6.56 -44.62 9.86
N SER D 470 6.77 -45.19 11.06
CA SER D 470 6.98 -46.62 11.24
C SER D 470 8.06 -47.21 10.35
N GLN D 471 9.28 -46.68 10.40
CA GLN D 471 10.38 -47.20 9.58
C GLN D 471 10.26 -46.92 8.09
N ASP D 472 9.25 -46.16 7.70
CA ASP D 472 9.07 -45.80 6.29
C ASP D 472 9.26 -44.27 6.15
N LEU D 473 10.00 -43.85 5.13
CA LEU D 473 10.28 -42.42 4.91
C LEU D 473 9.06 -41.56 4.64
N VAL D 474 9.03 -40.41 5.30
CA VAL D 474 7.93 -39.49 5.17
C VAL D 474 8.28 -38.25 4.34
N LEU D 475 9.46 -37.68 4.59
CA LEU D 475 9.94 -36.50 3.86
C LEU D 475 11.44 -36.25 4.07
N GLU D 476 12.03 -35.50 3.15
CA GLU D 476 13.43 -35.13 3.20
C GLU D 476 13.54 -33.63 3.01
N CYS D 477 14.32 -32.98 3.85
CA CYS D 477 14.52 -31.53 3.76
C CYS D 477 15.95 -31.15 4.12
N SER D 478 16.50 -30.16 3.42
CA SER D 478 17.82 -29.63 3.70
C SER D 478 17.75 -28.18 3.32
N PRO D 479 18.32 -27.30 4.14
CA PRO D 479 18.28 -25.89 3.81
C PRO D 479 19.68 -25.47 3.42
N ARG D 480 19.76 -24.47 2.56
CA ARG D 480 21.03 -24.01 2.04
C ARG D 480 21.69 -22.85 2.78
N LYS D 481 21.06 -22.33 3.83
CA LYS D 481 21.64 -21.20 4.55
C LYS D 481 22.23 -21.61 5.88
N PHE D 482 23.56 -21.71 5.91
CA PHE D 482 24.30 -22.15 7.07
C PHE D 482 24.32 -21.24 8.30
N TYR D 483 23.85 -21.75 9.43
CA TYR D 483 23.78 -20.98 10.67
C TYR D 483 25.01 -21.07 11.57
N GLU D 484 25.18 -20.01 12.37
CA GLU D 484 26.30 -19.90 13.29
C GLU D 484 26.17 -20.89 14.45
N LYS D 485 25.05 -20.82 15.17
CA LYS D 485 24.79 -21.73 16.30
C LYS D 485 23.94 -22.91 15.83
N GLU D 486 24.27 -24.11 16.32
CA GLU D 486 23.58 -25.33 15.93
C GLU D 486 22.09 -25.37 16.21
N ASN D 487 21.67 -24.73 17.30
CA ASN D 487 20.26 -24.69 17.62
C ASN D 487 19.50 -23.94 16.52
N ASP D 488 20.01 -22.76 16.16
CA ASP D 488 19.39 -21.95 15.13
C ASP D 488 19.63 -22.52 13.75
N ALA D 489 20.34 -23.64 13.66
CA ALA D 489 20.61 -24.28 12.38
C ALA D 489 19.47 -25.23 12.13
N ILE D 490 19.18 -26.00 13.16
CA ILE D 490 18.10 -26.98 13.11
C ILE D 490 16.76 -26.25 12.90
N GLN D 491 16.43 -25.38 13.86
CA GLN D 491 15.19 -24.61 13.86
C GLN D 491 14.72 -24.13 12.49
N ASN D 492 15.59 -23.42 11.77
CA ASN D 492 15.22 -22.91 10.45
C ASN D 492 14.91 -24.03 9.46
N ALA D 493 15.27 -25.24 9.84
CA ALA D 493 15.05 -26.44 9.03
C ALA D 493 13.78 -27.18 9.46
N SER D 494 13.55 -27.22 10.77
CA SER D 494 12.37 -27.88 11.32
C SER D 494 11.16 -27.07 10.84
N LEU D 495 11.39 -25.78 10.59
CA LEU D 495 10.34 -24.90 10.15
C LEU D 495 10.02 -25.08 8.68
N LYS D 496 11.06 -25.40 7.90
CA LYS D 496 10.90 -25.64 6.48
C LYS D 496 9.90 -26.78 6.32
N ALA D 497 10.23 -27.92 6.91
CA ALA D 497 9.35 -29.09 6.87
C ALA D 497 7.93 -28.67 7.26
N LEU D 498 7.79 -28.13 8.47
CA LEU D 498 6.49 -27.70 8.95
C LEU D 498 5.77 -26.88 7.89
N LEU D 499 6.52 -26.05 7.17
CA LEU D 499 5.92 -25.23 6.14
C LEU D 499 5.38 -26.07 4.99
N TRP D 500 6.11 -27.10 4.59
CA TRP D 500 5.63 -27.95 3.51
C TRP D 500 4.39 -28.70 3.93
N PHE D 501 4.37 -29.13 5.18
CA PHE D 501 3.20 -29.83 5.66
C PHE D 501 1.98 -28.94 5.50
N SER D 502 2.16 -27.63 5.69
CA SER D 502 1.04 -26.66 5.59
C SER D 502 0.35 -26.61 4.23
N LYS D 503 0.93 -27.28 3.24
CA LYS D 503 0.32 -27.28 1.92
C LYS D 503 -0.91 -28.21 1.98
N PHE D 504 -1.01 -28.97 3.06
CA PHE D 504 -2.07 -29.94 3.31
C PHE D 504 -3.31 -29.45 4.06
N PHE D 505 -3.16 -28.33 4.72
CA PHE D 505 -4.25 -27.77 5.45
C PHE D 505 -4.21 -26.32 5.10
N ALA D 506 -5.35 -25.68 5.30
CA ALA D 506 -5.47 -24.28 5.01
C ALA D 506 -6.17 -23.59 6.15
N ASP D 507 -5.39 -22.89 6.93
CA ASP D 507 -5.90 -22.01 7.99
C ASP D 507 -5.10 -20.79 7.55
N LEU D 508 -5.75 -19.68 7.79
CA LEU D 508 -5.36 -18.32 7.41
C LEU D 508 -4.11 -18.01 6.61
N SER D 528 -1.08 -37.01 -3.32
CA SER D 528 -0.81 -37.04 -1.88
C SER D 528 -0.23 -38.38 -1.47
N PRO D 529 1.03 -38.39 -0.98
CA PRO D 529 1.67 -39.66 -0.58
C PRO D 529 1.38 -40.09 0.86
N ASN D 530 0.91 -39.16 1.68
CA ASN D 530 0.51 -39.45 3.05
C ASN D 530 -0.95 -39.07 3.09
N VAL D 531 -1.56 -39.18 4.25
CA VAL D 531 -2.98 -38.96 4.32
C VAL D 531 -3.55 -37.83 5.13
N PHE D 532 -4.41 -37.02 4.52
CA PHE D 532 -5.07 -35.90 5.21
C PHE D 532 -6.29 -35.42 4.43
N ALA D 533 -7.45 -35.68 4.99
CA ALA D 533 -8.71 -35.32 4.37
C ALA D 533 -9.30 -34.08 5.03
N ALA D 534 -9.64 -33.09 4.20
CA ALA D 534 -10.23 -31.84 4.68
C ALA D 534 -11.69 -32.07 5.04
N PRO D 535 -12.16 -31.44 6.12
CA PRO D 535 -13.57 -31.68 6.45
C PRO D 535 -14.65 -30.64 6.09
N PRO D 536 -14.26 -29.46 5.58
CA PRO D 536 -15.34 -28.53 5.23
C PRO D 536 -15.73 -28.77 3.78
N SER D 543 -12.12 -10.12 1.66
CA SER D 543 -10.88 -9.51 2.11
C SER D 543 -10.69 -8.11 1.54
N SER D 544 -11.47 -7.16 2.05
CA SER D 544 -11.40 -5.76 1.63
C SER D 544 -11.33 -4.87 2.87
N GLU D 545 -10.12 -4.36 3.16
CA GLU D 545 -9.85 -3.51 4.32
C GLU D 545 -10.54 -2.15 4.24
N SER D 546 -11.46 -1.89 5.17
CA SER D 546 -12.20 -0.62 5.20
C SER D 546 -12.27 -0.02 6.59
N LYS D 547 -11.60 1.11 6.80
CA LYS D 547 -11.61 1.76 8.10
C LYS D 547 -12.78 2.73 8.20
N GLU D 555 5.71 8.23 8.51
CA GLU D 555 7.10 7.93 8.18
C GLU D 555 7.34 6.48 7.80
N LYS D 556 8.54 6.22 7.29
CA LYS D 556 8.97 4.88 6.89
C LYS D 556 9.98 4.35 7.93
N ARG D 557 10.79 5.24 8.48
CA ARG D 557 11.79 4.85 9.48
C ARG D 557 11.24 4.74 10.89
N VAL D 558 10.56 5.80 11.35
CA VAL D 558 10.00 5.83 12.70
C VAL D 558 8.73 5.02 12.89
N GLN D 559 7.78 5.19 11.99
CA GLN D 559 6.54 4.47 12.14
C GLN D 559 6.61 3.13 11.49
N SER D 560 6.99 3.09 10.21
CA SER D 560 7.15 1.80 9.55
C SER D 560 8.25 1.26 10.34
N ILE D 561 7.99 0.09 10.86
CA ILE D 561 8.95 -0.47 11.69
C ILE D 561 9.94 -1.25 10.85
N THR D 562 11.04 -1.57 11.49
CA THR D 562 12.09 -2.32 10.86
C THR D 562 11.61 -3.75 10.71
N ASN D 563 12.15 -4.47 9.74
CA ASN D 563 11.73 -5.85 9.60
C ASN D 563 12.14 -6.61 10.86
N GLY D 564 13.37 -6.41 11.32
CA GLY D 564 13.84 -7.12 12.50
C GLY D 564 13.18 -6.83 13.86
N SER D 565 12.38 -5.76 13.92
CA SER D 565 11.71 -5.34 15.16
C SER D 565 10.63 -6.23 15.77
N VAL D 566 10.49 -6.16 17.09
CA VAL D 566 9.51 -6.94 17.83
C VAL D 566 8.44 -6.02 18.42
N VAL D 567 7.22 -6.07 17.88
CA VAL D 567 6.15 -5.23 18.38
C VAL D 567 5.37 -5.82 19.57
N SER D 568 5.04 -4.96 20.53
CA SER D 568 4.26 -5.35 21.71
C SER D 568 2.93 -4.63 21.52
N ILE D 569 1.93 -5.35 21.02
CA ILE D 569 0.63 -4.73 20.78
C ILE D 569 -0.50 -5.36 21.62
N CYS D 570 -1.53 -4.57 21.91
CA CYS D 570 -2.71 -5.03 22.64
C CYS D 570 -3.86 -4.99 21.64
N TYR D 571 -4.36 -6.14 21.20
CA TYR D 571 -5.46 -6.16 20.24
C TYR D 571 -6.75 -6.58 20.90
N SER D 572 -7.82 -6.56 20.13
CA SER D 572 -9.15 -6.94 20.60
C SER D 572 -10.01 -7.04 19.36
N LEU D 573 -10.26 -8.27 18.94
CA LEU D 573 -11.02 -8.52 17.75
C LEU D 573 -12.52 -8.74 18.03
N SER D 574 -13.38 -8.08 17.25
CA SER D 574 -14.81 -8.19 17.43
C SER D 574 -15.53 -8.56 16.14
N LEU D 575 -16.52 -9.44 16.23
CA LEU D 575 -17.30 -9.86 15.06
C LEU D 575 -18.74 -9.46 15.20
N ALA D 576 -19.32 -8.97 14.15
CA ALA D 576 -20.71 -8.66 14.28
C ALA D 576 -21.07 -8.19 12.92
N VAL D 577 -22.37 -8.05 12.70
CA VAL D 577 -22.84 -7.57 11.41
C VAL D 577 -22.67 -6.06 11.40
N ASP D 578 -21.87 -5.56 10.46
CA ASP D 578 -21.62 -4.13 10.35
C ASP D 578 -22.13 -3.62 9.05
N PRO D 579 -21.91 -4.43 8.01
CA PRO D 579 -22.36 -4.04 6.69
C PRO D 579 -23.89 -4.11 6.70
N GLU D 580 -24.48 -3.25 7.54
CA GLU D 580 -25.92 -3.13 7.74
C GLU D 580 -26.69 -2.85 6.48
N TYR D 581 -26.03 -2.19 5.55
CA TYR D 581 -26.70 -1.82 4.32
C TYR D 581 -25.95 -2.37 3.10
N GLU D 607 -26.70 -7.03 21.61
CA GLU D 607 -26.09 -8.35 21.49
C GLU D 607 -25.92 -8.80 20.03
N SER D 608 -27.02 -8.83 19.29
CA SER D 608 -27.01 -9.23 17.88
C SER D 608 -26.13 -8.31 17.04
N SER D 609 -25.56 -7.29 17.69
CA SER D 609 -24.78 -6.28 16.99
C SER D 609 -23.27 -6.28 17.13
N VAL D 610 -22.75 -6.71 18.29
CA VAL D 610 -21.32 -6.67 18.54
C VAL D 610 -20.93 -7.80 19.52
N GLU D 611 -20.12 -8.76 19.06
CA GLU D 611 -19.66 -9.88 19.88
C GLU D 611 -18.12 -10.06 19.87
N PRO D 612 -17.52 -10.08 21.07
CA PRO D 612 -16.06 -10.25 21.19
C PRO D 612 -15.66 -11.69 20.88
N ILE D 613 -14.59 -11.86 20.11
CA ILE D 613 -14.11 -13.19 19.75
C ILE D 613 -12.85 -13.47 20.58
N GLU D 614 -11.69 -12.89 20.25
CA GLU D 614 -10.49 -13.05 21.08
C GLU D 614 -9.82 -11.70 21.28
N SER D 615 -9.16 -11.53 22.43
CA SER D 615 -8.44 -10.29 22.72
C SER D 615 -7.27 -10.56 23.68
N ASN D 616 -6.11 -9.99 23.39
CA ASN D 616 -4.96 -10.15 24.28
C ASN D 616 -4.60 -8.74 24.78
N GLU D 617 -4.24 -8.57 26.05
CA GLU D 617 -3.94 -7.22 26.53
C GLU D 617 -2.48 -6.86 26.32
N GLU D 618 -1.68 -7.87 26.01
CA GLU D 618 -0.28 -7.66 25.77
C GLU D 618 0.32 -8.88 25.05
N ILE D 619 0.91 -8.63 23.89
CA ILE D 619 1.53 -9.69 23.09
C ILE D 619 2.58 -9.15 22.13
N GLU D 620 3.68 -9.89 21.98
CA GLU D 620 4.77 -9.47 21.12
C GLU D 620 4.88 -10.29 19.82
N PHE D 621 5.07 -9.60 18.68
CA PHE D 621 5.20 -10.24 17.34
C PHE D 621 6.40 -9.75 16.49
N GLU D 622 7.14 -10.69 15.90
CA GLU D 622 8.26 -10.33 15.00
C GLU D 622 7.61 -9.53 13.88
N VAL D 623 8.33 -8.58 13.30
CA VAL D 623 7.71 -7.78 12.25
C VAL D 623 8.10 -8.12 10.81
N GLY D 624 9.23 -8.78 10.62
CA GLY D 624 9.66 -9.11 9.27
C GLY D 624 8.97 -10.32 8.68
N THR D 625 8.86 -11.38 9.49
CA THR D 625 8.25 -12.65 9.08
C THR D 625 6.73 -12.68 9.23
N GLY D 626 6.11 -13.75 8.73
CA GLY D 626 4.67 -13.83 8.84
C GLY D 626 4.26 -14.16 10.25
N SER D 627 4.83 -13.47 11.22
CA SER D 627 4.52 -13.74 12.62
C SER D 627 3.06 -13.56 13.00
N MET D 628 2.37 -12.71 12.26
CA MET D 628 0.95 -12.47 12.57
C MET D 628 0.16 -12.24 11.31
N ASN D 629 -1.16 -12.26 11.48
CA ASN D 629 -2.09 -12.06 10.38
C ASN D 629 -1.67 -10.83 9.60
N PRO D 630 -1.59 -10.94 8.26
CA PRO D 630 -1.19 -9.87 7.33
C PRO D 630 -1.89 -8.56 7.59
N HIS D 631 -3.22 -8.59 7.50
CA HIS D 631 -4.04 -7.41 7.73
C HIS D 631 -3.68 -6.64 8.99
N ILE D 632 -3.12 -7.33 9.98
CA ILE D 632 -2.74 -6.70 11.24
C ILE D 632 -1.31 -6.20 11.20
N GLU D 633 -0.56 -6.55 10.17
CA GLU D 633 0.81 -6.11 10.13
C GLU D 633 1.00 -4.76 9.49
N SER D 634 0.29 -4.50 8.41
CA SER D 634 0.39 -3.20 7.73
C SER D 634 0.20 -2.08 8.73
N GLU D 635 -0.97 -2.04 9.36
CA GLU D 635 -1.26 -0.99 10.33
C GLU D 635 -0.24 -0.92 11.43
N VAL D 636 0.02 -2.02 12.09
CA VAL D 636 0.98 -1.97 13.18
C VAL D 636 2.33 -1.37 12.77
N THR D 637 2.76 -1.62 11.53
CA THR D 637 4.01 -1.07 11.04
C THR D 637 3.92 0.42 10.77
N GLN D 638 2.72 0.95 10.60
CA GLN D 638 2.54 2.37 10.30
C GLN D 638 2.07 3.25 11.46
N MET D 639 2.10 2.70 12.67
CA MET D 639 1.62 3.41 13.84
C MET D 639 2.74 3.82 14.81
N THR D 640 2.32 4.56 15.83
CA THR D 640 3.15 5.17 16.86
C THR D 640 2.96 4.56 18.25
N VAL D 641 4.04 4.41 19.01
CA VAL D 641 3.91 3.87 20.36
C VAL D 641 2.88 4.75 21.04
N GLY D 642 1.73 4.17 21.36
CA GLY D 642 0.67 4.93 22.00
C GLY D 642 -0.55 5.08 21.10
N GLU D 643 -0.32 5.01 19.79
CA GLU D 643 -1.39 5.15 18.81
C GLU D 643 -2.36 3.97 18.89
N TYR D 644 -3.59 4.23 18.45
CA TYR D 644 -4.65 3.24 18.48
C TYR D 644 -5.23 3.17 17.08
N ALA D 645 -5.68 2.00 16.65
CA ALA D 645 -6.24 1.90 15.31
C ALA D 645 -7.38 0.88 15.27
N SER D 646 -8.27 1.02 14.29
CA SER D 646 -9.40 0.09 14.14
C SER D 646 -9.81 -0.07 12.68
N PHE D 647 -9.85 -1.30 12.21
CA PHE D 647 -10.24 -1.57 10.83
C PHE D 647 -11.12 -2.79 10.75
N LYS D 648 -11.86 -2.93 9.67
CA LYS D 648 -12.75 -4.07 9.50
C LYS D 648 -12.80 -4.66 8.09
N MET D 649 -12.82 -5.99 8.04
CA MET D 649 -12.87 -6.74 6.77
C MET D 649 -14.31 -7.19 6.65
N THR D 650 -15.04 -6.64 5.68
CA THR D 650 -16.44 -7.06 5.52
C THR D 650 -16.44 -8.57 5.26
N PRO D 651 -15.41 -9.07 4.57
CA PRO D 651 -15.38 -10.52 4.34
C PRO D 651 -14.45 -11.12 5.42
N PRO D 652 -14.99 -11.46 6.61
CA PRO D 652 -14.18 -12.04 7.70
C PRO D 652 -12.90 -12.70 7.18
N ASP D 653 -11.79 -11.98 7.24
CA ASP D 653 -10.53 -12.49 6.72
C ASP D 653 -10.03 -13.85 7.21
N ALA D 654 -10.38 -14.28 8.42
CA ALA D 654 -9.93 -15.59 8.89
C ALA D 654 -11.00 -16.63 8.62
N ALA D 655 -10.59 -17.89 8.53
CA ALA D 655 -11.53 -18.96 8.28
C ALA D 655 -12.54 -19.10 9.42
N GLU D 656 -13.73 -19.55 9.06
CA GLU D 656 -14.81 -19.77 10.02
C GLU D 656 -14.35 -20.72 11.11
N ALA D 657 -13.54 -21.68 10.68
CA ALA D 657 -12.98 -22.69 11.55
C ALA D 657 -12.15 -22.03 12.63
N LEU D 658 -11.43 -20.97 12.25
CA LEU D 658 -10.60 -20.25 13.19
C LEU D 658 -11.44 -19.35 14.05
N ILE D 659 -12.61 -18.96 13.55
CA ILE D 659 -13.46 -18.07 14.33
C ILE D 659 -14.26 -18.87 15.34
N LEU D 660 -14.66 -20.07 14.96
CA LEU D 660 -15.43 -20.92 15.87
C LEU D 660 -14.59 -21.53 16.98
N ALA D 661 -13.30 -21.72 16.72
CA ALA D 661 -12.40 -22.32 17.70
C ALA D 661 -12.03 -21.39 18.85
N VAL D 662 -12.19 -20.07 18.66
CA VAL D 662 -11.88 -19.09 19.72
C VAL D 662 -13.14 -18.50 20.38
N GLY D 663 -14.25 -18.54 19.64
CA GLY D 663 -15.52 -18.05 20.15
C GLY D 663 -16.11 -19.00 21.18
N SER D 664 -16.55 -18.43 22.31
CA SER D 664 -17.11 -19.16 23.42
C SER D 664 -18.62 -19.39 23.35
N ASP D 665 -19.32 -18.61 22.53
CA ASP D 665 -20.76 -18.76 22.36
C ASP D 665 -20.98 -19.12 20.91
N THR D 666 -20.58 -20.34 20.59
CA THR D 666 -20.61 -20.86 19.23
C THR D 666 -21.88 -20.74 18.42
N VAL D 667 -23.03 -20.79 19.07
CA VAL D 667 -24.24 -20.71 18.30
C VAL D 667 -24.56 -19.30 17.83
N ARG D 668 -24.16 -18.30 18.61
CA ARG D 668 -24.39 -16.92 18.19
C ARG D 668 -23.47 -16.64 17.01
N ILE D 669 -22.27 -17.21 17.06
CA ILE D 669 -21.29 -17.06 16.00
C ILE D 669 -21.85 -17.68 14.73
N ARG D 670 -22.42 -18.88 14.87
CA ARG D 670 -22.99 -19.57 13.73
C ARG D 670 -24.08 -18.74 13.04
N SER D 671 -24.83 -18.00 13.83
CA SER D 671 -25.90 -17.15 13.31
C SER D 671 -25.32 -15.89 12.62
N LEU D 672 -24.34 -15.26 13.25
CA LEU D 672 -23.73 -14.07 12.67
C LEU D 672 -23.00 -14.39 11.37
N LEU D 673 -22.47 -15.60 11.27
CA LEU D 673 -21.74 -16.02 10.08
C LEU D 673 -22.65 -16.28 8.89
N SER D 674 -23.87 -16.75 9.17
CA SER D 674 -24.85 -17.03 8.12
C SER D 674 -25.40 -15.77 7.45
N GLU D 675 -25.65 -14.71 8.21
CA GLU D 675 -26.11 -13.44 7.64
C GLU D 675 -24.83 -12.63 7.42
N ARG D 676 -24.91 -11.43 6.84
CA ARG D 676 -23.70 -10.64 6.58
C ARG D 676 -22.79 -10.48 7.81
N PRO D 677 -21.60 -11.07 7.75
CA PRO D 677 -20.62 -11.00 8.84
C PRO D 677 -19.54 -9.97 8.59
N CYS D 678 -18.94 -9.45 9.65
CA CYS D 678 -17.87 -8.44 9.55
C CYS D 678 -16.93 -8.48 10.76
N LEU D 679 -15.63 -8.43 10.50
CA LEU D 679 -14.65 -8.45 11.58
C LEU D 679 -14.15 -7.07 11.94
N ASN D 680 -14.09 -6.78 13.24
CA ASN D 680 -13.62 -5.47 13.72
C ASN D 680 -12.31 -5.65 14.46
N TYR D 681 -11.24 -5.13 13.89
CA TYR D 681 -9.95 -5.28 14.53
C TYR D 681 -9.52 -4.03 15.28
N ASN D 682 -9.30 -4.06 16.60
CA ASN D 682 -8.75 -2.87 17.25
C ASN D 682 -7.38 -3.25 17.79
N ILE D 683 -6.33 -2.48 17.47
CA ILE D 683 -4.99 -2.81 17.96
C ILE D 683 -4.39 -1.57 18.60
N LEU D 684 -3.71 -1.74 19.73
CA LEU D 684 -3.10 -0.58 20.39
C LEU D 684 -1.60 -0.78 20.38
N LEU D 685 -0.83 0.13 19.81
CA LEU D 685 0.61 -0.11 19.81
C LEU D 685 1.13 0.21 21.20
N LEU D 686 1.74 -0.77 21.87
CA LEU D 686 2.25 -0.52 23.22
C LEU D 686 3.77 -0.46 23.34
N GLY D 687 4.45 -0.56 22.20
CA GLY D 687 5.89 -0.49 22.22
C GLY D 687 6.49 -1.07 20.96
N VAL D 688 7.81 -1.02 20.88
CA VAL D 688 8.56 -1.57 19.76
C VAL D 688 9.98 -1.73 20.21
N LYS D 689 10.60 -2.83 19.85
CA LYS D 689 11.99 -2.96 20.23
C LYS D 689 12.75 -3.24 18.94
N GLY D 690 13.73 -2.39 18.67
CA GLY D 690 14.51 -2.55 17.46
C GLY D 690 15.21 -3.88 17.34
N PRO D 691 15.62 -4.23 16.11
CA PRO D 691 16.31 -5.48 15.84
C PRO D 691 17.56 -5.61 16.68
N SER D 692 17.77 -6.84 17.13
CA SER D 692 18.92 -7.13 17.95
C SER D 692 19.94 -7.88 17.14
N GLU D 693 21.16 -7.67 17.56
CA GLU D 693 22.30 -8.21 16.91
C GLU D 693 23.09 -9.15 17.80
N GLU D 694 24.08 -9.77 17.17
CA GLU D 694 24.98 -10.67 17.84
C GLU D 694 26.34 -10.00 17.85
N ARG D 695 26.93 -9.94 19.04
CA ARG D 695 28.22 -9.32 19.24
C ARG D 695 29.35 -10.13 18.63
N MET D 696 29.84 -9.71 17.49
CA MET D 696 30.94 -10.44 16.89
C MET D 696 32.20 -9.65 17.07
N GLU D 697 33.23 -10.28 17.62
CA GLU D 697 34.47 -9.56 17.78
C GLU D 697 35.13 -9.54 16.40
N ALA D 698 35.41 -8.34 15.90
CA ALA D 698 36.09 -8.16 14.63
C ALA D 698 37.44 -7.62 15.05
N ALA D 699 38.50 -8.29 14.63
CA ALA D 699 39.85 -7.91 15.01
C ALA D 699 40.41 -6.65 14.35
N PHE D 700 40.10 -5.54 14.98
CA PHE D 700 40.50 -4.20 14.61
C PHE D 700 41.97 -3.93 14.23
N PHE D 701 42.92 -4.29 15.11
CA PHE D 701 44.34 -4.02 14.82
C PHE D 701 45.06 -5.14 14.02
N LYS D 702 45.95 -4.72 13.11
CA LYS D 702 46.74 -5.62 12.19
C LYS D 702 47.23 -6.82 12.97
N PRO D 703 48.25 -6.68 13.84
CA PRO D 703 48.47 -7.93 14.56
C PRO D 703 47.58 -7.57 15.78
N PRO D 704 46.70 -8.48 16.23
CA PRO D 704 45.80 -8.18 17.37
C PRO D 704 46.47 -7.39 18.51
N LEU D 705 45.82 -6.31 18.95
CA LEU D 705 46.36 -5.44 20.01
C LEU D 705 46.95 -6.15 21.22
N SER D 706 46.13 -6.95 21.90
CA SER D 706 46.62 -7.67 23.07
C SER D 706 47.82 -8.54 22.71
N LYS D 707 48.07 -8.73 21.41
CA LYS D 707 49.19 -9.54 20.97
C LYS D 707 50.38 -8.66 20.67
N GLN D 708 50.12 -7.37 20.50
CA GLN D 708 51.17 -6.39 20.22
C GLN D 708 51.84 -5.88 21.49
N ARG D 709 51.15 -6.03 22.62
CA ARG D 709 51.68 -5.59 23.90
C ARG D 709 52.79 -6.53 24.32
N VAL D 710 52.68 -7.79 23.90
CA VAL D 710 53.71 -8.75 24.24
C VAL D 710 54.99 -8.36 23.49
N GLU D 711 54.85 -7.88 22.28
CA GLU D 711 55.99 -7.45 21.49
C GLU D 711 56.74 -6.35 22.22
N TYR D 712 56.02 -5.29 22.56
CA TYR D 712 56.62 -4.17 23.26
C TYR D 712 57.31 -4.62 24.56
N ALA D 713 56.66 -5.53 25.26
CA ALA D 713 57.21 -6.04 26.51
C ALA D 713 58.51 -6.81 26.33
N LEU D 714 58.49 -7.82 25.47
CA LEU D 714 59.67 -8.66 25.27
C LEU D 714 60.82 -7.88 24.66
N LYS D 715 60.50 -6.94 23.80
CA LYS D 715 61.53 -6.12 23.17
C LYS D 715 62.24 -5.35 24.25
N HIS D 716 61.45 -4.80 25.18
CA HIS D 716 62.03 -4.06 26.29
C HIS D 716 62.77 -5.01 27.21
N ILE D 717 62.14 -6.13 27.54
CA ILE D 717 62.77 -7.09 28.44
C ILE D 717 64.09 -7.63 27.92
N ARG D 718 64.14 -7.95 26.63
CA ARG D 718 65.34 -8.50 26.05
C ARG D 718 66.35 -7.43 25.74
N GLU D 719 65.89 -6.20 25.59
CA GLU D 719 66.77 -5.09 25.27
C GLU D 719 67.69 -4.83 26.42
N SER D 720 67.24 -5.31 27.56
CA SER D 720 67.91 -5.17 28.85
C SER D 720 68.38 -6.48 29.48
N SER D 721 69.35 -6.32 30.39
CA SER D 721 69.93 -7.41 31.15
C SER D 721 69.03 -7.64 32.37
N ALA D 722 68.72 -8.90 32.69
CA ALA D 722 67.85 -9.20 33.85
C ALA D 722 67.84 -10.67 34.21
N SER D 723 67.72 -10.97 35.50
CA SER D 723 67.72 -12.37 35.86
C SER D 723 66.30 -12.80 36.15
N THR D 724 65.70 -12.04 37.07
CA THR D 724 64.37 -12.25 37.54
C THR D 724 63.37 -11.32 36.87
N LEU D 725 62.10 -11.73 36.92
CA LEU D 725 61.02 -10.98 36.33
C LEU D 725 59.68 -11.30 36.98
N VAL D 726 58.95 -10.26 37.38
CA VAL D 726 57.64 -10.46 37.98
C VAL D 726 56.60 -9.94 37.02
N ASP D 727 55.56 -10.73 36.79
CA ASP D 727 54.49 -10.34 35.89
C ASP D 727 53.20 -10.17 36.68
N PHE D 728 52.99 -8.98 37.25
CA PHE D 728 51.78 -8.74 38.02
C PHE D 728 50.57 -8.85 37.14
N GLY D 729 49.75 -9.88 37.36
CA GLY D 729 48.56 -10.06 36.57
C GLY D 729 48.79 -10.88 35.30
N CYS D 730 49.42 -12.03 35.48
CA CYS D 730 49.70 -12.88 34.34
C CYS D 730 48.43 -13.44 33.76
N GLY D 731 47.56 -13.98 34.62
CA GLY D 731 46.33 -14.55 34.12
C GLY D 731 46.61 -15.62 33.09
N SER D 732 46.29 -15.32 31.82
CA SER D 732 46.53 -16.26 30.72
C SER D 732 47.93 -16.92 30.73
N GLY D 733 48.97 -16.11 30.98
CA GLY D 733 50.35 -16.60 31.01
C GLY D 733 51.09 -16.34 29.70
N SER D 734 50.38 -15.71 28.77
CA SER D 734 50.91 -15.37 27.45
C SER D 734 52.28 -14.70 27.43
N LEU D 735 52.43 -13.58 28.14
CA LEU D 735 53.73 -12.89 28.19
C LEU D 735 54.84 -13.85 28.60
N LEU D 736 54.60 -14.60 29.67
CA LEU D 736 55.57 -15.55 30.16
C LEU D 736 55.83 -16.59 29.08
N ASP D 737 54.79 -16.97 28.34
CA ASP D 737 54.98 -17.92 27.27
C ASP D 737 55.91 -17.33 26.21
N SER D 738 55.38 -16.36 25.47
CA SER D 738 56.12 -15.69 24.39
C SER D 738 57.58 -15.45 24.78
N LEU D 739 57.76 -15.16 26.07
CA LEU D 739 59.07 -14.89 26.65
C LEU D 739 59.97 -16.11 26.63
N LEU D 740 59.50 -17.22 27.20
CA LEU D 740 60.34 -18.41 27.21
C LEU D 740 60.58 -18.97 25.80
N ASP D 741 59.93 -18.38 24.78
CA ASP D 741 60.07 -18.85 23.39
C ASP D 741 61.27 -18.34 22.60
N TYR D 742 61.83 -17.19 22.99
CA TYR D 742 63.01 -16.64 22.32
C TYR D 742 63.98 -16.23 23.44
N PRO D 743 65.26 -16.60 23.32
CA PRO D 743 66.34 -16.34 24.31
C PRO D 743 66.35 -15.01 25.03
N THR D 744 66.81 -15.02 26.29
CA THR D 744 66.90 -13.82 27.11
C THR D 744 67.80 -14.03 28.31
N SER D 745 68.31 -12.93 28.86
CA SER D 745 69.19 -13.02 30.02
C SER D 745 68.48 -13.57 31.26
N LEU D 746 67.15 -13.63 31.17
CA LEU D 746 66.29 -14.08 32.27
C LEU D 746 66.62 -15.47 32.79
N GLN D 747 66.56 -15.60 34.11
CA GLN D 747 66.82 -16.86 34.79
C GLN D 747 65.66 -17.20 35.70
N THR D 748 65.07 -16.17 36.31
CA THR D 748 63.97 -16.35 37.25
C THR D 748 62.65 -15.62 36.92
N ILE D 749 61.61 -16.39 36.56
CA ILE D 749 60.29 -15.81 36.25
C ILE D 749 59.24 -16.07 37.35
N ILE D 750 58.37 -15.08 37.52
CA ILE D 750 57.31 -15.13 38.52
C ILE D 750 56.00 -14.57 37.96
N GLY D 751 54.89 -15.16 38.39
CA GLY D 751 53.59 -14.70 37.95
C GLY D 751 52.81 -14.51 39.23
N VAL D 752 51.93 -13.51 39.25
CA VAL D 752 51.12 -13.24 40.43
C VAL D 752 49.71 -12.96 39.98
N ASP D 753 48.73 -13.57 40.64
CA ASP D 753 47.36 -13.35 40.27
C ASP D 753 46.42 -13.89 41.35
N ILE D 754 45.15 -13.50 41.25
CA ILE D 754 44.13 -13.97 42.18
C ILE D 754 43.05 -14.77 41.43
N SER D 755 43.21 -14.88 40.11
CA SER D 755 42.28 -15.62 39.26
C SER D 755 42.73 -17.08 39.09
N PRO D 756 42.16 -18.00 39.90
CA PRO D 756 42.57 -19.41 39.78
C PRO D 756 42.40 -19.99 38.39
N LYS D 757 41.28 -19.70 37.74
CA LYS D 757 41.06 -20.26 36.40
C LYS D 757 42.22 -19.96 35.47
N GLY D 758 42.84 -18.81 35.68
CA GLY D 758 43.95 -18.39 34.85
C GLY D 758 45.25 -19.05 35.27
N LEU D 759 45.60 -18.92 36.54
CA LEU D 759 46.81 -19.52 37.05
C LEU D 759 46.91 -20.98 36.58
N ALA D 760 45.83 -21.73 36.69
CA ALA D 760 45.85 -23.14 36.29
C ALA D 760 46.28 -23.32 34.83
N ARG D 761 45.78 -22.44 33.98
CA ARG D 761 46.12 -22.49 32.58
C ARG D 761 47.59 -22.09 32.39
N ALA D 762 48.05 -21.09 33.13
CA ALA D 762 49.44 -20.63 33.08
C ALA D 762 50.39 -21.78 33.40
N ALA D 763 50.10 -22.53 34.45
CA ALA D 763 50.98 -23.64 34.78
C ALA D 763 50.95 -24.71 33.70
N LYS D 764 49.74 -25.12 33.32
CA LYS D 764 49.57 -26.15 32.31
C LYS D 764 50.38 -25.81 31.09
N MET D 765 50.46 -24.54 30.74
CA MET D 765 51.25 -24.14 29.58
C MET D 765 52.75 -24.30 29.86
N LEU D 766 53.22 -23.65 30.93
CA LEU D 766 54.64 -23.67 31.32
C LEU D 766 55.22 -25.07 31.50
N HIS D 767 54.41 -26.01 31.94
CA HIS D 767 54.91 -27.34 32.14
C HIS D 767 55.50 -27.93 30.86
N VAL D 768 54.86 -27.65 29.73
CA VAL D 768 55.29 -28.15 28.43
C VAL D 768 56.54 -27.39 28.03
N LYS D 769 56.42 -26.08 28.12
CA LYS D 769 57.48 -25.17 27.75
C LYS D 769 58.80 -25.29 28.50
N LEU D 770 58.72 -25.42 29.83
CA LEU D 770 59.93 -25.52 30.65
C LEU D 770 60.62 -26.88 30.67
N ASN D 771 60.13 -27.82 29.85
CA ASN D 771 60.76 -29.14 29.78
C ASN D 771 61.71 -29.13 28.60
N LYS D 772 61.29 -28.46 27.52
CA LYS D 772 62.08 -28.38 26.30
C LYS D 772 62.82 -27.06 26.08
N GLU D 773 62.15 -25.93 26.25
CA GLU D 773 62.85 -24.68 26.00
C GLU D 773 63.18 -23.86 27.23
N ALA D 774 63.76 -24.49 28.23
CA ALA D 774 64.14 -23.73 29.40
C ALA D 774 65.46 -23.10 28.94
N CYS D 775 65.36 -21.89 28.41
CA CYS D 775 66.50 -21.14 27.86
C CYS D 775 67.65 -20.95 28.85
N ASN D 776 67.41 -20.11 29.86
CA ASN D 776 68.40 -19.89 30.91
C ASN D 776 67.60 -19.99 32.18
N VAL D 777 66.29 -19.85 32.00
CA VAL D 777 65.36 -19.87 33.11
C VAL D 777 65.54 -21.14 33.96
N LYS D 778 65.61 -20.97 35.28
CA LYS D 778 65.81 -22.10 36.18
C LYS D 778 64.77 -22.16 37.29
N SER D 779 64.13 -21.03 37.52
CA SER D 779 63.13 -20.90 38.54
C SER D 779 61.90 -20.28 37.88
N ALA D 780 60.75 -20.88 38.09
CA ALA D 780 59.53 -20.34 37.50
C ALA D 780 58.43 -20.63 38.50
N THR D 781 58.01 -19.59 39.19
CA THR D 781 56.99 -19.71 40.22
C THR D 781 55.73 -18.91 39.92
N LEU D 782 54.57 -19.46 40.24
CA LEU D 782 53.34 -18.72 40.03
C LEU D 782 52.73 -18.59 41.41
N TYR D 783 52.25 -17.40 41.76
CA TYR D 783 51.65 -17.19 43.07
C TYR D 783 50.18 -16.83 42.95
N ASP D 784 49.47 -16.89 44.08
CA ASP D 784 48.06 -16.54 44.12
C ASP D 784 48.01 -15.39 45.10
N GLY D 785 47.81 -14.18 44.57
CA GLY D 785 47.75 -13.03 45.46
C GLY D 785 47.48 -11.70 44.81
N SER D 786 46.96 -10.78 45.61
CA SER D 786 46.65 -9.43 45.17
C SER D 786 47.97 -8.69 44.91
N ILE D 787 48.04 -7.99 43.80
CA ILE D 787 49.23 -7.22 43.49
C ILE D 787 49.13 -5.92 44.27
N LEU D 788 48.25 -5.91 45.27
CA LEU D 788 48.07 -4.76 46.16
C LEU D 788 48.71 -5.16 47.47
N GLU D 789 48.92 -6.45 47.60
CA GLU D 789 49.54 -6.99 48.79
C GLU D 789 51.02 -7.17 48.57
N PHE D 790 51.76 -7.09 49.66
CA PHE D 790 53.20 -7.22 49.61
C PHE D 790 53.61 -8.62 50.10
N ASP D 791 54.56 -9.25 49.41
CA ASP D 791 55.05 -10.56 49.82
C ASP D 791 56.57 -10.57 49.76
N SER D 792 57.21 -10.85 50.89
CA SER D 792 58.67 -10.87 50.97
C SER D 792 59.44 -11.63 49.89
N ARG D 793 58.88 -12.73 49.40
CA ARG D 793 59.53 -13.57 48.38
C ARG D 793 59.78 -12.98 46.99
N LEU D 794 59.38 -11.73 46.78
CA LEU D 794 59.59 -11.11 45.49
C LEU D 794 60.58 -9.96 45.66
N HIS D 795 61.68 -10.27 46.34
CA HIS D 795 62.76 -9.32 46.61
C HIS D 795 63.58 -8.95 45.36
N ASP D 796 63.91 -7.67 45.24
CA ASP D 796 64.72 -7.16 44.12
C ASP D 796 64.36 -7.60 42.70
N VAL D 797 63.09 -7.62 42.35
CA VAL D 797 62.70 -7.98 41.00
C VAL D 797 63.43 -6.95 40.18
N ASP D 798 63.77 -7.25 38.93
CA ASP D 798 64.47 -6.24 38.17
C ASP D 798 63.53 -5.62 37.14
N ILE D 799 62.73 -6.46 36.52
CA ILE D 799 61.73 -5.98 35.59
C ILE D 799 60.40 -6.46 36.14
N GLY D 800 59.41 -5.61 36.10
CA GLY D 800 58.09 -6.00 36.59
C GLY D 800 57.16 -5.60 35.48
N THR D 801 56.41 -6.53 34.94
CA THR D 801 55.52 -6.18 33.86
C THR D 801 54.08 -6.32 34.25
N CYS D 802 53.37 -5.21 34.28
CA CYS D 802 51.94 -5.20 34.62
C CYS D 802 51.16 -4.62 33.45
N LEU D 803 50.55 -5.50 32.68
CA LEU D 803 49.84 -5.04 31.50
C LEU D 803 48.36 -5.22 31.66
N GLU D 804 47.59 -4.18 31.44
CA GLU D 804 46.16 -4.36 31.55
C GLU D 804 45.65 -4.87 32.89
N VAL D 805 46.16 -4.32 33.98
CA VAL D 805 45.73 -4.78 35.30
C VAL D 805 45.22 -3.67 36.21
N ILE D 806 45.98 -2.58 36.35
CA ILE D 806 45.58 -1.46 37.23
C ILE D 806 44.15 -1.00 37.10
N GLU D 807 43.52 -1.28 35.97
CA GLU D 807 42.16 -0.84 35.77
C GLU D 807 41.10 -1.84 36.15
N HIS D 808 41.49 -3.06 36.54
CA HIS D 808 40.52 -4.05 36.95
C HIS D 808 40.39 -3.95 38.46
N MET D 809 40.81 -2.79 38.98
CA MET D 809 40.73 -2.50 40.40
C MET D 809 40.38 -1.02 40.55
N GLU D 810 39.69 -0.68 41.62
CA GLU D 810 39.27 0.70 41.83
C GLU D 810 40.41 1.68 41.81
N GLU D 811 40.13 2.82 41.21
CA GLU D 811 41.07 3.93 41.04
C GLU D 811 41.95 4.25 42.25
N ASP D 812 41.46 3.94 43.46
CA ASP D 812 42.21 4.20 44.69
C ASP D 812 43.25 3.12 44.91
N GLN D 813 42.89 1.89 44.59
CA GLN D 813 43.79 0.76 44.71
C GLN D 813 44.88 0.92 43.65
N ALA D 814 44.51 1.43 42.47
CA ALA D 814 45.47 1.63 41.39
C ALA D 814 46.61 2.43 41.97
N CYS D 815 46.27 3.52 42.65
CA CYS D 815 47.29 4.36 43.28
C CYS D 815 48.07 3.52 44.29
N GLU D 816 47.34 2.88 45.19
CA GLU D 816 47.98 2.03 46.19
C GLU D 816 48.96 1.07 45.52
N PHE D 817 48.49 0.39 44.48
CA PHE D 817 49.31 -0.55 43.75
C PHE D 817 50.58 0.13 43.32
N GLY D 818 50.44 1.35 42.83
CA GLY D 818 51.58 2.13 42.39
C GLY D 818 52.54 2.35 43.54
N GLU D 819 52.04 2.96 44.61
CA GLU D 819 52.87 3.21 45.80
C GLU D 819 53.54 1.92 46.27
N LYS D 820 52.74 0.92 46.62
CA LYS D 820 53.29 -0.35 47.09
C LYS D 820 54.34 -0.93 46.17
N VAL D 821 54.11 -0.90 44.87
CA VAL D 821 55.11 -1.43 43.95
C VAL D 821 56.43 -0.72 44.07
N LEU D 822 56.48 0.57 43.75
CA LEU D 822 57.74 1.28 43.81
C LEU D 822 58.53 1.29 45.12
N SER D 823 57.89 1.50 46.27
CA SER D 823 58.69 1.51 47.50
C SER D 823 59.13 0.13 48.00
N LEU D 824 58.21 -0.82 48.01
CA LEU D 824 58.48 -2.19 48.45
C LEU D 824 58.95 -3.13 47.33
N PHE D 825 58.43 -2.96 46.12
CA PHE D 825 58.85 -3.78 44.99
C PHE D 825 59.57 -2.87 44.02
N HIS D 826 60.89 -2.81 44.14
CA HIS D 826 61.65 -1.94 43.25
C HIS D 826 62.65 -2.52 42.32
N PRO D 827 62.10 -2.74 41.18
CA PRO D 827 62.53 -3.25 39.91
C PRO D 827 63.14 -2.00 39.35
N LYS D 828 64.31 -2.19 38.76
CA LYS D 828 65.02 -1.10 38.17
C LYS D 828 64.22 -0.72 36.93
N LEU D 829 63.33 -1.62 36.54
CA LEU D 829 62.50 -1.39 35.39
C LEU D 829 61.10 -1.91 35.64
N LEU D 830 60.10 -1.17 35.17
CA LEU D 830 58.70 -1.55 35.32
C LEU D 830 57.92 -1.13 34.05
N ILE D 831 57.04 -1.99 33.54
CA ILE D 831 56.26 -1.67 32.34
C ILE D 831 54.78 -1.81 32.65
N VAL D 832 54.06 -0.68 32.59
CA VAL D 832 52.64 -0.61 32.88
C VAL D 832 51.84 -0.39 31.63
N SER D 833 50.63 -0.92 31.57
CA SER D 833 49.81 -0.74 30.39
C SER D 833 48.37 -0.43 30.75
N THR D 834 47.69 0.29 29.88
CA THR D 834 46.30 0.67 30.12
C THR D 834 45.62 1.13 28.86
N PRO D 835 44.29 0.90 28.77
CA PRO D 835 43.49 1.30 27.61
C PRO D 835 43.42 2.81 27.54
N ASN D 836 43.68 3.35 26.35
CA ASN D 836 43.61 4.78 26.10
C ASN D 836 42.12 5.08 25.96
N TYR D 837 41.57 5.94 26.82
CA TYR D 837 40.14 6.23 26.73
C TYR D 837 39.76 6.96 25.43
N GLU D 838 40.47 8.02 25.10
CA GLU D 838 40.15 8.76 23.86
C GLU D 838 39.91 7.82 22.68
N PHE D 839 40.73 6.77 22.61
CA PHE D 839 40.69 5.81 21.54
C PHE D 839 39.48 4.91 21.46
N ASN D 840 39.00 4.41 22.60
CA ASN D 840 37.85 3.51 22.56
C ASN D 840 36.57 4.18 22.05
N THR D 841 36.66 5.45 21.67
CA THR D 841 35.49 6.15 21.15
C THR D 841 35.53 6.10 19.62
N ILE D 842 36.63 5.56 19.10
CA ILE D 842 36.84 5.41 17.65
C ILE D 842 36.61 3.95 17.30
N LEU D 843 36.65 3.10 18.32
CA LEU D 843 36.41 1.69 18.12
C LEU D 843 34.91 1.46 18.16
N GLN D 844 34.21 2.27 18.96
CA GLN D 844 32.77 2.16 19.14
C GLN D 844 31.94 2.74 17.99
N ARG D 845 32.57 3.53 17.15
CA ARG D 845 31.88 4.11 16.00
C ARG D 845 32.00 3.09 14.88
N SER D 846 33.14 2.40 14.84
CA SER D 846 33.37 1.37 13.84
C SER D 846 32.46 0.18 14.08
N THR D 847 32.08 -0.03 15.35
CA THR D 847 31.19 -1.13 15.74
C THR D 847 29.76 -0.90 15.30
N LEU D 860 28.40 9.21 25.76
CA LEU D 860 27.94 7.83 25.86
C LEU D 860 28.98 6.76 25.48
N PRO D 861 30.31 7.00 25.70
CA PRO D 861 31.29 5.97 25.34
C PRO D 861 31.50 4.87 26.40
N LYS D 862 31.05 3.65 26.09
CA LYS D 862 31.17 2.48 26.96
C LYS D 862 32.62 2.19 27.34
N PHE D 863 32.87 1.03 27.93
CA PHE D 863 34.23 0.68 28.33
C PHE D 863 34.68 -0.60 27.63
N ARG D 864 35.97 -0.68 27.33
CA ARG D 864 36.53 -1.83 26.65
C ARG D 864 36.10 -3.23 27.19
N ASN D 865 36.02 -3.42 28.50
CA ASN D 865 35.56 -4.71 29.05
C ASN D 865 34.60 -4.43 30.23
N HIS D 866 33.60 -5.28 30.47
CA HIS D 866 32.64 -5.01 31.58
C HIS D 866 33.36 -5.24 32.92
N ASP D 867 34.60 -5.76 32.89
CA ASP D 867 35.36 -5.91 34.14
C ASP D 867 36.60 -4.99 34.17
N HIS D 868 36.29 -3.69 34.02
CA HIS D 868 37.21 -2.54 34.09
C HIS D 868 36.41 -1.62 34.98
N LYS D 869 37.12 -0.83 35.79
CA LYS D 869 36.50 0.12 36.69
C LYS D 869 36.52 1.46 35.99
N PHE D 870 37.71 1.86 35.56
CA PHE D 870 37.90 3.14 34.89
C PHE D 870 38.71 2.92 33.64
N GLU D 871 38.76 3.95 32.79
CA GLU D 871 39.53 3.87 31.56
C GLU D 871 40.10 5.23 31.31
N TRP D 872 41.30 5.41 31.83
CA TRP D 872 41.98 6.68 31.72
C TRP D 872 42.28 7.12 30.31
N THR D 873 42.53 8.42 30.23
CA THR D 873 42.85 9.15 29.01
C THR D 873 44.34 9.40 28.94
N ARG D 874 44.86 9.76 27.75
CA ARG D 874 46.30 10.03 27.57
C ARG D 874 46.87 10.87 28.71
N GLU D 875 46.18 11.97 29.02
CA GLU D 875 46.65 12.87 30.05
C GLU D 875 46.43 12.37 31.49
N GLN D 876 45.25 11.82 31.78
CA GLN D 876 45.00 11.30 33.12
C GLN D 876 46.05 10.29 33.49
N PHE D 877 46.24 9.34 32.57
CA PHE D 877 47.19 8.27 32.76
C PHE D 877 48.62 8.80 32.84
N ASN D 878 48.97 9.70 31.93
CA ASN D 878 50.31 10.25 31.93
C ASN D 878 50.59 11.05 33.21
N GLN D 879 49.58 11.81 33.67
CA GLN D 879 49.70 12.59 34.88
C GLN D 879 49.91 11.68 36.06
N TRP D 880 49.06 10.67 36.13
CA TRP D 880 49.13 9.69 37.20
C TRP D 880 50.56 9.12 37.27
N ALA D 881 51.06 8.54 36.16
CA ALA D 881 52.41 7.95 36.14
C ALA D 881 53.52 8.93 36.55
N SER D 882 53.44 10.15 36.03
CA SER D 882 54.41 11.20 36.30
C SER D 882 54.53 11.52 37.78
N LYS D 883 53.41 11.80 38.40
CA LYS D 883 53.35 12.19 39.81
C LYS D 883 53.90 11.14 40.77
N LEU D 884 53.80 9.89 40.35
CA LEU D 884 54.25 8.71 41.07
C LEU D 884 55.75 8.52 40.78
N GLY D 885 56.14 8.81 39.54
CA GLY D 885 57.52 8.71 39.13
C GLY D 885 58.30 9.84 39.78
N LYS D 886 57.64 10.98 40.03
CA LYS D 886 58.40 12.05 40.64
C LYS D 886 58.51 11.84 42.13
N ARG D 887 57.48 11.26 42.72
CA ARG D 887 57.52 10.99 44.15
C ARG D 887 58.66 10.04 44.45
N HIS D 888 58.80 9.01 43.63
CA HIS D 888 59.86 8.05 43.87
C HIS D 888 60.98 8.28 42.89
N ASN D 889 62.12 7.63 43.11
CA ASN D 889 63.26 7.81 42.25
C ASN D 889 63.14 7.21 40.85
N TYR D 890 61.99 7.38 40.21
CA TYR D 890 61.82 6.83 38.88
C TYR D 890 61.44 7.86 37.81
N SER D 891 62.01 7.64 36.63
CA SER D 891 61.82 8.47 35.45
C SER D 891 60.72 7.84 34.64
N VAL D 892 59.87 8.63 34.00
CA VAL D 892 58.80 8.03 33.22
C VAL D 892 58.76 8.32 31.73
N GLU D 893 59.06 7.28 30.96
CA GLU D 893 59.08 7.33 29.49
C GLU D 893 57.77 6.76 28.92
N PHE D 894 56.87 7.62 28.47
CA PHE D 894 55.60 7.13 27.94
C PHE D 894 55.62 6.88 26.46
N SER D 895 54.71 6.01 26.06
CA SER D 895 54.40 5.62 24.69
C SER D 895 53.31 4.56 24.78
N GLY D 896 52.84 4.09 23.63
CA GLY D 896 51.78 3.11 23.62
C GLY D 896 51.72 2.24 22.37
N VAL D 897 50.76 1.32 22.34
CA VAL D 897 50.62 0.40 21.22
C VAL D 897 49.29 0.49 20.49
N GLY D 898 49.34 0.22 19.19
CA GLY D 898 48.15 0.26 18.36
C GLY D 898 47.77 1.67 18.00
N GLY D 899 48.36 2.19 16.92
CA GLY D 899 48.06 3.55 16.49
C GLY D 899 49.31 4.40 16.34
N SER D 900 49.18 5.71 16.58
CA SER D 900 50.32 6.61 16.48
C SER D 900 50.25 7.65 17.61
N GLY D 901 51.41 7.95 18.20
CA GLY D 901 51.46 8.92 19.29
C GLY D 901 51.16 10.32 18.76
N GLU D 902 51.03 10.42 17.44
CA GLU D 902 50.75 11.67 16.78
C GLU D 902 49.27 11.83 16.38
N VAL D 903 48.69 10.84 15.70
CA VAL D 903 47.29 10.94 15.25
C VAL D 903 46.34 11.47 16.32
N GLU D 904 45.17 11.92 15.89
CA GLU D 904 44.17 12.48 16.79
C GLU D 904 43.97 11.73 18.09
N PRO D 905 43.73 10.41 18.03
CA PRO D 905 43.52 9.63 19.25
C PRO D 905 44.77 9.47 20.11
N GLY D 906 45.81 8.94 19.47
CA GLY D 906 47.06 8.67 20.14
C GLY D 906 47.24 7.20 19.91
N PHE D 907 47.43 6.46 20.99
CA PHE D 907 47.62 5.01 20.95
C PHE D 907 46.40 4.28 21.51
N ALA D 908 46.35 2.97 21.30
CA ALA D 908 45.23 2.15 21.78
C ALA D 908 45.46 1.82 23.25
N SER D 909 46.69 1.40 23.56
CA SER D 909 47.10 1.07 24.90
C SER D 909 48.33 1.88 25.25
N GLN D 910 48.09 2.96 26.00
CA GLN D 910 49.14 3.87 26.44
C GLN D 910 49.93 3.19 27.53
N ILE D 911 51.26 3.28 27.48
CA ILE D 911 52.06 2.62 28.51
C ILE D 911 53.23 3.43 29.11
N ALA D 912 53.27 3.50 30.44
CA ALA D 912 54.34 4.24 31.09
C ALA D 912 55.45 3.31 31.54
N ILE D 913 56.68 3.57 31.10
CA ILE D 913 57.82 2.75 31.49
C ILE D 913 58.57 3.46 32.63
N PHE D 914 59.12 2.70 33.58
CA PHE D 914 59.84 3.28 34.72
C PHE D 914 61.26 2.75 34.89
N ARG D 915 62.21 3.64 35.19
CA ARG D 915 63.59 3.24 35.42
C ARG D 915 64.08 3.91 36.70
N ARG D 916 64.61 3.09 37.59
CA ARG D 916 65.10 3.55 38.88
C ARG D 916 66.33 4.44 38.76
N GLU D 917 66.66 5.13 39.86
CA GLU D 917 67.80 6.03 39.93
C GLU D 917 68.66 5.67 41.15
N GLU D 926 61.96 -3.16 55.08
CA GLU D 926 62.36 -4.51 54.66
C GLU D 926 62.14 -5.52 55.78
N SER D 927 61.29 -6.48 55.49
CA SER D 927 60.97 -7.52 56.44
C SER D 927 60.37 -8.67 55.62
N SER D 928 59.68 -9.60 56.29
CA SER D 928 59.11 -10.77 55.63
C SER D 928 57.66 -11.10 56.01
N MET D 929 56.77 -11.17 55.02
CA MET D 929 55.38 -11.53 55.29
C MET D 929 54.79 -12.06 53.99
N GLN D 930 54.47 -13.34 53.98
CA GLN D 930 53.96 -13.97 52.77
C GLN D 930 52.46 -14.27 52.67
N PRO D 931 51.72 -13.47 51.90
CA PRO D 931 50.29 -13.72 51.77
C PRO D 931 50.00 -14.65 50.61
N TYR D 932 50.91 -14.66 49.64
CA TYR D 932 50.75 -15.49 48.45
C TYR D 932 50.93 -16.97 48.72
N LYS D 933 50.31 -17.77 47.86
CA LYS D 933 50.37 -19.22 47.95
C LYS D 933 51.03 -19.73 46.68
N VAL D 934 52.25 -20.24 46.80
CA VAL D 934 52.92 -20.79 45.63
C VAL D 934 51.93 -21.82 45.10
N ILE D 935 51.58 -21.71 43.83
CA ILE D 935 50.63 -22.59 43.22
C ILE D 935 51.27 -23.65 42.38
N TRP D 936 52.31 -23.26 41.66
CA TRP D 936 53.10 -24.17 40.86
C TRP D 936 54.49 -23.62 40.95
N GLU D 937 55.45 -24.50 41.24
CA GLU D 937 56.83 -24.09 41.37
C GLU D 937 57.71 -25.07 40.60
N TRP D 938 58.77 -24.52 40.02
CA TRP D 938 59.66 -25.32 39.23
C TRP D 938 61.10 -24.86 39.11
N LYS D 939 62.00 -25.63 39.70
CA LYS D 939 63.44 -25.37 39.64
C LYS D 939 64.10 -26.46 38.79
N LYS D 940 65.13 -26.08 38.03
CA LYS D 940 65.83 -27.05 37.21
C LYS D 940 67.04 -27.64 37.96
N GLU D 941 66.94 -28.93 38.29
CA GLU D 941 68.02 -29.64 38.98
C GLU D 941 68.47 -30.86 38.20
MG MG G . -25.73 60.29 -37.96
N SAH H . -33.59 60.40 -37.33
CA SAH H . -33.30 58.93 -37.18
CB SAH H . -31.80 58.66 -37.43
CG SAH H . -31.52 57.43 -38.29
SD SAH H . -29.76 57.13 -38.60
C SAH H . -33.69 58.42 -35.76
O SAH H . -34.28 57.28 -35.66
OXT SAH H . -33.41 59.18 -34.77
C5' SAH H . -29.63 57.40 -40.38
C4' SAH H . -30.58 56.58 -41.22
O4' SAH H . -30.37 56.97 -42.58
C3' SAH H . -30.38 55.05 -41.23
O3' SAH H . -31.53 54.35 -40.72
C2' SAH H . -30.10 54.72 -42.70
O2' SAH H . -30.64 53.48 -43.12
C1' SAH H . -30.71 55.93 -43.43
N9 SAH H . -30.14 56.28 -44.75
C8 SAH H . -28.81 56.55 -45.10
N7 SAH H . -28.62 56.84 -46.37
C5 SAH H . -29.88 56.75 -46.91
C6 SAH H . -30.35 56.97 -48.21
N6 SAH H . -29.55 57.27 -49.22
N1 SAH H . -31.71 56.82 -48.44
C2 SAH H . -32.52 56.50 -47.38
N3 SAH H . -32.18 56.29 -46.09
C4 SAH H . -30.84 56.45 -45.92
MG MG I . 41.87 -4.28 31.16
N SAH J . 48.98 -8.64 31.37
CA SAH J . 47.93 -9.69 31.21
CB SAH J . 46.55 -9.11 31.52
CG SAH J . 45.67 -10.03 32.38
SD SAH J . 44.04 -9.35 32.74
C SAH J . 47.95 -10.26 29.77
O SAH J . 48.04 -11.52 29.64
OXT SAH J . 47.87 -9.44 28.78
C5' SAH J . 44.22 -8.80 34.43
C4' SAH J . 44.48 -9.89 35.45
O4' SAH J . 44.61 -9.19 36.70
C3' SAH J . 43.33 -10.89 35.69
O3' SAH J . 43.79 -12.22 35.50
C2' SAH J . 42.88 -10.62 37.13
O2' SAH J . 42.47 -11.76 37.85
C1' SAH J . 44.10 -9.96 37.75
N9 SAH J . 43.82 -9.04 38.84
C8 SAH J . 42.83 -8.06 38.95
N7 SAH J . 42.86 -7.40 40.08
C5 SAH J . 43.94 -7.97 40.77
C6 SAH J . 44.54 -7.70 42.04
N6 SAH J . 44.08 -6.78 42.90
N1 SAH J . 45.63 -8.48 42.40
C2 SAH J . 46.11 -9.42 41.54
N3 SAH J . 45.63 -9.74 40.31
C4 SAH J . 44.55 -8.96 39.99
#